data_4OOJ
#
_entry.id   4OOJ
#
_cell.length_a   119.055
_cell.length_b   119.055
_cell.length_c   201.700
_cell.angle_alpha   90.00
_cell.angle_beta   90.00
_cell.angle_gamma   120.00
#
_symmetry.space_group_name_H-M   'P 32'
#
loop_
_entity.id
_entity.type
_entity.pdbx_description
1 polymer 'SidC, interaptin'
2 non-polymer 'MAGNESIUM ION'
3 non-polymer DI(HYDROXYETHYL)ETHER
4 water water
#
_entity_poly.entity_id   1
_entity_poly.type   'polypeptide(L)'
_entity_poly.pdbx_seq_one_letter_code
;GPMVINMVDVIKFKEPERCDYLYVDENNKVHILLPIVGGDEIGLDNTCQTAVELITFFYGSAHSGVTKYSAEHQLSEYKR
QLEEDIKAINSQKKISPHAYDDLLKEKIERLQQIEKYIELIQVLKKQYDEQNDIRQLRTGGIPQLPSGVKEIIKSSENAF
AVRLSPYDNDKFTRFDDPLFNVKRNISKYDTPSRQAPIPIYEGLGYRLRSTLFPEDKTPTPINKKSLRDKVKSTVLSHYK
DEDRIDGEKKDEKLNELITNLQNELVKELVKSDPQYSKLSLSKDPRGKEINYDYLVNSLMLVDNDSEIGDWIDTILDATV
DSTVWVAQASSPFYDGAKEISSDRDADKISIRVQYLLAEANIYCKTNKLSDANFGEFFDKEPHATEIAKRVKEGFTQGAD
IEPIIYDYINSNHAELGLKSPLTGKQQQEITDKFTKHYNTIKESPHFDEFFVADPDKKGNIFSHQGRISCHFLDFFTRQT
KGKHPLGDLASHQEALQEGTSNRLHHKNEVVAQGYEKLDQFKKEVVKLLAENKPKELLDYLVATSPTGVPNYSMLSKETQ
NYIAYNRNWPAIQKELEKATSIPESQKQDLSRLLSRDNLQHDNLSAITWSK
;
_entity_poly.pdbx_strand_id   A,B,C,D
#
loop_
_chem_comp.id
_chem_comp.type
_chem_comp.name
_chem_comp.formula
MG non-polymer 'MAGNESIUM ION' 'Mg 2'
PEG non-polymer DI(HYDROXYETHYL)ETHER 'C4 H10 O3'
#
# COMPACT_ATOMS: atom_id res chain seq x y z
N VAL A 8 64.06 -16.23 9.08
CA VAL A 8 63.30 -14.95 9.06
C VAL A 8 61.97 -15.00 9.87
N ASP A 9 61.97 -14.35 11.06
CA ASP A 9 60.89 -14.41 12.07
C ASP A 9 59.63 -13.65 11.65
N VAL A 10 59.02 -14.15 10.61
CA VAL A 10 57.77 -13.62 10.14
C VAL A 10 56.85 -14.76 9.79
N ILE A 11 55.61 -14.63 10.23
CA ILE A 11 54.57 -15.53 9.88
C ILE A 11 54.03 -15.05 8.54
N LYS A 12 54.03 -15.93 7.54
CA LYS A 12 53.37 -15.73 6.22
C LYS A 12 52.08 -16.54 6.20
N PHE A 13 50.94 -15.86 6.36
CA PHE A 13 49.65 -16.51 6.34
C PHE A 13 49.41 -16.96 4.92
N LYS A 14 48.99 -18.22 4.79
CA LYS A 14 48.75 -18.86 3.50
C LYS A 14 47.29 -18.96 3.07
N GLU A 15 46.31 -18.90 3.98
CA GLU A 15 44.92 -19.15 3.61
C GLU A 15 44.50 -18.13 2.61
N PRO A 16 44.10 -18.57 1.41
CA PRO A 16 43.69 -17.60 0.40
C PRO A 16 42.27 -17.13 0.60
N GLU A 17 41.95 -16.03 -0.02
CA GLU A 17 40.66 -15.49 0.18
C GLU A 17 39.67 -16.06 -0.82
N ARG A 18 40.16 -16.91 -1.72
CA ARG A 18 39.34 -17.49 -2.75
C ARG A 18 39.83 -18.91 -3.00
N CYS A 19 38.94 -19.86 -3.18
CA CYS A 19 39.24 -21.21 -3.56
C CYS A 19 38.09 -21.76 -4.47
N ASP A 20 38.44 -22.47 -5.52
CA ASP A 20 37.42 -23.05 -6.35
C ASP A 20 36.36 -23.85 -5.54
N TYR A 21 35.09 -23.55 -5.79
CA TYR A 21 33.95 -24.29 -5.25
C TYR A 21 33.57 -23.96 -3.85
N LEU A 22 34.30 -23.07 -3.22
CA LEU A 22 34.17 -22.75 -1.81
C LEU A 22 33.65 -21.35 -1.54
N TYR A 23 32.52 -21.30 -0.86
CA TYR A 23 31.90 -20.10 -0.37
C TYR A 23 31.83 -20.21 1.14
N VAL A 24 32.37 -19.21 1.81
CA VAL A 24 32.28 -19.08 3.27
C VAL A 24 31.34 -17.96 3.62
N ASP A 25 30.26 -18.24 4.35
CA ASP A 25 29.30 -17.17 4.63
C ASP A 25 29.71 -16.30 5.82
N GLU A 26 28.99 -15.22 6.09
CA GLU A 26 29.30 -14.29 7.18
C GLU A 26 29.40 -14.97 8.53
N ASN A 27 28.61 -16.02 8.73
CA ASN A 27 28.74 -16.74 9.98
C ASN A 27 29.90 -17.75 9.96
N ASN A 28 30.85 -17.61 9.02
CA ASN A 28 31.95 -18.58 8.86
C ASN A 28 31.54 -20.03 8.58
N LYS A 29 30.35 -20.24 8.01
CA LYS A 29 29.97 -21.58 7.57
C LYS A 29 30.52 -21.79 6.19
N VAL A 30 31.09 -22.96 6.00
CA VAL A 30 31.71 -23.26 4.77
C VAL A 30 30.70 -24.03 3.91
N HIS A 31 30.56 -23.60 2.65
CA HIS A 31 29.65 -24.25 1.67
C HIS A 31 30.43 -24.65 0.40
N ILE A 32 30.23 -25.89 -0.04
CA ILE A 32 30.82 -26.31 -1.29
C ILE A 32 29.72 -26.31 -2.34
N LEU A 33 29.99 -25.67 -3.48
CA LEU A 33 29.03 -25.55 -4.56
C LEU A 33 29.42 -26.53 -5.65
N LEU A 34 28.57 -27.52 -5.84
CA LEU A 34 28.71 -28.45 -6.97
C LEU A 34 28.22 -27.78 -8.24
N PRO A 35 29.07 -27.68 -9.25
CA PRO A 35 28.73 -27.02 -10.49
C PRO A 35 27.95 -27.92 -11.43
N ILE A 36 27.00 -27.34 -12.13
CA ILE A 36 26.19 -28.06 -13.08
C ILE A 36 26.76 -27.79 -14.46
N VAL A 37 26.85 -26.52 -14.83
CA VAL A 37 27.49 -26.06 -16.03
C VAL A 37 28.19 -24.70 -15.78
N GLY A 38 29.01 -24.29 -16.72
CA GLY A 38 29.71 -23.00 -16.60
C GLY A 38 28.78 -21.92 -17.01
N GLY A 39 28.92 -20.77 -16.36
CA GLY A 39 28.17 -19.53 -16.68
C GLY A 39 27.70 -18.78 -15.45
N ASP A 40 27.00 -17.66 -15.64
CA ASP A 40 26.39 -16.86 -14.58
C ASP A 40 24.90 -17.12 -14.49
N GLU A 41 24.12 -16.58 -15.41
CA GLU A 41 22.70 -16.92 -15.54
C GLU A 41 22.41 -17.98 -16.60
N ILE A 42 23.00 -17.88 -17.79
CA ILE A 42 22.80 -18.88 -18.82
C ILE A 42 24.01 -19.76 -18.96
N GLY A 43 23.76 -21.03 -19.08
CA GLY A 43 24.86 -21.97 -19.20
C GLY A 43 25.55 -21.96 -20.55
N LEU A 44 26.84 -22.01 -20.55
CA LEU A 44 27.69 -21.96 -21.73
C LEU A 44 27.98 -23.33 -22.30
N ASP A 45 27.89 -24.34 -21.43
CA ASP A 45 28.06 -25.74 -21.83
C ASP A 45 26.66 -26.28 -22.13
N ASN A 46 26.57 -27.11 -23.15
CA ASN A 46 25.36 -27.85 -23.48
C ASN A 46 25.67 -29.13 -24.22
N THR A 47 24.64 -29.87 -24.55
CA THR A 47 24.78 -31.10 -25.32
C THR A 47 25.97 -31.92 -24.81
N CYS A 48 26.92 -32.32 -25.67
CA CYS A 48 27.99 -33.25 -25.24
C CYS A 48 28.92 -32.76 -24.12
N GLN A 49 29.04 -31.46 -23.98
CA GLN A 49 29.95 -30.86 -23.04
C GLN A 49 29.29 -30.54 -21.70
N THR A 50 28.03 -30.92 -21.53
CA THR A 50 27.27 -30.52 -20.36
C THR A 50 28.00 -30.97 -19.15
N ALA A 51 28.57 -32.17 -19.23
CA ALA A 51 29.20 -32.80 -18.05
C ALA A 51 30.54 -32.22 -17.62
N VAL A 52 31.09 -31.26 -18.33
CA VAL A 52 32.50 -30.91 -18.20
C VAL A 52 32.85 -30.43 -16.78
N GLU A 53 32.05 -29.53 -16.27
CA GLU A 53 32.23 -29.03 -14.93
C GLU A 53 32.25 -30.16 -13.90
N LEU A 54 31.35 -31.11 -14.03
CA LEU A 54 31.29 -32.20 -13.08
C LEU A 54 32.53 -33.13 -13.20
N ILE A 55 32.94 -33.43 -14.41
CA ILE A 55 34.19 -34.14 -14.62
C ILE A 55 35.28 -33.43 -13.83
N THR A 56 35.40 -32.10 -13.96
CA THR A 56 36.52 -31.42 -13.34
C THR A 56 36.36 -31.48 -11.83
N PHE A 57 35.15 -31.21 -11.34
CA PHE A 57 34.91 -31.26 -9.91
C PHE A 57 35.35 -32.58 -9.27
N PHE A 58 34.90 -33.70 -9.82
CA PHE A 58 35.18 -35.00 -9.22
C PHE A 58 36.54 -35.59 -9.59
N TYR A 59 37.09 -35.21 -10.76
CA TYR A 59 38.32 -35.84 -11.27
C TYR A 59 39.44 -34.91 -11.75
N GLY A 60 39.25 -33.60 -11.77
CA GLY A 60 40.24 -32.70 -12.36
C GLY A 60 40.16 -32.90 -13.86
N SER A 61 40.82 -32.04 -14.63
CA SER A 61 40.86 -32.14 -16.08
C SER A 61 41.84 -31.15 -16.70
N ALA A 62 42.21 -31.41 -17.93
CA ALA A 62 43.13 -30.51 -18.67
C ALA A 62 42.32 -29.63 -19.60
N HIS A 63 42.34 -28.32 -19.32
CA HIS A 63 41.68 -27.34 -20.21
C HIS A 63 42.64 -26.40 -20.89
N SER A 64 42.62 -26.47 -22.23
CA SER A 64 43.60 -25.75 -23.04
C SER A 64 45.00 -26.02 -22.49
N GLY A 65 45.36 -27.31 -22.33
CA GLY A 65 46.71 -27.74 -21.82
C GLY A 65 47.18 -27.11 -20.49
N VAL A 66 46.23 -26.55 -19.72
CA VAL A 66 46.45 -26.05 -18.34
C VAL A 66 45.60 -26.92 -17.38
N THR A 67 46.26 -27.57 -16.42
CA THR A 67 45.59 -28.55 -15.58
C THR A 67 44.63 -27.92 -14.57
N LYS A 68 43.42 -28.44 -14.47
CA LYS A 68 42.46 -28.02 -13.46
C LYS A 68 42.26 -29.18 -12.48
N TYR A 69 42.39 -28.92 -11.19
CA TYR A 69 42.37 -29.95 -10.18
C TYR A 69 41.00 -30.17 -9.63
N SER A 70 40.76 -31.37 -9.13
CA SER A 70 39.49 -31.72 -8.55
C SER A 70 39.12 -30.90 -7.32
N ALA A 71 37.85 -30.93 -6.92
CA ALA A 71 37.46 -30.31 -5.67
C ALA A 71 38.29 -30.91 -4.50
N GLU A 72 38.46 -32.20 -4.49
CA GLU A 72 39.17 -32.86 -3.39
C GLU A 72 40.62 -32.39 -3.34
N HIS A 73 41.27 -32.32 -4.47
CA HIS A 73 42.63 -31.89 -4.50
C HIS A 73 42.69 -30.48 -3.91
N GLN A 74 41.86 -29.58 -4.43
CA GLN A 74 41.88 -28.18 -4.05
C GLN A 74 41.51 -27.94 -2.56
N LEU A 75 40.59 -28.74 -2.03
CA LEU A 75 40.19 -28.60 -0.70
C LEU A 75 41.31 -29.07 0.22
N SER A 76 41.97 -30.17 -0.16
CA SER A 76 43.14 -30.68 0.59
C SER A 76 44.28 -29.65 0.65
N GLU A 77 44.53 -29.00 -0.45
CA GLU A 77 45.51 -27.93 -0.45
C GLU A 77 45.06 -26.79 0.51
N TYR A 78 43.81 -26.37 0.43
CA TYR A 78 43.32 -25.31 1.33
C TYR A 78 43.44 -25.74 2.81
N LYS A 79 43.21 -27.02 3.07
CA LYS A 79 43.35 -27.58 4.42
C LYS A 79 44.76 -27.46 4.94
N ARG A 80 45.70 -27.87 4.12
CA ARG A 80 47.14 -27.75 4.38
C ARG A 80 47.49 -26.29 4.78
N GLN A 81 46.93 -25.32 4.07
CA GLN A 81 47.25 -23.90 4.26
C GLN A 81 46.68 -23.46 5.57
N LEU A 82 45.47 -23.89 5.87
CA LEU A 82 44.85 -23.58 7.16
C LEU A 82 45.68 -24.14 8.31
N GLU A 83 46.14 -25.37 8.18
CA GLU A 83 47.04 -25.99 9.18
C GLU A 83 48.39 -25.28 9.38
N GLU A 84 49.03 -24.84 8.31
CA GLU A 84 50.22 -23.96 8.41
C GLU A 84 49.94 -22.66 9.16
N ASP A 85 48.86 -21.99 8.81
CA ASP A 85 48.37 -20.82 9.51
C ASP A 85 48.11 -21.06 11.00
N ILE A 86 47.41 -22.15 11.35
CA ILE A 86 47.13 -22.50 12.71
C ILE A 86 48.38 -22.81 13.47
N LYS A 87 49.28 -23.57 12.85
CA LYS A 87 50.53 -23.92 13.51
C LYS A 87 51.33 -22.64 13.73
N ALA A 88 51.35 -21.72 12.76
CA ALA A 88 52.06 -20.45 12.93
C ALA A 88 51.44 -19.62 14.06
N ILE A 89 50.12 -19.60 14.16
CA ILE A 89 49.53 -18.79 15.21
C ILE A 89 49.93 -19.36 16.57
N ASN A 90 49.79 -20.68 16.70
CA ASN A 90 50.17 -21.40 17.92
C ASN A 90 51.56 -21.21 18.40
N SER A 91 52.48 -21.05 17.46
CA SER A 91 53.88 -20.77 17.81
C SER A 91 54.02 -19.46 18.59
N GLN A 92 53.02 -18.61 18.60
CA GLN A 92 53.11 -17.34 19.31
C GLN A 92 52.57 -17.45 20.71
N LYS A 93 51.89 -18.55 20.99
CA LYS A 93 51.22 -18.69 22.25
C LYS A 93 52.21 -18.72 23.44
N LYS A 94 53.43 -19.14 23.26
CA LYS A 94 54.41 -19.12 24.35
C LYS A 94 54.85 -17.68 24.64
N ILE A 95 54.45 -16.74 23.79
CA ILE A 95 54.86 -15.37 23.98
C ILE A 95 53.61 -14.64 24.42
N SER A 96 52.51 -14.86 23.73
CA SER A 96 51.27 -14.22 24.11
C SER A 96 50.13 -15.24 24.17
N PRO A 97 49.65 -15.56 25.36
CA PRO A 97 48.71 -16.65 25.50
C PRO A 97 47.48 -16.46 24.64
N HIS A 98 47.06 -15.21 24.47
CA HIS A 98 45.91 -14.92 23.66
C HIS A 98 46.14 -14.51 22.17
N ALA A 99 47.35 -14.78 21.65
CA ALA A 99 47.69 -14.29 20.32
C ALA A 99 46.67 -14.75 19.32
N TYR A 100 46.07 -13.82 18.61
CA TYR A 100 45.19 -14.07 17.45
C TYR A 100 43.97 -14.98 17.73
N ASP A 101 43.45 -14.92 18.95
CA ASP A 101 42.36 -15.81 19.41
C ASP A 101 41.12 -15.89 18.45
N ASP A 102 40.70 -14.77 17.89
CA ASP A 102 39.58 -14.78 16.98
C ASP A 102 39.99 -15.34 15.62
N LEU A 103 41.11 -14.89 15.09
CA LEU A 103 41.52 -15.39 13.82
C LEU A 103 41.79 -16.92 13.94
N LEU A 104 42.43 -17.35 15.04
CA LEU A 104 42.70 -18.78 15.26
C LEU A 104 41.40 -19.62 15.22
N LYS A 105 40.40 -19.19 15.97
CA LYS A 105 39.17 -19.93 16.07
C LYS A 105 38.44 -19.99 14.73
N GLU A 106 38.42 -18.89 14.02
CA GLU A 106 37.77 -18.87 12.76
C GLU A 106 38.45 -19.84 11.78
N LYS A 107 39.78 -19.80 11.74
CA LYS A 107 40.54 -20.78 10.96
C LYS A 107 40.28 -22.21 11.34
N ILE A 108 40.21 -22.52 12.61
CA ILE A 108 39.94 -23.90 13.07
C ILE A 108 38.48 -24.32 12.69
N GLU A 109 37.54 -23.43 12.92
CA GLU A 109 36.19 -23.62 12.41
C GLU A 109 36.15 -23.96 10.92
N ARG A 110 36.91 -23.25 10.07
CA ARG A 110 36.87 -23.59 8.67
C ARG A 110 37.54 -24.89 8.39
N LEU A 111 38.65 -25.16 9.07
CA LEU A 111 39.41 -26.40 8.85
C LEU A 111 38.56 -27.62 9.14
N GLN A 112 37.77 -27.56 10.19
CA GLN A 112 37.01 -28.73 10.60
C GLN A 112 35.90 -29.01 9.61
N GLN A 113 35.33 -27.94 9.04
CA GLN A 113 34.26 -28.09 8.05
C GLN A 113 34.79 -28.65 6.72
N ILE A 114 35.97 -28.15 6.32
CA ILE A 114 36.58 -28.54 5.07
C ILE A 114 37.00 -30.02 5.05
N GLU A 115 37.48 -30.51 6.20
CA GLU A 115 37.90 -31.92 6.39
C GLU A 115 36.72 -32.82 6.21
N LYS A 116 35.62 -32.42 6.82
CA LYS A 116 34.35 -33.10 6.69
C LYS A 116 33.82 -33.17 5.25
N TYR A 117 33.86 -32.05 4.53
CA TYR A 117 33.55 -32.08 3.13
C TYR A 117 34.53 -32.95 2.37
N ILE A 118 35.82 -32.98 2.76
CA ILE A 118 36.74 -33.86 2.04
C ILE A 118 36.32 -35.30 2.29
N GLU A 119 36.03 -35.63 3.52
CA GLU A 119 35.54 -36.95 3.83
C GLU A 119 34.27 -37.30 3.02
N LEU A 120 33.35 -36.35 2.86
CA LEU A 120 32.06 -36.67 2.21
C LEU A 120 32.23 -37.01 0.71
N ILE A 121 33.10 -36.30 0.03
CA ILE A 121 33.40 -36.52 -1.37
C ILE A 121 34.04 -37.87 -1.55
N GLN A 122 34.83 -38.26 -0.56
CA GLN A 122 35.57 -39.53 -0.60
C GLN A 122 34.62 -40.70 -0.45
N VAL A 123 33.77 -40.60 0.55
CA VAL A 123 32.80 -41.68 0.79
C VAL A 123 31.72 -41.76 -0.28
N LEU A 124 31.35 -40.63 -0.85
CA LEU A 124 30.47 -40.66 -2.01
C LEU A 124 31.10 -41.49 -3.15
N LYS A 125 32.33 -41.17 -3.57
CA LYS A 125 32.95 -41.97 -4.66
C LYS A 125 33.25 -43.45 -4.32
N LYS A 126 33.62 -43.72 -3.06
CA LYS A 126 34.01 -45.07 -2.61
C LYS A 126 32.82 -45.95 -2.26
N GLN A 127 31.81 -45.41 -1.60
CA GLN A 127 30.72 -46.20 -1.07
C GLN A 127 29.36 -46.07 -1.76
N TYR A 128 29.11 -44.96 -2.43
CA TYR A 128 27.77 -44.59 -2.83
C TYR A 128 27.68 -44.31 -4.35
N ASP A 129 28.55 -44.95 -5.11
CA ASP A 129 28.53 -44.94 -6.55
C ASP A 129 28.46 -46.36 -7.12
N GLU A 130 27.60 -47.21 -6.58
CA GLU A 130 27.54 -48.61 -7.06
C GLU A 130 26.85 -48.70 -8.42
N GLN A 131 26.03 -47.69 -8.76
CA GLN A 131 25.45 -47.54 -10.09
C GLN A 131 26.39 -46.86 -11.11
N ASN A 132 27.60 -46.50 -10.66
CA ASN A 132 28.59 -45.82 -11.50
C ASN A 132 28.11 -44.46 -12.04
N ASP A 133 27.20 -43.86 -11.31
CA ASP A 133 26.64 -42.64 -11.75
C ASP A 133 27.65 -41.46 -11.76
N ILE A 134 28.65 -41.51 -10.89
CA ILE A 134 29.67 -40.46 -10.88
C ILE A 134 30.82 -40.94 -11.73
N ARG A 135 31.16 -42.23 -11.58
CA ARG A 135 32.28 -42.80 -12.34
C ARG A 135 32.15 -42.59 -13.87
N GLN A 136 30.94 -42.70 -14.32
CA GLN A 136 30.57 -42.57 -15.70
C GLN A 136 31.04 -41.25 -16.30
N LEU A 137 31.13 -40.23 -15.48
CA LEU A 137 31.68 -38.96 -15.90
C LEU A 137 33.00 -39.20 -16.57
N ARG A 138 33.80 -40.10 -15.99
CA ARG A 138 35.16 -40.38 -16.45
C ARG A 138 35.20 -41.43 -17.51
N THR A 139 34.32 -42.41 -17.49
CA THR A 139 34.43 -43.49 -18.46
C THR A 139 33.44 -43.38 -19.62
N GLY A 140 32.35 -42.65 -19.40
CA GLY A 140 31.24 -42.65 -20.30
C GLY A 140 31.65 -42.02 -21.61
N GLY A 141 31.14 -42.54 -22.72
CA GLY A 141 31.50 -42.00 -23.99
C GLY A 141 31.10 -40.54 -23.97
N ILE A 142 29.80 -40.30 -23.92
CA ILE A 142 29.36 -38.91 -23.71
C ILE A 142 28.63 -38.88 -22.40
N PRO A 143 29.28 -38.41 -21.37
CA PRO A 143 28.67 -38.57 -20.11
C PRO A 143 27.37 -37.80 -19.96
N GLN A 144 26.74 -38.13 -18.85
CA GLN A 144 25.39 -37.79 -18.51
C GLN A 144 25.50 -37.02 -17.16
N LEU A 145 24.48 -36.25 -16.79
CA LEU A 145 24.46 -35.68 -15.46
C LEU A 145 24.14 -36.80 -14.49
N PRO A 146 24.83 -36.91 -13.34
CA PRO A 146 24.38 -37.84 -12.34
C PRO A 146 22.99 -37.52 -11.95
N SER A 147 22.21 -38.55 -11.61
CA SER A 147 20.79 -38.40 -11.26
C SER A 147 20.51 -37.47 -10.12
N GLY A 148 21.40 -37.41 -9.17
CA GLY A 148 21.21 -36.50 -8.05
C GLY A 148 21.10 -35.10 -8.57
N VAL A 149 21.95 -34.75 -9.54
CA VAL A 149 21.87 -33.43 -10.18
C VAL A 149 20.63 -33.31 -11.05
N LYS A 150 20.23 -34.36 -11.74
CA LYS A 150 18.98 -34.31 -12.51
C LYS A 150 17.75 -34.04 -11.64
N GLU A 151 17.76 -34.53 -10.40
CA GLU A 151 16.67 -34.37 -9.46
C GLU A 151 16.59 -32.96 -8.88
N ILE A 152 17.76 -32.40 -8.58
CA ILE A 152 17.90 -31.01 -8.15
C ILE A 152 17.33 -30.12 -9.23
N ILE A 153 17.69 -30.45 -10.49
CA ILE A 153 17.21 -29.65 -11.60
C ILE A 153 15.69 -29.71 -11.69
N LYS A 154 15.16 -30.93 -11.70
CA LYS A 154 13.75 -31.21 -11.77
C LYS A 154 12.98 -30.44 -10.70
N SER A 155 13.54 -30.29 -9.50
CA SER A 155 12.82 -29.60 -8.41
C SER A 155 13.12 -28.13 -8.23
N SER A 156 13.98 -27.54 -9.06
CA SER A 156 14.36 -26.17 -8.88
C SER A 156 13.17 -25.30 -9.14
N GLU A 157 13.07 -24.23 -8.37
CA GLU A 157 12.10 -23.16 -8.64
C GLU A 157 12.68 -22.01 -9.42
N ASN A 158 14.01 -21.92 -9.55
CA ASN A 158 14.67 -20.71 -10.10
C ASN A 158 15.62 -20.97 -11.31
N ALA A 159 15.79 -22.22 -11.70
CA ALA A 159 16.60 -22.59 -12.87
C ALA A 159 15.86 -23.62 -13.76
N PHE A 160 15.91 -23.43 -15.08
CA PHE A 160 15.16 -24.24 -16.06
C PHE A 160 15.93 -24.42 -17.35
N ALA A 161 15.87 -25.62 -17.90
CA ALA A 161 16.46 -25.91 -19.21
C ALA A 161 15.39 -25.60 -20.22
N VAL A 162 15.80 -25.18 -21.40
CA VAL A 162 14.91 -25.07 -22.54
C VAL A 162 15.49 -25.87 -23.69
N ARG A 163 14.65 -26.56 -24.43
CA ARG A 163 15.08 -27.28 -25.61
C ARG A 163 14.46 -26.70 -26.89
N LEU A 164 15.32 -26.41 -27.85
CA LEU A 164 14.98 -25.81 -29.13
C LEU A 164 15.19 -26.71 -30.34
N SER A 165 14.75 -26.19 -31.49
CA SER A 165 14.82 -26.87 -32.80
C SER A 165 15.67 -26.13 -33.82
N PRO A 166 16.97 -26.33 -33.80
CA PRO A 166 17.87 -25.98 -34.87
C PRO A 166 17.73 -27.01 -35.97
N TYR A 167 17.93 -26.59 -37.22
CA TYR A 167 17.84 -27.49 -38.34
C TYR A 167 18.67 -28.73 -38.11
N ASP A 168 19.94 -28.51 -37.79
CA ASP A 168 20.90 -29.62 -37.69
C ASP A 168 20.97 -29.91 -36.22
N ASN A 169 20.04 -30.70 -35.72
CA ASN A 169 19.97 -30.89 -34.28
C ASN A 169 20.94 -31.99 -33.89
N ASP A 170 21.43 -31.87 -32.65
CA ASP A 170 22.29 -32.81 -32.02
C ASP A 170 21.44 -33.62 -31.03
N LYS A 171 21.32 -34.90 -31.31
CA LYS A 171 20.75 -35.98 -30.48
C LYS A 171 21.15 -35.97 -28.99
N PHE A 172 22.34 -35.43 -28.73
CA PHE A 172 23.01 -35.67 -27.46
C PHE A 172 22.73 -34.52 -26.49
N THR A 173 21.49 -34.08 -26.45
CA THR A 173 21.00 -33.20 -25.38
C THR A 173 21.18 -33.94 -24.02
N ARG A 174 21.39 -33.17 -22.98
CA ARG A 174 21.66 -33.70 -21.67
C ARG A 174 20.79 -33.10 -20.58
N PHE A 175 19.91 -32.15 -20.92
CA PHE A 175 18.89 -31.74 -19.93
C PHE A 175 17.54 -32.34 -20.28
N ASP A 176 17.11 -33.29 -19.47
CA ASP A 176 15.94 -34.02 -19.77
C ASP A 176 14.64 -33.52 -19.14
N ASP A 177 14.67 -32.45 -18.34
CA ASP A 177 13.38 -31.91 -17.88
C ASP A 177 13.16 -30.46 -18.30
N PRO A 178 13.27 -30.18 -19.57
CA PRO A 178 13.15 -28.76 -19.88
C PRO A 178 11.74 -28.22 -19.73
N LEU A 179 11.65 -26.92 -19.49
CA LEU A 179 10.38 -26.23 -19.28
C LEU A 179 9.76 -25.97 -20.61
N PHE A 180 10.61 -25.51 -21.51
CA PHE A 180 10.24 -25.20 -22.88
C PHE A 180 10.87 -26.24 -23.80
N ASN A 181 10.08 -26.78 -24.70
CA ASN A 181 10.46 -27.96 -25.46
C ASN A 181 9.65 -27.91 -26.78
N VAL A 182 10.32 -28.12 -27.90
CA VAL A 182 9.59 -28.13 -29.16
C VAL A 182 10.07 -29.29 -30.01
N LYS A 183 9.27 -29.63 -31.02
CA LYS A 183 9.58 -30.74 -31.89
C LYS A 183 10.88 -30.52 -32.63
N ARG A 184 11.57 -31.62 -32.90
CA ARG A 184 12.94 -31.54 -33.48
C ARG A 184 13.11 -32.46 -34.71
N ASN A 185 14.07 -32.16 -35.57
CA ASN A 185 14.31 -33.02 -36.74
C ASN A 185 14.93 -34.35 -36.25
N ILE A 186 15.05 -35.34 -37.13
CA ILE A 186 15.81 -36.52 -36.79
C ILE A 186 17.27 -36.09 -36.90
N SER A 187 18.00 -36.15 -35.80
CA SER A 187 19.41 -35.79 -35.82
C SER A 187 20.16 -36.59 -36.91
N LYS A 188 21.21 -36.01 -37.44
CA LYS A 188 22.00 -36.72 -38.45
C LYS A 188 22.65 -37.95 -37.81
N TYR A 189 22.80 -37.90 -36.49
CA TYR A 189 23.43 -38.99 -35.77
C TYR A 189 22.51 -40.18 -35.59
N ASP A 190 21.22 -40.04 -35.93
CA ASP A 190 20.29 -41.18 -35.97
C ASP A 190 20.04 -41.57 -37.43
N THR A 191 21.03 -41.35 -38.31
CA THR A 191 20.95 -41.80 -39.71
C THR A 191 22.19 -42.64 -39.97
N PRO A 192 22.10 -43.61 -40.89
CA PRO A 192 23.22 -44.49 -41.12
C PRO A 192 24.54 -43.74 -41.33
N SER A 193 24.56 -42.73 -42.20
CA SER A 193 25.83 -42.10 -42.60
C SER A 193 26.19 -40.87 -41.77
N ARG A 194 25.31 -40.48 -40.88
CA ARG A 194 25.60 -39.38 -39.93
C ARG A 194 25.82 -37.98 -40.50
N GLN A 195 25.34 -37.74 -41.70
CA GLN A 195 25.76 -36.57 -42.45
C GLN A 195 24.72 -35.44 -42.38
N ALA A 196 23.46 -35.71 -42.63
CA ALA A 196 22.44 -34.64 -42.72
C ALA A 196 21.24 -35.01 -41.84
N PRO A 197 20.55 -34.01 -41.24
CA PRO A 197 19.35 -34.34 -40.46
C PRO A 197 18.24 -34.81 -41.36
N ILE A 198 17.24 -35.48 -40.79
CA ILE A 198 16.00 -35.75 -41.54
C ILE A 198 14.95 -34.80 -41.02
N PRO A 199 14.57 -33.85 -41.87
CA PRO A 199 13.64 -32.78 -41.48
C PRO A 199 12.22 -33.27 -41.29
N ILE A 200 11.54 -32.74 -40.29
CA ILE A 200 10.15 -33.04 -40.08
C ILE A 200 9.49 -31.82 -40.72
N TYR A 201 8.25 -31.97 -41.12
CA TYR A 201 7.53 -30.91 -41.79
C TYR A 201 6.31 -30.47 -40.99
N GLU A 202 6.49 -30.27 -39.70
CA GLU A 202 5.47 -29.76 -38.79
C GLU A 202 6.13 -29.06 -37.58
N GLY A 203 5.37 -28.24 -36.87
CA GLY A 203 5.92 -27.51 -35.75
C GLY A 203 6.55 -26.16 -36.05
N LEU A 204 6.99 -25.53 -34.96
CA LEU A 204 7.44 -24.15 -34.91
C LEU A 204 8.75 -23.95 -35.63
N GLY A 205 9.72 -24.77 -35.26
CA GLY A 205 11.00 -24.81 -35.97
C GLY A 205 10.88 -24.80 -37.48
N TYR A 206 10.23 -25.86 -38.02
CA TYR A 206 9.94 -25.89 -39.45
C TYR A 206 9.17 -24.66 -40.03
N ARG A 207 8.09 -24.25 -39.37
CA ARG A 207 7.32 -23.14 -39.88
C ARG A 207 8.16 -21.87 -39.93
N LEU A 208 8.99 -21.62 -38.90
CA LEU A 208 9.91 -20.47 -38.92
C LEU A 208 10.89 -20.56 -40.09
N ARG A 209 11.58 -21.68 -40.25
CA ARG A 209 12.54 -21.83 -41.36
C ARG A 209 11.93 -21.79 -42.74
N SER A 210 10.84 -22.51 -42.93
CA SER A 210 10.24 -22.65 -44.22
C SER A 210 9.66 -21.33 -44.64
N THR A 211 9.09 -20.59 -43.69
CA THR A 211 8.51 -19.27 -43.99
C THR A 211 9.57 -18.15 -44.28
N LEU A 212 10.64 -18.09 -43.46
CA LEU A 212 11.59 -16.98 -43.53
C LEU A 212 12.51 -17.10 -44.71
N PHE A 213 12.87 -18.33 -45.06
CA PHE A 213 13.49 -18.57 -46.38
C PHE A 213 12.80 -19.80 -47.04
N PRO A 214 11.85 -19.54 -47.99
CA PRO A 214 11.03 -20.61 -48.57
C PRO A 214 11.75 -21.44 -49.59
N GLU A 215 11.16 -22.59 -49.92
CA GLU A 215 11.79 -23.51 -50.83
C GLU A 215 12.02 -22.90 -52.23
N ASP A 216 11.10 -22.07 -52.69
CA ASP A 216 11.35 -21.31 -53.92
C ASP A 216 12.51 -20.28 -53.87
N LYS A 217 13.20 -20.19 -52.73
CA LYS A 217 14.39 -19.34 -52.54
C LYS A 217 14.15 -17.80 -52.59
N THR A 218 12.92 -17.37 -52.45
CA THR A 218 12.62 -15.94 -52.36
C THR A 218 13.15 -15.32 -51.01
N PRO A 219 14.09 -14.37 -51.11
CA PRO A 219 14.63 -13.79 -49.91
C PRO A 219 13.56 -13.07 -49.12
N THR A 220 13.76 -12.94 -47.81
CA THR A 220 12.94 -12.03 -47.03
C THR A 220 13.76 -10.75 -46.78
N PRO A 221 13.28 -9.58 -47.24
CA PRO A 221 14.06 -8.40 -46.94
C PRO A 221 13.94 -8.02 -45.46
N ILE A 222 15.04 -7.55 -44.88
CA ILE A 222 15.04 -6.98 -43.55
C ILE A 222 15.21 -5.47 -43.76
N ASN A 223 14.17 -4.68 -43.46
CA ASN A 223 14.16 -3.24 -43.76
C ASN A 223 14.25 -2.46 -42.47
N LYS A 224 15.40 -2.56 -41.82
CA LYS A 224 15.59 -1.97 -40.50
C LYS A 224 16.02 -0.57 -40.66
N LYS A 225 15.22 0.35 -40.11
CA LYS A 225 15.54 1.77 -40.18
C LYS A 225 15.91 2.28 -38.80
N SER A 226 16.94 3.12 -38.75
CA SER A 226 17.22 3.92 -37.54
C SER A 226 15.94 4.66 -37.23
N LEU A 227 15.81 5.09 -35.98
CA LEU A 227 14.69 5.98 -35.56
C LEU A 227 14.49 7.13 -36.48
N ARG A 228 15.55 7.86 -36.77
CA ARG A 228 15.42 9.07 -37.60
C ARG A 228 14.93 8.70 -38.99
N ASP A 229 15.47 7.64 -39.57
CA ASP A 229 15.03 7.24 -40.91
C ASP A 229 13.56 6.79 -40.89
N LYS A 230 13.19 6.10 -39.82
CA LYS A 230 11.87 5.52 -39.69
C LYS A 230 10.86 6.64 -39.60
N VAL A 231 11.14 7.65 -38.77
CA VAL A 231 10.29 8.82 -38.67
C VAL A 231 10.27 9.62 -39.99
N LYS A 232 11.40 9.81 -40.65
CA LYS A 232 11.46 10.64 -41.89
C LYS A 232 10.55 10.06 -42.98
N SER A 233 10.75 8.76 -43.22
CA SER A 233 10.11 8.04 -44.32
C SER A 233 8.63 7.95 -44.05
N THR A 234 8.27 7.48 -42.86
CA THR A 234 6.89 7.48 -42.45
C THR A 234 6.24 8.78 -42.82
N VAL A 235 6.75 9.90 -42.31
CA VAL A 235 6.13 11.21 -42.59
C VAL A 235 6.08 11.51 -44.10
N LEU A 236 7.08 11.03 -44.82
CA LEU A 236 7.23 11.30 -46.25
C LEU A 236 6.25 10.46 -47.05
N SER A 237 5.96 9.26 -46.51
CA SER A 237 4.86 8.45 -47.02
C SER A 237 3.55 9.26 -47.24
N HIS A 238 3.11 10.09 -46.30
CA HIS A 238 1.90 10.93 -46.55
C HIS A 238 2.17 12.15 -47.44
N TYR A 239 3.32 12.18 -48.13
CA TYR A 239 3.57 13.24 -49.10
C TYR A 239 3.83 12.60 -50.48
N LYS A 240 3.88 13.43 -51.51
CA LYS A 240 4.21 13.03 -52.88
C LYS A 240 5.53 13.67 -53.32
N ASP A 241 6.32 12.92 -54.08
CA ASP A 241 7.59 13.42 -54.62
C ASP A 241 7.52 14.84 -55.18
N GLU A 242 6.35 15.26 -55.63
CA GLU A 242 6.22 16.55 -56.30
C GLU A 242 5.89 17.66 -55.30
N ASP A 243 5.57 17.27 -54.06
CA ASP A 243 5.19 18.25 -53.04
C ASP A 243 6.32 19.23 -52.69
N ARG A 244 5.92 20.47 -52.44
CA ARG A 244 6.81 21.58 -52.18
C ARG A 244 6.28 22.40 -51.01
N ILE A 245 7.18 23.17 -50.40
CA ILE A 245 6.78 24.23 -49.51
C ILE A 245 6.93 25.48 -50.33
N ASP A 246 6.03 25.65 -51.30
CA ASP A 246 5.95 26.94 -52.05
C ASP A 246 4.51 27.38 -52.07
N GLY A 247 4.30 28.65 -52.39
CA GLY A 247 3.01 29.15 -52.74
C GLY A 247 2.58 30.26 -51.82
N GLU A 248 1.30 30.64 -51.95
CA GLU A 248 0.65 31.52 -51.00
C GLU A 248 0.27 30.73 -49.75
N LYS A 249 0.21 29.40 -49.83
CA LYS A 249 0.00 28.56 -48.65
C LYS A 249 1.29 27.91 -48.05
N LYS A 250 2.46 28.57 -48.20
CA LYS A 250 3.73 27.94 -47.80
C LYS A 250 3.91 27.85 -46.28
N ASP A 251 3.67 28.98 -45.61
CA ASP A 251 3.74 29.03 -44.16
C ASP A 251 2.81 27.97 -43.58
N GLU A 252 1.57 27.94 -44.06
CA GLU A 252 0.62 26.94 -43.54
C GLU A 252 1.07 25.51 -43.85
N LYS A 253 1.61 25.28 -45.05
CA LYS A 253 2.19 23.96 -45.37
C LYS A 253 3.43 23.60 -44.49
N LEU A 254 4.27 24.56 -44.20
CA LEU A 254 5.42 24.34 -43.32
C LEU A 254 4.94 23.91 -41.92
N ASN A 255 3.90 24.60 -41.44
CA ASN A 255 3.23 24.27 -40.19
C ASN A 255 2.70 22.85 -40.19
N GLU A 256 2.01 22.44 -41.26
CA GLU A 256 1.48 21.06 -41.28
C GLU A 256 2.63 20.09 -41.25
N LEU A 257 3.66 20.38 -42.03
CA LEU A 257 4.84 19.50 -41.95
C LEU A 257 5.40 19.46 -40.50
N ILE A 258 5.69 20.62 -39.91
CA ILE A 258 6.26 20.66 -38.55
C ILE A 258 5.38 19.78 -37.64
N THR A 259 4.08 20.04 -37.59
CA THR A 259 3.18 19.26 -36.72
C THR A 259 3.23 17.77 -36.99
N ASN A 260 3.10 17.35 -38.26
CA ASN A 260 3.17 15.90 -38.57
C ASN A 260 4.48 15.25 -38.13
N LEU A 261 5.59 15.92 -38.37
CA LEU A 261 6.93 15.41 -37.99
C LEU A 261 7.07 15.34 -36.46
N GLN A 262 6.64 16.40 -35.79
CA GLN A 262 6.56 16.42 -34.33
C GLN A 262 5.72 15.27 -33.79
N ASN A 263 4.47 15.15 -34.25
CA ASN A 263 3.61 14.02 -33.86
C ASN A 263 4.32 12.69 -34.08
N GLU A 264 4.92 12.52 -35.24
CA GLU A 264 5.53 11.24 -35.54
C GLU A 264 6.81 10.96 -34.77
N LEU A 265 7.61 11.99 -34.53
CA LEU A 265 8.82 11.83 -33.71
C LEU A 265 8.46 11.49 -32.25
N VAL A 266 7.53 12.25 -31.70
CA VAL A 266 7.10 12.04 -30.32
C VAL A 266 6.53 10.66 -30.12
N LYS A 267 5.56 10.32 -30.95
CA LYS A 267 4.89 9.02 -30.85
C LYS A 267 5.91 7.92 -30.84
N GLU A 268 6.88 7.99 -31.73
CA GLU A 268 7.91 6.96 -31.79
C GLU A 268 8.91 7.03 -30.60
N LEU A 269 9.18 8.23 -30.10
CA LEU A 269 10.11 8.38 -28.96
C LEU A 269 9.48 7.90 -27.65
N VAL A 270 8.21 8.28 -27.47
CA VAL A 270 7.51 8.08 -26.20
C VAL A 270 7.51 6.60 -25.75
N LYS A 271 7.32 5.67 -26.69
CA LYS A 271 7.34 4.25 -26.33
C LYS A 271 8.62 3.81 -25.60
N SER A 272 9.73 4.48 -25.85
CA SER A 272 11.00 4.06 -25.22
C SER A 272 11.31 4.94 -24.02
N ASP A 273 10.78 6.18 -24.01
CA ASP A 273 10.96 7.13 -22.90
C ASP A 273 9.88 8.20 -23.02
N PRO A 274 8.92 8.21 -22.06
CA PRO A 274 7.84 9.22 -22.12
C PRO A 274 8.26 10.62 -21.66
N GLN A 275 9.52 10.81 -21.29
CA GLN A 275 9.99 12.18 -21.03
C GLN A 275 9.76 12.99 -22.31
N TYR A 276 9.98 12.37 -23.46
CA TYR A 276 9.78 13.07 -24.75
C TYR A 276 8.36 13.52 -25.07
N SER A 277 7.40 13.21 -24.21
CA SER A 277 6.02 13.66 -24.45
C SER A 277 5.97 15.13 -24.77
N LYS A 278 6.90 15.91 -24.23
CA LYS A 278 6.81 17.38 -24.35
C LYS A 278 7.76 18.03 -25.39
N LEU A 279 8.46 17.21 -26.19
CA LEU A 279 9.40 17.69 -27.26
C LEU A 279 8.70 18.50 -28.30
N SER A 280 9.32 19.57 -28.78
CA SER A 280 8.66 20.49 -29.70
C SER A 280 9.63 20.93 -30.79
N LEU A 281 9.11 21.16 -32.00
CA LEU A 281 9.90 21.43 -33.20
C LEU A 281 9.59 22.79 -33.74
N SER A 282 8.78 23.55 -33.02
CA SER A 282 8.37 24.82 -33.51
C SER A 282 9.44 25.87 -33.29
N LYS A 283 10.45 25.55 -32.49
CA LYS A 283 11.43 26.57 -32.19
C LYS A 283 12.88 26.05 -31.96
N ASP A 284 13.82 26.93 -32.27
CA ASP A 284 15.26 26.77 -32.12
C ASP A 284 15.60 26.72 -30.62
N PRO A 285 16.71 26.06 -30.23
CA PRO A 285 17.17 26.16 -28.85
C PRO A 285 17.24 27.56 -28.25
N ARG A 286 17.76 28.53 -29.03
CA ARG A 286 17.91 29.93 -28.61
C ARG A 286 16.54 30.58 -28.57
N GLY A 287 15.47 29.79 -28.67
CA GLY A 287 14.09 30.34 -28.78
C GLY A 287 13.54 30.79 -30.15
N LYS A 288 14.36 30.78 -31.20
CA LYS A 288 13.97 31.28 -32.53
C LYS A 288 12.94 30.41 -33.28
N GLU A 289 11.99 31.06 -33.94
CA GLU A 289 10.82 30.38 -34.48
C GLU A 289 11.21 29.67 -35.78
N ILE A 290 10.86 28.39 -35.91
CA ILE A 290 11.15 27.66 -37.15
C ILE A 290 10.08 27.99 -38.19
N ASN A 291 10.36 28.98 -39.02
CA ASN A 291 9.46 29.42 -40.10
C ASN A 291 10.21 29.63 -41.44
N TYR A 292 9.50 30.00 -42.49
CA TYR A 292 10.07 30.04 -43.84
C TYR A 292 11.17 31.04 -43.92
N ASP A 293 10.91 32.22 -43.44
CA ASP A 293 11.91 33.25 -43.55
C ASP A 293 13.24 32.82 -42.87
N TYR A 294 13.16 32.05 -41.78
CA TYR A 294 14.34 31.71 -40.99
C TYR A 294 15.21 30.67 -41.69
N LEU A 295 14.58 29.60 -42.13
CA LEU A 295 15.30 28.50 -42.79
C LEU A 295 15.78 28.82 -44.21
N VAL A 296 15.10 29.72 -44.95
CA VAL A 296 15.34 29.97 -46.37
C VAL A 296 16.13 31.28 -46.60
N ASN A 297 15.70 32.36 -45.96
CA ASN A 297 16.38 33.66 -46.11
C ASN A 297 17.46 33.99 -45.08
N SER A 298 17.48 33.31 -43.93
CA SER A 298 18.44 33.61 -42.90
C SER A 298 19.45 32.47 -42.79
N LEU A 299 18.99 31.28 -42.49
CA LEU A 299 19.91 30.18 -42.50
C LEU A 299 20.34 29.83 -43.94
N MET A 300 19.47 30.05 -44.93
CA MET A 300 19.80 29.75 -46.32
C MET A 300 20.12 28.25 -46.56
N LEU A 301 19.23 27.39 -46.06
CA LEU A 301 19.40 25.96 -46.10
C LEU A 301 18.46 25.20 -47.05
N VAL A 302 17.25 25.70 -47.22
CA VAL A 302 16.27 25.08 -48.10
C VAL A 302 15.66 26.23 -48.85
N ASP A 303 14.87 25.95 -49.88
CA ASP A 303 14.08 27.01 -50.60
C ASP A 303 12.74 26.48 -51.15
N ASN A 304 12.01 27.31 -51.91
CA ASN A 304 10.69 26.88 -52.41
C ASN A 304 10.72 25.60 -53.23
N ASP A 305 11.82 25.40 -53.93
CA ASP A 305 12.03 24.21 -54.73
C ASP A 305 12.59 23.00 -53.97
N SER A 306 12.86 23.11 -52.66
CA SER A 306 13.44 21.94 -51.95
C SER A 306 12.46 20.78 -51.75
N GLU A 307 12.97 19.56 -51.71
CA GLU A 307 12.11 18.42 -51.48
C GLU A 307 11.67 18.37 -50.00
N ILE A 308 10.58 17.68 -49.71
CA ILE A 308 10.03 17.64 -48.36
C ILE A 308 11.06 16.97 -47.43
N GLY A 309 11.77 15.99 -47.96
CA GLY A 309 12.89 15.39 -47.24
C GLY A 309 13.97 16.39 -46.81
N ASP A 310 14.28 17.42 -47.61
CA ASP A 310 15.36 18.32 -47.23
C ASP A 310 14.86 19.33 -46.17
N TRP A 311 13.57 19.67 -46.24
CA TRP A 311 12.93 20.43 -45.18
C TRP A 311 12.88 19.63 -43.89
N ILE A 312 12.69 18.31 -43.98
CA ILE A 312 12.60 17.50 -42.77
C ILE A 312 13.97 17.50 -42.08
N ASP A 313 15.01 17.14 -42.84
CA ASP A 313 16.41 17.22 -42.38
C ASP A 313 16.66 18.54 -41.67
N THR A 314 16.31 19.63 -42.31
CA THR A 314 16.61 20.92 -41.77
C THR A 314 15.83 21.22 -40.48
N ILE A 315 14.60 20.72 -40.41
CA ILE A 315 13.79 20.96 -39.23
C ILE A 315 14.45 20.20 -38.10
N LEU A 316 14.70 18.93 -38.35
CA LEU A 316 15.29 18.14 -37.35
C LEU A 316 16.65 18.69 -36.85
N ASP A 317 17.51 19.16 -37.74
CA ASP A 317 18.87 19.57 -37.37
C ASP A 317 18.86 20.86 -36.63
N ALA A 318 17.85 21.66 -36.88
CA ALA A 318 17.72 22.93 -36.27
C ALA A 318 17.01 22.87 -34.90
N THR A 319 16.41 21.75 -34.52
CA THR A 319 15.51 21.72 -33.32
C THR A 319 15.78 20.56 -32.36
N VAL A 320 16.24 19.43 -32.89
CA VAL A 320 16.48 18.24 -32.09
C VAL A 320 17.94 18.06 -31.67
N ASP A 321 18.10 17.60 -30.43
CA ASP A 321 19.36 17.38 -29.82
C ASP A 321 19.89 16.04 -30.30
N SER A 322 21.18 15.94 -30.51
CA SER A 322 21.80 14.69 -30.92
C SER A 322 21.49 13.49 -29.99
N THR A 323 21.25 13.77 -28.71
CA THR A 323 20.92 12.75 -27.74
C THR A 323 19.76 11.89 -28.21
N VAL A 324 18.77 12.55 -28.79
CA VAL A 324 17.54 11.92 -29.16
C VAL A 324 17.76 10.76 -30.12
N TRP A 325 18.76 10.83 -31.00
CA TRP A 325 18.95 9.81 -32.04
C TRP A 325 19.75 8.61 -31.55
N VAL A 326 20.21 8.66 -30.30
CA VAL A 326 21.00 7.56 -29.75
C VAL A 326 20.10 6.34 -29.55
N ALA A 327 20.53 5.26 -30.18
CA ALA A 327 19.83 4.00 -30.21
C ALA A 327 19.86 3.31 -28.85
N GLN A 328 18.80 2.59 -28.52
CA GLN A 328 18.88 1.54 -27.49
C GLN A 328 20.04 0.54 -27.86
N ALA A 329 20.32 -0.42 -26.97
CA ALA A 329 21.00 -1.66 -27.40
C ALA A 329 20.16 -2.29 -28.57
N SER A 330 20.83 -2.99 -29.49
CA SER A 330 20.12 -3.62 -30.59
C SER A 330 19.41 -4.88 -30.08
N SER A 331 18.27 -5.17 -30.68
CA SER A 331 17.70 -6.48 -30.58
C SER A 331 18.60 -7.44 -31.34
N PRO A 332 18.85 -8.62 -30.74
CA PRO A 332 19.46 -9.72 -31.48
C PRO A 332 18.74 -10.01 -32.81
N PHE A 333 17.48 -9.63 -32.96
CA PHE A 333 16.76 -9.82 -34.20
C PHE A 333 17.30 -8.97 -35.37
N TYR A 334 17.97 -7.88 -35.07
CA TYR A 334 18.51 -7.03 -36.13
C TYR A 334 20.03 -6.90 -35.95
N ASP A 335 20.79 -7.66 -36.75
CA ASP A 335 22.23 -7.83 -36.57
C ASP A 335 23.01 -7.26 -37.75
N GLY A 336 22.32 -6.42 -38.55
CA GLY A 336 22.94 -5.64 -39.63
C GLY A 336 22.63 -6.17 -41.02
N ALA A 337 21.95 -7.32 -41.08
CA ALA A 337 21.75 -8.01 -42.37
C ALA A 337 20.65 -7.29 -43.15
N LYS A 338 20.77 -7.29 -44.46
CA LYS A 338 19.80 -6.64 -45.33
C LYS A 338 18.64 -7.57 -45.58
N GLU A 339 18.90 -8.87 -45.46
CA GLU A 339 17.89 -9.86 -45.83
C GLU A 339 18.12 -11.25 -45.26
N ILE A 340 17.04 -12.04 -45.28
CA ILE A 340 17.12 -13.44 -45.03
C ILE A 340 17.23 -14.09 -46.41
N SER A 341 18.39 -14.64 -46.74
CA SER A 341 18.69 -15.08 -48.09
C SER A 341 19.33 -16.48 -48.17
N SER A 342 19.17 -17.32 -47.16
CA SER A 342 19.75 -18.67 -47.15
C SER A 342 19.15 -19.48 -46.01
N ASP A 343 19.10 -20.78 -46.15
CA ASP A 343 18.53 -21.65 -45.11
C ASP A 343 19.23 -21.39 -43.75
N ARG A 344 20.55 -21.16 -43.79
CA ARG A 344 21.34 -20.82 -42.59
C ARG A 344 20.88 -19.51 -41.95
N ASP A 345 20.57 -18.49 -42.76
CA ASP A 345 20.01 -17.29 -42.17
C ASP A 345 18.68 -17.57 -41.53
N ALA A 346 17.88 -18.43 -42.14
CA ALA A 346 16.54 -18.64 -41.62
C ALA A 346 16.62 -19.44 -40.31
N ASP A 347 17.57 -20.36 -40.24
CA ASP A 347 17.72 -21.21 -39.12
C ASP A 347 18.17 -20.39 -37.91
N LYS A 348 19.16 -19.52 -38.16
CA LYS A 348 19.62 -18.52 -37.20
C LYS A 348 18.48 -17.72 -36.59
N ILE A 349 17.58 -17.22 -37.43
CA ILE A 349 16.52 -16.36 -36.94
C ILE A 349 15.42 -17.15 -36.29
N SER A 350 15.14 -18.33 -36.83
CA SER A 350 14.27 -19.30 -36.17
C SER A 350 14.69 -19.62 -34.73
N ILE A 351 15.98 -19.84 -34.53
CA ILE A 351 16.52 -20.08 -33.21
C ILE A 351 16.27 -18.89 -32.27
N ARG A 352 16.48 -17.70 -32.82
CA ARG A 352 16.21 -16.49 -32.04
C ARG A 352 14.81 -16.40 -31.56
N VAL A 353 13.86 -16.65 -32.46
CA VAL A 353 12.44 -16.57 -32.10
C VAL A 353 12.16 -17.58 -31.04
N GLN A 354 12.62 -18.79 -31.27
CA GLN A 354 12.39 -19.85 -30.32
C GLN A 354 12.99 -19.48 -28.96
N TYR A 355 14.17 -18.88 -28.97
CA TYR A 355 14.83 -18.57 -27.73
C TYR A 355 14.04 -17.45 -27.03
N LEU A 356 13.50 -16.48 -27.78
CA LEU A 356 12.64 -15.49 -27.13
C LEU A 356 11.46 -16.13 -26.39
N LEU A 357 10.74 -16.99 -27.11
CA LEU A 357 9.61 -17.68 -26.53
C LEU A 357 10.01 -18.52 -25.31
N ALA A 358 11.21 -19.11 -25.35
CA ALA A 358 11.71 -19.83 -24.18
C ALA A 358 11.99 -18.87 -23.01
N GLU A 359 12.61 -17.72 -23.26
CA GLU A 359 12.78 -16.69 -22.18
C GLU A 359 11.46 -16.22 -21.59
N ALA A 360 10.46 -15.96 -22.42
CA ALA A 360 9.14 -15.57 -21.92
C ALA A 360 8.53 -16.70 -21.08
N ASN A 361 8.72 -17.94 -21.52
CA ASN A 361 8.27 -19.10 -20.76
C ASN A 361 8.98 -19.12 -19.39
N ILE A 362 10.29 -18.83 -19.37
CA ILE A 362 11.04 -18.91 -18.11
C ILE A 362 10.56 -17.78 -17.19
N TYR A 363 10.46 -16.59 -17.75
CA TYR A 363 9.95 -15.50 -17.02
C TYR A 363 8.65 -15.84 -16.29
N CYS A 364 7.65 -16.32 -17.02
CA CYS A 364 6.37 -16.70 -16.42
C CYS A 364 6.50 -17.80 -15.41
N LYS A 365 7.35 -18.77 -15.66
CA LYS A 365 7.49 -19.89 -14.73
C LYS A 365 8.13 -19.45 -13.41
N THR A 366 9.21 -18.68 -13.49
CA THR A 366 9.94 -18.26 -12.29
C THR A 366 9.17 -17.24 -11.46
N ASN A 367 8.36 -16.39 -12.09
CA ASN A 367 7.48 -15.47 -11.38
C ASN A 367 6.10 -16.08 -11.01
N LYS A 368 5.94 -17.39 -11.22
CA LYS A 368 4.75 -18.11 -10.76
C LYS A 368 3.48 -17.72 -11.50
N LEU A 369 3.59 -17.26 -12.75
CA LEU A 369 2.46 -16.85 -13.55
C LEU A 369 1.88 -18.00 -14.41
N SER A 370 2.69 -19.04 -14.64
CA SER A 370 2.23 -20.19 -15.42
C SER A 370 3.20 -21.31 -15.26
N ASP A 371 2.72 -22.53 -15.38
CA ASP A 371 3.57 -23.70 -15.38
C ASP A 371 3.56 -24.38 -16.73
N ALA A 372 2.89 -23.77 -17.71
CA ALA A 372 2.74 -24.41 -19.01
C ALA A 372 4.06 -24.39 -19.78
N ASN A 373 4.15 -25.29 -20.75
CA ASN A 373 5.24 -25.33 -21.72
C ASN A 373 4.79 -24.60 -23.00
N PHE A 374 5.25 -23.37 -23.17
CA PHE A 374 4.82 -22.56 -24.29
C PHE A 374 5.12 -23.25 -25.60
N GLY A 375 6.18 -24.02 -25.65
CA GLY A 375 6.54 -24.78 -26.84
C GLY A 375 5.44 -25.66 -27.37
N GLU A 376 4.75 -26.33 -26.45
CA GLU A 376 3.70 -27.25 -26.79
C GLU A 376 2.60 -26.55 -27.57
N PHE A 377 2.28 -25.36 -27.11
CA PHE A 377 1.31 -24.53 -27.75
C PHE A 377 1.82 -23.99 -29.08
N PHE A 378 3.04 -23.47 -29.13
CA PHE A 378 3.47 -22.83 -30.37
C PHE A 378 3.79 -23.83 -31.49
N ASP A 379 4.02 -25.09 -31.14
CA ASP A 379 4.21 -26.16 -32.16
C ASP A 379 2.94 -26.43 -32.91
N LYS A 380 1.77 -26.13 -32.33
CA LYS A 380 0.48 -26.51 -32.92
C LYS A 380 0.13 -25.57 -34.03
N GLU A 381 -0.70 -26.03 -34.98
CA GLU A 381 -1.31 -25.16 -35.99
C GLU A 381 -2.60 -24.62 -35.41
N PRO A 382 -2.99 -23.40 -35.80
CA PRO A 382 -2.35 -22.47 -36.73
C PRO A 382 -1.21 -21.62 -36.11
N HIS A 383 -0.99 -21.74 -34.82
CA HIS A 383 0.01 -20.88 -34.12
C HIS A 383 1.41 -20.97 -34.70
N ALA A 384 1.85 -22.19 -35.02
CA ALA A 384 3.17 -22.37 -35.61
C ALA A 384 3.30 -21.48 -36.84
N THR A 385 2.30 -21.59 -37.72
CA THR A 385 2.27 -20.87 -38.98
C THR A 385 2.05 -19.37 -38.77
N GLU A 386 1.03 -19.03 -37.99
CA GLU A 386 0.69 -17.61 -37.79
C GLU A 386 1.86 -16.84 -37.21
N ILE A 387 2.50 -17.39 -36.16
CA ILE A 387 3.64 -16.71 -35.52
C ILE A 387 4.76 -16.55 -36.52
N ALA A 388 5.02 -17.55 -37.37
CA ALA A 388 6.08 -17.37 -38.38
C ALA A 388 5.75 -16.26 -39.39
N LYS A 389 4.50 -16.13 -39.81
CA LYS A 389 4.13 -15.12 -40.79
C LYS A 389 4.20 -13.73 -40.21
N ARG A 390 3.70 -13.56 -38.99
CA ARG A 390 3.77 -12.26 -38.34
C ARG A 390 5.24 -11.86 -38.13
N VAL A 391 6.11 -12.81 -37.82
CA VAL A 391 7.53 -12.47 -37.69
C VAL A 391 8.13 -12.10 -39.04
N LYS A 392 7.80 -12.87 -40.08
CA LYS A 392 8.25 -12.55 -41.43
C LYS A 392 7.83 -11.13 -41.84
N GLU A 393 6.55 -10.83 -41.67
CA GLU A 393 6.01 -9.51 -41.96
C GLU A 393 6.79 -8.42 -41.16
N GLY A 394 7.03 -8.67 -39.87
CA GLY A 394 7.85 -7.81 -39.01
C GLY A 394 9.19 -7.41 -39.61
N PHE A 395 10.00 -8.37 -39.99
CA PHE A 395 11.23 -8.04 -40.72
C PHE A 395 11.03 -7.16 -41.96
N THR A 396 9.91 -7.31 -42.68
CA THR A 396 9.75 -6.52 -43.91
C THR A 396 9.33 -5.08 -43.58
N GLN A 397 8.49 -4.92 -42.56
CA GLN A 397 8.10 -3.63 -42.02
C GLN A 397 9.32 -2.98 -41.30
N GLY A 398 10.32 -3.76 -40.93
CA GLY A 398 11.40 -3.24 -40.15
C GLY A 398 10.96 -3.03 -38.72
N ALA A 399 9.90 -3.74 -38.32
CA ALA A 399 9.27 -3.57 -37.01
C ALA A 399 10.03 -4.35 -35.93
N ASP A 400 9.66 -4.05 -34.68
CA ASP A 400 10.28 -4.63 -33.52
C ASP A 400 9.70 -6.00 -33.36
N ILE A 401 10.58 -6.98 -33.20
CA ILE A 401 10.13 -8.33 -33.27
C ILE A 401 9.54 -8.76 -31.99
N GLU A 402 10.08 -8.28 -30.88
CA GLU A 402 9.69 -8.81 -29.57
C GLU A 402 8.21 -8.60 -29.27
N PRO A 403 7.68 -7.41 -29.57
CA PRO A 403 6.22 -7.20 -29.31
C PRO A 403 5.26 -8.04 -30.18
N ILE A 404 5.71 -8.48 -31.35
CA ILE A 404 4.92 -9.39 -32.19
C ILE A 404 4.77 -10.66 -31.43
N ILE A 405 5.87 -11.16 -30.90
CA ILE A 405 5.74 -12.34 -30.01
C ILE A 405 4.89 -12.00 -28.78
N TYR A 406 5.11 -10.89 -28.10
CA TYR A 406 4.31 -10.61 -26.87
C TYR A 406 2.80 -10.41 -27.14
N ASP A 407 2.43 -9.72 -28.23
CA ASP A 407 1.02 -9.59 -28.56
C ASP A 407 0.36 -10.94 -28.85
N TYR A 408 1.06 -11.83 -29.53
CA TYR A 408 0.53 -13.18 -29.80
C TYR A 408 0.34 -14.00 -28.49
N ILE A 409 1.31 -13.91 -27.59
CA ILE A 409 1.18 -14.54 -26.27
C ILE A 409 -0.06 -13.98 -25.55
N ASN A 410 -0.19 -12.66 -25.56
CA ASN A 410 -1.25 -12.00 -24.82
C ASN A 410 -2.61 -12.28 -25.43
N SER A 411 -2.70 -12.34 -26.76
CA SER A 411 -4.01 -12.71 -27.34
C SER A 411 -4.33 -14.16 -27.03
N ASN A 412 -3.50 -14.85 -26.25
CA ASN A 412 -3.72 -16.27 -26.01
C ASN A 412 -3.43 -16.61 -24.58
N HIS A 413 -3.54 -15.59 -23.72
CA HIS A 413 -2.90 -15.74 -22.45
C HIS A 413 -3.50 -16.90 -21.69
N ALA A 414 -4.82 -17.05 -21.70
CA ALA A 414 -5.45 -18.13 -20.93
C ALA A 414 -4.93 -19.51 -21.36
N GLU A 415 -4.79 -19.73 -22.68
CA GLU A 415 -4.36 -21.02 -23.21
C GLU A 415 -2.89 -21.37 -22.83
N LEU A 416 -2.10 -20.34 -22.53
CA LEU A 416 -0.77 -20.48 -22.02
C LEU A 416 -0.67 -20.61 -20.48
N GLY A 417 -1.81 -20.66 -19.79
CA GLY A 417 -1.87 -20.88 -18.32
C GLY A 417 -1.80 -19.59 -17.49
N LEU A 418 -1.95 -18.46 -18.17
CA LEU A 418 -1.79 -17.16 -17.56
C LEU A 418 -3.16 -16.52 -17.26
N LYS A 419 -3.47 -16.28 -15.98
CA LYS A 419 -4.63 -15.48 -15.57
C LYS A 419 -4.70 -14.17 -16.33
N SER A 420 -3.58 -13.48 -16.52
CA SER A 420 -3.58 -12.14 -17.16
C SER A 420 -2.53 -11.88 -18.24
N PRO A 421 -2.85 -11.03 -19.20
CA PRO A 421 -1.77 -10.68 -20.12
C PRO A 421 -0.50 -10.09 -19.46
N LEU A 422 0.61 -10.18 -20.20
CA LEU A 422 1.86 -9.62 -19.74
C LEU A 422 1.82 -8.07 -19.91
N THR A 423 2.14 -7.36 -18.84
CA THR A 423 2.21 -5.90 -18.91
C THR A 423 3.42 -5.44 -19.70
N GLY A 424 3.38 -4.20 -20.14
CA GLY A 424 4.54 -3.60 -20.82
C GLY A 424 5.82 -3.76 -20.02
N LYS A 425 5.72 -3.71 -18.69
CA LYS A 425 6.91 -3.76 -17.85
C LYS A 425 7.49 -5.18 -17.86
N GLN A 426 6.63 -6.17 -17.69
CA GLN A 426 7.02 -7.57 -17.78
C GLN A 426 7.59 -7.86 -19.16
N GLN A 427 6.98 -7.33 -20.22
CA GLN A 427 7.56 -7.46 -21.55
C GLN A 427 8.97 -6.92 -21.66
N GLN A 428 9.29 -5.82 -21.00
CA GLN A 428 10.61 -5.19 -21.18
C GLN A 428 11.61 -5.96 -20.37
N GLU A 429 11.17 -6.56 -19.28
CA GLU A 429 12.08 -7.40 -18.51
C GLU A 429 12.46 -8.64 -19.30
N ILE A 430 11.49 -9.30 -19.94
CA ILE A 430 11.80 -10.46 -20.77
C ILE A 430 12.78 -10.04 -21.87
N THR A 431 12.53 -8.91 -22.50
CA THR A 431 13.39 -8.52 -23.59
C THR A 431 14.83 -8.34 -23.16
N ASP A 432 15.03 -7.82 -21.97
CA ASP A 432 16.36 -7.55 -21.44
C ASP A 432 17.07 -8.85 -21.06
N LYS A 433 16.37 -9.80 -20.44
CA LYS A 433 16.95 -11.13 -20.19
C LYS A 433 17.27 -11.81 -21.49
N PHE A 434 16.33 -11.78 -22.43
CA PHE A 434 16.55 -12.45 -23.70
C PHE A 434 17.75 -11.87 -24.38
N THR A 435 17.82 -10.54 -24.40
CA THR A 435 18.90 -9.90 -25.11
C THR A 435 20.27 -10.27 -24.51
N LYS A 436 20.36 -10.14 -23.19
CA LYS A 436 21.59 -10.47 -22.47
C LYS A 436 21.91 -11.96 -22.62
N HIS A 437 20.97 -12.82 -22.31
CA HIS A 437 21.25 -14.23 -22.44
C HIS A 437 21.59 -14.63 -23.82
N TYR A 438 20.87 -14.19 -24.81
CA TYR A 438 21.21 -14.56 -26.17
C TYR A 438 22.60 -14.11 -26.57
N ASN A 439 22.94 -12.87 -26.27
CA ASN A 439 24.25 -12.35 -26.66
C ASN A 439 25.37 -13.18 -26.04
N THR A 440 25.13 -13.61 -24.82
CA THR A 440 26.05 -14.50 -24.17
C THR A 440 26.28 -15.83 -24.94
N ILE A 441 25.23 -16.52 -25.37
CA ILE A 441 25.44 -17.82 -26.01
C ILE A 441 25.46 -17.86 -27.57
N LYS A 442 25.47 -16.70 -28.21
CA LYS A 442 25.30 -16.68 -29.65
C LYS A 442 26.43 -17.27 -30.48
N GLU A 443 27.55 -17.62 -29.88
CA GLU A 443 28.58 -18.31 -30.63
C GLU A 443 28.66 -19.77 -30.21
N SER A 444 27.65 -20.24 -29.47
CA SER A 444 27.55 -21.66 -29.22
C SER A 444 27.64 -22.47 -30.51
N PRO A 445 28.40 -23.52 -30.47
CA PRO A 445 28.38 -24.44 -31.60
C PRO A 445 27.02 -25.18 -31.76
N HIS A 446 26.24 -25.27 -30.70
CA HIS A 446 24.94 -25.92 -30.78
C HIS A 446 23.90 -25.15 -30.00
N PHE A 447 22.73 -24.99 -30.62
CA PHE A 447 21.61 -24.28 -30.03
C PHE A 447 20.50 -25.21 -29.56
N ASP A 448 20.80 -26.50 -29.44
CA ASP A 448 19.72 -27.44 -29.07
C ASP A 448 19.11 -27.14 -27.71
N GLU A 449 19.92 -26.56 -26.81
CA GLU A 449 19.59 -26.62 -25.43
C GLU A 449 20.35 -25.56 -24.60
N PHE A 450 19.68 -24.95 -23.61
CA PHE A 450 20.37 -24.19 -22.59
C PHE A 450 19.72 -24.28 -21.28
N PHE A 451 20.53 -24.23 -20.21
CA PHE A 451 20.05 -24.17 -18.85
C PHE A 451 20.13 -22.75 -18.37
N VAL A 452 19.00 -22.24 -17.85
CA VAL A 452 18.89 -20.84 -17.48
C VAL A 452 18.44 -20.72 -16.04
N ALA A 453 19.29 -20.03 -15.27
CA ALA A 453 19.19 -19.87 -13.82
C ALA A 453 18.99 -18.37 -13.50
N ASP A 454 18.11 -18.06 -12.54
CA ASP A 454 17.97 -16.68 -12.02
C ASP A 454 18.39 -16.70 -10.55
N PRO A 455 19.63 -16.32 -10.28
CA PRO A 455 20.12 -16.31 -8.92
C PRO A 455 19.61 -15.16 -8.09
N ASP A 456 18.70 -14.32 -8.61
CA ASP A 456 18.05 -13.35 -7.76
C ASP A 456 16.70 -13.87 -7.24
N LYS A 457 16.41 -15.15 -7.41
CA LYS A 457 15.20 -15.71 -6.83
C LYS A 457 15.55 -16.80 -5.85
N LYS A 458 14.68 -17.02 -4.89
CA LYS A 458 14.72 -18.18 -4.02
C LYS A 458 14.83 -19.49 -4.82
N GLY A 459 15.77 -20.35 -4.44
CA GLY A 459 15.75 -21.72 -4.89
C GLY A 459 17.05 -22.43 -4.59
N ASN A 460 17.21 -23.58 -5.27
CA ASN A 460 18.23 -24.55 -4.97
C ASN A 460 19.38 -24.38 -5.93
N ILE A 461 19.31 -23.42 -6.84
CA ILE A 461 20.45 -23.22 -7.73
C ILE A 461 21.09 -21.88 -7.57
N PHE A 462 22.41 -21.83 -7.74
CA PHE A 462 23.19 -20.66 -7.40
C PHE A 462 24.18 -20.35 -8.49
N SER A 463 24.73 -19.15 -8.38
CA SER A 463 25.72 -18.60 -9.24
C SER A 463 26.97 -18.32 -8.41
N HIS A 464 28.10 -18.91 -8.77
CA HIS A 464 29.32 -18.78 -7.99
C HIS A 464 30.53 -19.05 -8.87
N GLN A 465 31.38 -18.05 -8.99
CA GLN A 465 32.69 -18.17 -9.66
C GLN A 465 32.57 -18.55 -11.10
N GLY A 466 31.54 -18.07 -11.76
CA GLY A 466 31.34 -18.35 -13.16
C GLY A 466 30.76 -19.71 -13.41
N ARG A 467 30.22 -20.37 -12.39
CA ARG A 467 29.50 -21.65 -12.52
C ARG A 467 28.08 -21.56 -12.02
N ILE A 468 27.15 -22.26 -12.67
CA ILE A 468 25.79 -22.37 -12.21
C ILE A 468 25.81 -23.64 -11.44
N SER A 469 25.42 -23.59 -10.19
CA SER A 469 25.72 -24.66 -9.27
C SER A 469 24.59 -24.95 -8.32
N CYS A 470 24.75 -26.02 -7.55
CA CYS A 470 23.80 -26.34 -6.50
C CYS A 470 24.63 -26.62 -5.28
N HIS A 471 24.02 -26.77 -4.10
CA HIS A 471 24.80 -27.13 -2.88
C HIS A 471 25.27 -28.58 -2.86
N PHE A 472 26.55 -28.79 -2.62
CA PHE A 472 27.08 -30.13 -2.62
C PHE A 472 26.31 -31.06 -1.70
N LEU A 473 25.86 -30.54 -0.57
CA LEU A 473 25.11 -31.33 0.44
C LEU A 473 23.72 -31.76 -0.10
N ASP A 474 23.09 -30.88 -0.91
CA ASP A 474 21.84 -31.20 -1.59
C ASP A 474 22.14 -32.47 -2.39
N PHE A 475 23.19 -32.38 -3.20
CA PHE A 475 23.57 -33.51 -4.02
C PHE A 475 23.95 -34.75 -3.22
N PHE A 476 24.77 -34.55 -2.20
CA PHE A 476 25.27 -35.66 -1.44
C PHE A 476 24.12 -36.47 -0.81
N THR A 477 23.17 -35.78 -0.19
CA THR A 477 22.02 -36.40 0.47
C THR A 477 21.16 -37.19 -0.47
N ARG A 478 20.80 -36.57 -1.57
CA ARG A 478 20.01 -37.22 -2.63
C ARG A 478 20.71 -38.47 -3.16
N GLN A 479 21.95 -38.32 -3.56
CA GLN A 479 22.68 -39.43 -4.08
C GLN A 479 23.00 -40.51 -3.05
N THR A 480 23.14 -40.17 -1.76
CA THR A 480 23.31 -41.19 -0.75
C THR A 480 21.98 -41.69 -0.16
N LYS A 481 20.85 -41.12 -0.58
CA LYS A 481 19.53 -41.51 -0.07
C LYS A 481 19.28 -41.35 1.43
N GLY A 482 20.06 -40.52 2.13
CA GLY A 482 19.79 -40.21 3.54
C GLY A 482 20.62 -41.08 4.45
N LYS A 483 21.22 -42.13 3.87
CA LYS A 483 21.99 -43.16 4.61
C LYS A 483 23.36 -42.71 5.18
N HIS A 484 23.85 -41.53 4.83
CA HIS A 484 25.03 -40.99 5.51
C HIS A 484 24.66 -39.61 6.07
N PRO A 485 24.18 -39.56 7.34
CA PRO A 485 23.82 -38.28 7.96
C PRO A 485 25.04 -37.40 8.03
N LEU A 486 24.82 -36.08 8.12
CA LEU A 486 25.83 -35.06 7.78
C LEU A 486 26.54 -34.50 8.99
N GLY A 487 26.13 -34.97 10.18
CA GLY A 487 26.72 -34.51 11.45
C GLY A 487 26.67 -33.00 11.62
N ASP A 488 27.83 -32.38 11.73
CA ASP A 488 27.91 -30.97 11.98
C ASP A 488 27.44 -30.11 10.79
N LEU A 489 27.31 -30.73 9.61
CA LEU A 489 26.91 -30.00 8.39
C LEU A 489 25.41 -30.15 8.07
N ALA A 490 24.66 -30.67 9.02
CA ALA A 490 23.26 -30.98 8.80
C ALA A 490 22.42 -29.74 8.56
N SER A 491 22.86 -28.57 9.01
CA SER A 491 22.07 -27.33 8.83
C SER A 491 22.63 -26.38 7.76
N HIS A 492 23.72 -26.78 7.14
CA HIS A 492 24.48 -25.88 6.29
C HIS A 492 23.73 -25.54 5.01
N GLN A 493 23.08 -26.54 4.40
CA GLN A 493 22.24 -26.30 3.22
C GLN A 493 21.11 -25.31 3.55
N GLU A 494 20.38 -25.57 4.63
CA GLU A 494 19.37 -24.61 5.06
C GLU A 494 20.00 -23.22 5.29
N ALA A 495 21.20 -23.14 5.87
CA ALA A 495 21.83 -21.83 6.14
C ALA A 495 22.10 -21.02 4.87
N LEU A 496 22.43 -21.66 3.75
CA LEU A 496 22.71 -20.96 2.51
C LEU A 496 21.44 -20.33 1.92
N GLN A 497 20.31 -20.99 2.16
CA GLN A 497 19.00 -20.44 1.76
C GLN A 497 18.64 -19.18 2.49
N GLU A 498 19.15 -19.02 3.69
CA GLU A 498 18.77 -17.90 4.52
C GLU A 498 19.56 -16.64 4.12
N GLY A 499 20.53 -16.77 3.21
CA GLY A 499 21.33 -15.62 2.82
C GLY A 499 20.54 -14.63 2.01
N THR A 500 21.16 -13.48 1.67
CA THR A 500 20.42 -12.42 0.97
C THR A 500 20.02 -12.76 -0.46
N SER A 501 20.74 -13.71 -1.07
CA SER A 501 20.80 -13.83 -2.54
C SER A 501 21.42 -15.16 -2.96
N ASN A 502 20.98 -15.73 -4.09
CA ASN A 502 21.61 -16.93 -4.61
C ASN A 502 22.80 -16.60 -5.47
N ARG A 503 23.03 -15.33 -5.68
CA ARG A 503 24.25 -14.83 -6.35
C ARG A 503 25.44 -14.70 -5.34
N LEU A 504 26.27 -15.73 -5.22
CA LEU A 504 27.34 -15.77 -4.22
C LEU A 504 28.65 -15.04 -4.64
N HIS A 505 29.26 -14.29 -3.73
N HIS A 505 29.25 -14.26 -3.75
CA HIS A 505 30.50 -13.54 -4.03
CA HIS A 505 30.47 -13.52 -4.12
C HIS A 505 31.61 -14.51 -4.38
C HIS A 505 31.61 -14.48 -4.37
N HIS A 506 32.46 -14.11 -5.32
CA HIS A 506 33.52 -15.01 -5.81
C HIS A 506 34.66 -15.23 -4.82
N LYS A 507 34.81 -14.32 -3.85
CA LYS A 507 35.78 -14.40 -2.80
C LYS A 507 35.07 -14.42 -1.45
N ASN A 508 35.84 -14.73 -0.42
CA ASN A 508 35.30 -14.92 0.88
C ASN A 508 35.76 -13.77 1.76
N GLU A 509 34.84 -12.84 2.03
CA GLU A 509 35.17 -11.64 2.77
C GLU A 509 35.53 -11.95 4.21
N VAL A 510 34.96 -13.02 4.76
CA VAL A 510 35.19 -13.35 6.17
C VAL A 510 36.62 -13.81 6.38
N VAL A 511 37.20 -14.43 5.37
CA VAL A 511 38.62 -14.76 5.40
C VAL A 511 39.39 -13.47 5.26
N ALA A 512 39.10 -12.64 4.28
CA ALA A 512 39.87 -11.40 4.07
C ALA A 512 39.87 -10.46 5.27
N GLN A 513 38.71 -10.33 5.90
CA GLN A 513 38.52 -9.46 7.09
C GLN A 513 39.38 -9.86 8.29
N GLY A 514 39.60 -11.18 8.45
CA GLY A 514 40.58 -11.72 9.39
C GLY A 514 41.98 -11.15 9.19
N TYR A 515 42.34 -10.76 7.95
CA TYR A 515 43.59 -9.97 7.75
C TYR A 515 43.40 -8.44 7.94
N GLU A 516 42.33 -7.86 7.41
CA GLU A 516 42.11 -6.38 7.51
C GLU A 516 42.00 -5.93 8.94
N LYS A 517 41.42 -6.77 9.79
CA LYS A 517 41.30 -6.42 11.21
C LYS A 517 42.67 -6.28 11.87
N LEU A 518 43.65 -7.05 11.42
CA LEU A 518 45.02 -6.95 11.96
C LEU A 518 45.65 -5.67 11.46
N ASP A 519 45.36 -5.30 10.22
CA ASP A 519 45.79 -3.99 9.70
C ASP A 519 45.09 -2.80 10.36
N GLN A 520 43.80 -2.91 10.65
CA GLN A 520 43.09 -1.79 11.25
C GLN A 520 43.62 -1.53 12.66
N PHE A 521 43.96 -2.63 13.35
CA PHE A 521 44.52 -2.56 14.69
C PHE A 521 45.86 -1.79 14.70
N LYS A 522 46.72 -2.10 13.75
CA LYS A 522 47.97 -1.38 13.55
C LYS A 522 47.71 0.12 13.35
N LYS A 523 46.73 0.46 12.53
CA LYS A 523 46.45 1.89 12.24
C LYS A 523 46.01 2.61 13.51
N GLU A 524 45.04 2.03 14.22
CA GLU A 524 44.61 2.59 15.49
C GLU A 524 45.79 2.85 16.40
N VAL A 525 46.66 1.85 16.59
CA VAL A 525 47.86 2.00 17.41
C VAL A 525 48.81 3.11 16.92
N VAL A 526 49.13 3.13 15.62
CA VAL A 526 50.02 4.18 15.06
C VAL A 526 49.47 5.61 15.30
N LYS A 527 48.16 5.75 15.10
CA LYS A 527 47.42 7.00 15.40
C LYS A 527 47.44 7.32 16.90
N LEU A 528 46.90 6.44 17.74
CA LEU A 528 46.83 6.76 19.18
C LEU A 528 48.20 7.06 19.81
N LEU A 529 49.28 6.62 19.19
CA LEU A 529 50.64 6.93 19.64
C LEU A 529 51.13 8.28 19.06
N ALA A 530 50.85 8.53 17.78
CA ALA A 530 51.21 9.79 17.13
C ALA A 530 50.44 10.96 17.76
N GLU A 531 49.26 10.65 18.30
CA GLU A 531 48.47 11.63 19.06
C GLU A 531 48.80 11.69 20.56
N ASN A 532 49.78 10.91 21.02
CA ASN A 532 50.27 10.98 22.40
C ASN A 532 49.22 10.83 23.53
N LYS A 533 48.14 10.10 23.24
CA LYS A 533 47.04 9.89 24.19
C LYS A 533 47.17 8.47 24.78
N PRO A 534 48.07 8.29 25.77
CA PRO A 534 48.39 6.96 26.31
C PRO A 534 47.27 6.25 27.07
N LYS A 535 46.38 6.98 27.73
CA LYS A 535 45.25 6.30 28.40
C LYS A 535 44.34 5.65 27.38
N GLU A 536 44.22 6.28 26.22
CA GLU A 536 43.33 5.80 25.19
C GLU A 536 43.88 4.53 24.56
N LEU A 537 45.22 4.51 24.41
CA LEU A 537 45.93 3.37 23.83
C LEU A 537 45.64 2.13 24.65
N LEU A 538 45.84 2.27 25.96
CA LEU A 538 45.60 1.17 26.87
C LEU A 538 44.14 0.71 26.82
N ASP A 539 43.20 1.65 26.69
CA ASP A 539 41.79 1.31 26.61
C ASP A 539 41.49 0.61 25.30
N TYR A 540 42.17 1.04 24.25
CA TYR A 540 42.06 0.37 22.98
C TYR A 540 42.51 -1.09 23.01
N LEU A 541 43.68 -1.31 23.58
CA LEU A 541 44.28 -2.62 23.67
C LEU A 541 43.45 -3.54 24.49
N VAL A 542 42.90 -3.02 25.58
CA VAL A 542 42.18 -3.82 26.55
C VAL A 542 40.70 -3.98 26.13
N ALA A 543 40.23 -3.14 25.21
CA ALA A 543 38.88 -3.23 24.68
C ALA A 543 38.75 -4.56 23.91
N THR A 544 37.59 -5.19 24.07
CA THR A 544 37.38 -6.57 23.66
C THR A 544 36.50 -6.52 22.44
N SER A 545 36.65 -7.51 21.54
CA SER A 545 35.83 -7.57 20.31
C SER A 545 34.50 -8.21 20.68
N PRO A 546 33.58 -8.47 19.70
CA PRO A 546 32.26 -9.09 20.11
C PRO A 546 32.39 -10.42 20.84
N THR A 547 33.38 -11.21 20.47
CA THR A 547 33.62 -12.48 21.15
C THR A 547 34.18 -12.27 22.54
N GLY A 548 34.40 -11.03 22.96
CA GLY A 548 35.12 -10.77 24.24
C GLY A 548 36.66 -10.84 24.25
N VAL A 549 37.30 -11.02 23.10
CA VAL A 549 38.76 -11.12 23.03
C VAL A 549 39.44 -9.74 23.00
N PRO A 550 40.42 -9.53 23.87
CA PRO A 550 41.12 -8.23 23.90
C PRO A 550 41.91 -7.90 22.63
N ASN A 551 41.87 -6.64 22.22
CA ASN A 551 42.46 -6.24 20.98
C ASN A 551 43.98 -6.50 20.97
N TYR A 552 44.61 -6.56 22.14
CA TYR A 552 46.03 -6.77 22.17
C TYR A 552 46.41 -8.16 21.69
N SER A 553 45.40 -9.02 21.50
CA SER A 553 45.59 -10.32 20.86
C SER A 553 46.24 -10.16 19.47
N MET A 554 46.08 -8.99 18.87
CA MET A 554 46.50 -8.74 17.51
C MET A 554 47.89 -8.09 17.42
N LEU A 555 48.59 -7.96 18.55
CA LEU A 555 49.97 -7.56 18.54
C LEU A 555 50.83 -8.49 17.65
N SER A 556 51.88 -7.90 17.04
CA SER A 556 52.87 -8.59 16.25
C SER A 556 54.13 -7.79 16.33
N LYS A 557 55.22 -8.29 15.77
CA LYS A 557 56.50 -7.61 15.95
C LYS A 557 56.36 -6.11 15.71
N GLU A 558 55.72 -5.72 14.63
CA GLU A 558 55.64 -4.31 14.29
C GLU A 558 54.91 -3.52 15.36
N THR A 559 53.76 -3.99 15.83
CA THR A 559 53.00 -3.18 16.78
C THR A 559 53.61 -3.17 18.16
N GLN A 560 54.16 -4.31 18.57
CA GLN A 560 54.83 -4.46 19.86
C GLN A 560 56.01 -3.50 19.89
N ASN A 561 56.78 -3.45 18.80
CA ASN A 561 57.98 -2.58 18.80
C ASN A 561 57.55 -1.11 18.80
N TYR A 562 56.49 -0.75 18.06
CA TYR A 562 56.01 0.66 18.06
C TYR A 562 55.67 1.12 19.47
N ILE A 563 54.97 0.27 20.20
CA ILE A 563 54.61 0.62 21.54
C ILE A 563 55.81 0.63 22.46
N ALA A 564 56.54 -0.49 22.53
CA ALA A 564 57.59 -0.64 23.55
C ALA A 564 58.68 0.44 23.43
N TYR A 565 59.06 0.75 22.18
CA TYR A 565 60.14 1.68 21.93
C TYR A 565 59.64 3.11 21.68
N ASN A 566 58.35 3.36 21.93
CA ASN A 566 57.82 4.69 21.66
C ASN A 566 58.26 5.68 22.73
N ARG A 567 58.21 6.95 22.35
CA ARG A 567 58.48 8.11 23.20
C ARG A 567 57.93 7.97 24.63
N ASN A 568 56.61 7.83 24.67
CA ASN A 568 55.79 7.93 25.86
C ASN A 568 55.57 6.56 26.50
N TRP A 569 56.38 5.56 26.15
CA TRP A 569 56.29 4.27 26.86
C TRP A 569 56.33 4.46 28.40
N PRO A 570 57.23 5.30 28.91
CA PRO A 570 57.17 5.52 30.38
C PRO A 570 55.77 5.97 30.84
N ALA A 571 55.21 6.93 30.10
CA ALA A 571 53.85 7.39 30.30
C ALA A 571 52.84 6.26 30.16
N ILE A 572 53.05 5.37 29.18
CA ILE A 572 52.13 4.23 28.99
C ILE A 572 52.24 3.29 30.18
N GLN A 573 53.47 3.10 30.69
CA GLN A 573 53.69 2.12 31.73
C GLN A 573 53.16 2.61 33.06
N LYS A 574 53.14 3.92 33.27
CA LYS A 574 52.54 4.50 34.49
C LYS A 574 51.06 4.18 34.55
N GLU A 575 50.38 4.37 33.43
CA GLU A 575 48.95 4.11 33.35
C GLU A 575 48.63 2.65 33.66
N LEU A 576 49.53 1.75 33.27
CA LEU A 576 49.28 0.31 33.37
C LEU A 576 49.21 -0.15 34.81
N GLU A 577 50.18 0.33 35.58
CA GLU A 577 50.32 -0.06 36.98
C GLU A 577 49.19 0.57 37.79
N LYS A 578 48.87 1.83 37.47
CA LYS A 578 47.90 2.62 38.25
C LYS A 578 46.46 2.59 37.70
N ALA A 579 46.04 1.46 37.07
CA ALA A 579 44.78 1.38 36.31
C ALA A 579 43.53 0.79 37.02
N THR A 580 43.71 -0.17 37.94
CA THR A 580 42.61 -0.65 38.81
C THR A 580 41.54 -1.45 38.09
N SER A 581 41.04 -0.92 36.97
CA SER A 581 40.02 -1.59 36.16
C SER A 581 40.54 -2.71 35.24
N ILE A 582 41.82 -2.71 34.91
CA ILE A 582 42.35 -3.77 34.05
C ILE A 582 42.64 -4.97 34.95
N PRO A 583 41.97 -6.12 34.69
CA PRO A 583 42.21 -7.34 35.46
C PRO A 583 43.67 -7.72 35.54
N GLU A 584 44.04 -8.45 36.59
CA GLU A 584 45.42 -8.82 36.82
C GLU A 584 45.98 -9.71 35.73
N SER A 585 45.14 -10.58 35.15
CA SER A 585 45.58 -11.42 34.04
C SER A 585 46.34 -10.60 33.00
N GLN A 586 45.81 -9.43 32.68
CA GLN A 586 46.16 -8.69 31.47
C GLN A 586 47.19 -7.60 31.74
N LYS A 587 47.22 -7.05 32.95
CA LYS A 587 48.34 -6.20 33.36
C LYS A 587 49.64 -7.00 33.10
N GLN A 588 49.77 -8.17 33.76
CA GLN A 588 50.98 -9.00 33.67
C GLN A 588 51.25 -9.46 32.24
N ASP A 589 50.19 -9.62 31.49
CA ASP A 589 50.29 -10.04 30.14
C ASP A 589 50.84 -8.91 29.26
N LEU A 590 50.20 -7.74 29.31
CA LEU A 590 50.70 -6.60 28.56
C LEU A 590 52.10 -6.23 28.99
N SER A 591 52.40 -6.41 30.27
CA SER A 591 53.70 -6.03 30.83
C SER A 591 54.83 -6.87 30.27
N ARG A 592 54.64 -8.19 30.21
CA ARG A 592 55.52 -9.07 29.42
C ARG A 592 55.78 -8.50 28.05
N LEU A 593 54.69 -8.21 27.34
CA LEU A 593 54.70 -7.89 25.93
C LEU A 593 55.31 -6.54 25.59
N LEU A 594 55.04 -5.55 26.43
CA LEU A 594 55.37 -4.18 26.09
C LEU A 594 56.51 -3.61 26.90
N SER A 595 56.86 -4.23 28.02
CA SER A 595 57.98 -3.71 28.82
C SER A 595 59.20 -4.58 28.62
N ARG A 596 60.23 -3.99 28.01
CA ARG A 596 61.54 -4.65 27.92
C ARG A 596 62.13 -5.13 29.27
N ASP A 597 61.77 -4.47 30.39
CA ASP A 597 62.26 -4.85 31.72
C ASP A 597 61.61 -6.10 32.28
N ASN A 598 60.47 -6.52 31.73
CA ASN A 598 59.83 -7.74 32.20
C ASN A 598 60.70 -9.01 32.00
N LEU A 599 60.82 -9.74 33.09
CA LEU A 599 61.45 -11.06 33.14
C LEU A 599 61.13 -11.98 31.96
N GLN A 600 59.88 -12.04 31.57
CA GLN A 600 59.40 -13.02 30.61
C GLN A 600 59.11 -12.33 29.27
N HIS A 601 59.69 -11.12 29.10
CA HIS A 601 59.52 -10.36 27.84
C HIS A 601 60.03 -11.20 26.69
N ASP A 602 59.27 -11.26 25.61
CA ASP A 602 59.76 -11.87 24.37
C ASP A 602 59.13 -11.18 23.16
N ASN A 603 59.74 -11.44 22.00
CA ASN A 603 59.36 -10.79 20.76
C ASN A 603 58.41 -11.59 19.95
N LEU A 604 57.30 -10.98 19.62
CA LEU A 604 56.38 -11.57 18.73
C LEU A 604 56.98 -11.52 17.31
N SER A 605 56.54 -12.46 16.48
CA SER A 605 56.95 -12.55 15.10
C SER A 605 56.25 -11.47 14.30
N ALA A 606 56.80 -11.10 13.17
CA ALA A 606 56.11 -10.16 12.26
C ALA A 606 55.05 -10.95 11.57
N ILE A 607 54.08 -10.29 10.94
CA ILE A 607 53.05 -11.05 10.24
C ILE A 607 52.90 -10.47 8.89
N THR A 608 52.76 -11.34 7.90
CA THR A 608 52.46 -10.87 6.57
C THR A 608 51.53 -11.82 5.81
N TRP A 609 51.06 -11.33 4.68
CA TRP A 609 50.12 -12.04 3.82
C TRP A 609 50.06 -11.37 2.44
N SER A 610 49.54 -12.12 1.47
CA SER A 610 49.20 -11.60 0.16
C SER A 610 47.83 -10.96 0.10
N LYS A 611 47.78 -9.67 -0.26
CA LYS A 611 46.49 -8.91 -0.54
C LYS A 611 45.71 -9.32 -1.82
N VAL B 4 3.68 29.10 8.16
CA VAL B 4 2.60 29.27 9.21
C VAL B 4 2.93 28.39 10.46
N ILE B 5 2.30 28.62 11.62
CA ILE B 5 2.75 27.90 12.86
C ILE B 5 2.27 26.39 13.00
N ASN B 6 2.41 25.69 11.87
CA ASN B 6 2.96 24.34 11.80
C ASN B 6 4.52 24.41 11.64
N MET B 7 5.14 25.45 12.21
CA MET B 7 6.58 25.53 12.36
C MET B 7 7.10 24.36 13.21
N VAL B 8 8.12 23.67 12.70
CA VAL B 8 8.81 22.60 13.38
C VAL B 8 10.32 22.96 13.51
N ASP B 9 10.84 22.84 14.74
CA ASP B 9 12.18 23.29 15.09
C ASP B 9 13.23 22.36 14.47
N VAL B 10 13.33 22.43 13.15
CA VAL B 10 14.26 21.63 12.42
C VAL B 10 14.88 22.44 11.31
N ILE B 11 16.21 22.38 11.24
CA ILE B 11 16.96 22.99 10.17
C ILE B 11 16.93 21.98 9.06
N LYS B 12 16.49 22.41 7.88
CA LYS B 12 16.57 21.61 6.65
C LYS B 12 17.66 22.26 5.82
N PHE B 13 18.81 21.58 5.72
CA PHE B 13 19.88 22.07 4.88
C PHE B 13 19.49 21.98 3.41
N LYS B 14 19.77 23.07 2.67
CA LYS B 14 19.38 23.15 1.28
C LYS B 14 20.52 22.95 0.28
N GLU B 15 21.79 23.16 0.68
CA GLU B 15 22.89 23.10 -0.28
C GLU B 15 22.94 21.72 -0.89
N PRO B 16 22.77 21.62 -2.22
CA PRO B 16 22.79 20.25 -2.80
C PRO B 16 24.20 19.81 -3.05
N GLU B 17 24.35 18.53 -3.26
CA GLU B 17 25.67 18.03 -3.46
C GLU B 17 26.10 18.10 -4.94
N ARG B 18 25.24 18.60 -5.80
CA ARG B 18 25.48 18.64 -7.22
C ARG B 18 24.80 19.90 -7.76
N CYS B 19 25.47 20.60 -8.65
CA CYS B 19 24.92 21.73 -9.38
C CYS B 19 25.58 21.78 -10.77
N ASP B 20 24.81 22.07 -11.80
CA ASP B 20 25.37 22.12 -13.11
C ASP B 20 26.57 23.06 -13.18
N TYR B 21 27.64 22.60 -13.83
CA TYR B 21 28.83 23.41 -14.10
C TYR B 21 29.73 23.66 -12.96
N LEU B 22 29.42 23.09 -11.80
CA LEU B 22 30.13 23.39 -10.59
C LEU B 22 30.85 22.20 -10.01
N TYR B 23 32.13 22.35 -9.76
CA TYR B 23 32.94 21.31 -9.19
C TYR B 23 33.66 21.90 -7.99
N VAL B 24 33.55 21.27 -6.84
CA VAL B 24 34.24 21.74 -5.64
C VAL B 24 35.33 20.76 -5.35
N ASP B 25 36.57 21.23 -5.22
CA ASP B 25 37.68 20.27 -5.02
C ASP B 25 37.91 19.96 -3.54
N GLU B 26 38.81 19.04 -3.24
CA GLU B 26 38.99 18.54 -1.89
C GLU B 26 39.42 19.65 -0.92
N ASN B 27 40.01 20.73 -1.41
CA ASN B 27 40.36 21.87 -0.54
C ASN B 27 39.29 22.93 -0.50
N ASN B 28 38.09 22.55 -0.94
CA ASN B 28 36.92 23.41 -0.99
C ASN B 28 37.05 24.59 -1.93
N LYS B 29 37.88 24.47 -2.98
CA LYS B 29 37.88 25.51 -4.05
C LYS B 29 36.75 25.23 -5.01
N VAL B 30 36.04 26.27 -5.37
CA VAL B 30 34.97 26.14 -6.30
C VAL B 30 35.51 26.41 -7.72
N HIS B 31 35.13 25.55 -8.67
CA HIS B 31 35.52 25.66 -10.07
C HIS B 31 34.28 25.61 -10.96
N ILE B 32 34.13 26.58 -11.86
CA ILE B 32 33.06 26.55 -12.80
C ILE B 32 33.63 26.06 -14.12
N LEU B 33 32.99 25.05 -14.71
CA LEU B 33 33.46 24.45 -15.94
C LEU B 33 32.58 24.96 -17.07
N LEU B 34 33.21 25.75 -17.93
CA LEU B 34 32.59 26.21 -19.19
C LEU B 34 32.56 25.09 -20.23
N PRO B 35 31.37 24.65 -20.64
CA PRO B 35 31.26 23.54 -21.59
C PRO B 35 31.49 23.95 -23.02
N ILE B 36 32.01 23.03 -23.81
CA ILE B 36 32.31 23.27 -25.20
C ILE B 36 31.31 22.51 -26.03
N VAL B 37 31.22 21.21 -25.79
CA VAL B 37 30.16 20.36 -26.38
C VAL B 37 29.74 19.28 -25.37
N GLY B 38 28.60 18.66 -25.59
CA GLY B 38 28.19 17.54 -24.76
C GLY B 38 29.00 16.33 -25.09
N GLY B 39 29.25 15.50 -24.08
CA GLY B 39 29.92 14.22 -24.19
C GLY B 39 30.86 13.96 -23.03
N ASP B 40 31.53 12.81 -23.10
CA ASP B 40 32.57 12.43 -22.15
C ASP B 40 33.96 12.53 -22.79
N GLU B 41 34.23 11.67 -23.76
CA GLU B 41 35.46 11.76 -24.48
C GLU B 41 35.19 12.34 -25.84
N ILE B 42 34.15 11.85 -26.51
CA ILE B 42 33.84 12.35 -27.81
C ILE B 42 32.61 13.17 -27.77
N GLY B 43 32.71 14.32 -28.39
CA GLY B 43 31.60 15.24 -28.40
C GLY B 43 30.43 14.73 -29.21
N LEU B 44 29.26 14.87 -28.67
CA LEU B 44 28.03 14.43 -29.30
C LEU B 44 27.46 15.53 -30.13
N ASP B 45 27.95 16.76 -29.96
CA ASP B 45 27.49 17.91 -30.76
C ASP B 45 28.57 18.26 -31.79
N ASN B 46 28.13 18.64 -32.98
CA ASN B 46 29.03 19.05 -34.05
C ASN B 46 28.30 19.95 -35.05
N THR B 47 29.05 20.47 -35.99
CA THR B 47 28.51 21.38 -37.01
C THR B 47 27.56 22.41 -36.43
N CYS B 48 26.35 22.54 -36.95
CA CYS B 48 25.41 23.61 -36.52
C CYS B 48 25.00 23.60 -35.05
N GLN B 49 25.09 22.47 -34.38
CA GLN B 49 24.70 22.37 -33.00
C GLN B 49 25.85 22.47 -32.02
N THR B 50 27.04 22.76 -32.55
CA THR B 50 28.23 22.82 -31.70
C THR B 50 28.01 23.80 -30.58
N ALA B 51 27.36 24.92 -30.85
CA ALA B 51 27.21 25.99 -29.82
C ALA B 51 26.17 25.75 -28.74
N VAL B 52 25.49 24.62 -28.73
CA VAL B 52 24.35 24.42 -27.86
C VAL B 52 24.66 24.51 -26.36
N GLU B 53 25.72 23.86 -25.94
CA GLU B 53 26.12 23.96 -24.56
C GLU B 53 26.40 25.40 -24.12
N LEU B 54 27.08 26.14 -24.97
CA LEU B 54 27.40 27.50 -24.63
C LEU B 54 26.13 28.37 -24.61
N ILE B 55 25.25 28.16 -25.58
CA ILE B 55 23.97 28.85 -25.59
C ILE B 55 23.35 28.67 -24.19
N THR B 56 23.27 27.43 -23.68
CA THR B 56 22.59 27.20 -22.43
C THR B 56 23.38 27.83 -21.27
N PHE B 57 24.70 27.65 -21.25
CA PHE B 57 25.53 28.20 -20.19
C PHE B 57 25.22 29.68 -19.97
N PHE B 58 25.29 30.49 -21.02
CA PHE B 58 25.18 31.94 -20.92
C PHE B 58 23.74 32.47 -20.95
N TYR B 59 22.82 31.71 -21.54
CA TYR B 59 21.44 32.17 -21.72
C TYR B 59 20.32 31.19 -21.31
N GLY B 60 20.63 29.97 -20.93
CA GLY B 60 19.58 28.99 -20.65
C GLY B 60 19.00 28.64 -22.01
N SER B 61 18.13 27.64 -22.09
CA SER B 61 17.53 27.18 -23.34
C SER B 61 16.48 26.13 -23.05
N ALA B 62 15.61 25.92 -24.03
CA ALA B 62 14.53 24.88 -23.94
C ALA B 62 14.92 23.66 -24.75
N HIS B 63 15.00 22.51 -24.08
CA HIS B 63 15.36 21.23 -24.75
C HIS B 63 14.36 20.11 -24.50
N SER B 64 13.85 19.54 -25.60
CA SER B 64 12.74 18.60 -25.49
C SER B 64 11.61 19.18 -24.65
N GLY B 65 11.39 20.51 -24.78
CA GLY B 65 10.36 21.24 -23.94
C GLY B 65 10.57 21.24 -22.42
N VAL B 66 11.79 20.90 -21.96
CA VAL B 66 12.23 21.13 -20.56
C VAL B 66 13.24 22.29 -20.52
N THR B 67 13.00 23.25 -19.63
CA THR B 67 13.86 24.41 -19.56
C THR B 67 15.19 24.06 -18.91
N LYS B 68 16.29 24.47 -19.53
CA LYS B 68 17.58 24.48 -18.88
C LYS B 68 17.96 25.92 -18.56
N TYR B 69 18.53 26.16 -17.38
CA TYR B 69 18.78 27.54 -16.94
C TYR B 69 20.23 27.93 -17.13
N SER B 70 20.50 29.21 -17.29
CA SER B 70 21.85 29.67 -17.40
C SER B 70 22.75 29.30 -16.21
N ALA B 71 24.06 29.33 -16.40
CA ALA B 71 24.97 29.18 -15.27
C ALA B 71 24.63 30.22 -14.19
N GLU B 72 24.47 31.46 -14.62
CA GLU B 72 24.17 32.56 -13.69
C GLU B 72 22.94 32.31 -12.79
N HIS B 73 21.89 31.82 -13.40
CA HIS B 73 20.67 31.54 -12.71
C HIS B 73 20.94 30.42 -11.71
N GLN B 74 21.58 29.34 -12.18
CA GLN B 74 21.84 28.18 -11.33
C GLN B 74 22.78 28.44 -10.17
N LEU B 75 23.77 29.29 -10.37
CA LEU B 75 24.65 29.62 -9.32
C LEU B 75 23.99 30.55 -8.31
N SER B 76 23.09 31.41 -8.77
CA SER B 76 22.33 32.31 -7.91
C SER B 76 21.41 31.51 -7.02
N GLU B 77 20.75 30.52 -7.59
CA GLU B 77 19.95 29.63 -6.78
C GLU B 77 20.85 28.91 -5.72
N TYR B 78 22.03 28.49 -6.13
CA TYR B 78 22.88 27.75 -5.22
C TYR B 78 23.36 28.67 -4.10
N LYS B 79 23.60 29.94 -4.47
CA LYS B 79 23.97 30.95 -3.53
C LYS B 79 22.86 31.15 -2.53
N ARG B 80 21.62 31.23 -3.00
CA ARG B 80 20.47 31.42 -2.11
C ARG B 80 20.43 30.30 -1.04
N GLN B 81 20.66 29.06 -1.47
CA GLN B 81 20.55 27.87 -0.64
C GLN B 81 21.62 27.88 0.38
N LEU B 82 22.81 28.33 -0.04
CA LEU B 82 23.92 28.47 0.85
C LEU B 82 23.59 29.52 1.95
N GLU B 83 22.99 30.63 1.57
CA GLU B 83 22.64 31.64 2.55
C GLU B 83 21.58 31.17 3.55
N GLU B 84 20.57 30.45 3.07
CA GLU B 84 19.60 29.77 3.99
C GLU B 84 20.29 28.83 4.95
N ASP B 85 21.23 28.03 4.49
CA ASP B 85 21.98 27.17 5.41
C ASP B 85 22.81 27.96 6.42
N ILE B 86 23.43 29.04 5.98
CA ILE B 86 24.23 29.87 6.85
C ILE B 86 23.36 30.54 7.87
N LYS B 87 22.23 31.09 7.46
CA LYS B 87 21.34 31.71 8.42
C LYS B 87 20.77 30.65 9.42
N ALA B 88 20.50 29.43 8.97
CA ALA B 88 19.97 28.37 9.87
C ALA B 88 21.04 28.01 10.93
N ILE B 89 22.27 27.87 10.49
CA ILE B 89 23.36 27.54 11.41
C ILE B 89 23.54 28.63 12.45
N ASN B 90 23.60 29.88 11.97
CA ASN B 90 23.74 31.01 12.85
C ASN B 90 22.65 31.13 13.92
N SER B 91 21.45 30.71 13.58
CA SER B 91 20.37 30.81 14.52
C SER B 91 20.62 29.88 15.72
N GLN B 92 21.54 28.93 15.62
CA GLN B 92 21.85 28.05 16.73
C GLN B 92 22.90 28.67 17.65
N LYS B 93 23.58 29.73 17.18
CA LYS B 93 24.71 30.26 17.90
C LYS B 93 24.38 30.76 19.31
N LYS B 94 23.19 31.30 19.50
CA LYS B 94 22.75 31.75 20.82
C LYS B 94 22.52 30.57 21.79
N ILE B 95 22.51 29.35 21.24
CA ILE B 95 22.37 28.16 22.04
C ILE B 95 23.75 27.58 22.20
N SER B 96 24.50 27.51 21.13
CA SER B 96 25.83 26.94 21.19
C SER B 96 26.81 27.78 20.34
N PRO B 97 27.72 28.45 21.01
CA PRO B 97 28.58 29.40 20.31
C PRO B 97 29.36 28.78 19.13
N HIS B 98 29.75 27.52 19.29
CA HIS B 98 30.55 26.85 18.30
C HIS B 98 29.72 25.94 17.36
N ALA B 99 28.38 26.06 17.38
CA ALA B 99 27.56 25.15 16.58
C ALA B 99 28.05 25.11 15.13
N TYR B 100 28.30 23.90 14.64
CA TYR B 100 28.69 23.66 13.24
C TYR B 100 29.85 24.51 12.66
N ASP B 101 30.77 24.93 13.51
CA ASP B 101 31.89 25.79 13.08
C ASP B 101 32.60 25.34 11.74
N ASP B 102 32.89 24.07 11.58
CA ASP B 102 33.52 23.61 10.35
C ASP B 102 32.53 23.79 9.17
N LEU B 103 31.32 23.23 9.31
CA LEU B 103 30.40 23.29 8.22
C LEU B 103 30.11 24.77 7.82
N LEU B 104 29.94 25.63 8.82
CA LEU B 104 29.67 27.05 8.59
C LEU B 104 30.77 27.63 7.71
N LYS B 105 32.01 27.35 8.08
CA LYS B 105 33.15 27.98 7.42
C LYS B 105 33.20 27.48 5.97
N GLU B 106 33.02 26.19 5.79
CA GLU B 106 33.09 25.62 4.49
C GLU B 106 32.03 26.19 3.60
N LYS B 107 30.81 26.34 4.14
CA LYS B 107 29.71 26.94 3.38
C LYS B 107 30.00 28.40 3.00
N ILE B 108 30.56 29.17 3.92
CA ILE B 108 30.85 30.61 3.67
C ILE B 108 31.92 30.74 2.58
N GLU B 109 33.00 29.97 2.70
CA GLU B 109 33.98 29.84 1.66
C GLU B 109 33.39 29.57 0.30
N ARG B 110 32.47 28.62 0.20
CA ARG B 110 31.90 28.33 -1.09
C ARG B 110 31.08 29.51 -1.54
N LEU B 111 30.37 30.14 -0.61
CA LEU B 111 29.48 31.26 -0.96
C LEU B 111 30.27 32.41 -1.52
N GLN B 112 31.37 32.72 -0.89
CA GLN B 112 32.11 33.89 -1.31
C GLN B 112 32.70 33.68 -2.70
N GLN B 113 33.12 32.44 -2.99
CA GLN B 113 33.69 32.14 -4.30
C GLN B 113 32.62 32.17 -5.38
N ILE B 114 31.44 31.61 -5.04
CA ILE B 114 30.31 31.56 -5.96
C ILE B 114 29.80 32.95 -6.38
N GLU B 115 29.92 33.92 -5.49
CA GLU B 115 29.47 35.30 -5.72
C GLU B 115 30.39 35.95 -6.70
N LYS B 116 31.69 35.67 -6.58
CA LYS B 116 32.67 36.20 -7.52
C LYS B 116 32.44 35.66 -8.90
N TYR B 117 32.25 34.35 -9.02
CA TYR B 117 32.00 33.79 -10.32
C TYR B 117 30.76 34.44 -10.89
N ILE B 118 29.70 34.61 -10.08
CA ILE B 118 28.46 35.23 -10.60
C ILE B 118 28.77 36.65 -11.09
N GLU B 119 29.59 37.35 -10.35
CA GLU B 119 30.07 38.68 -10.76
C GLU B 119 30.86 38.61 -12.06
N LEU B 120 31.75 37.62 -12.21
CA LEU B 120 32.63 37.58 -13.38
C LEU B 120 31.82 37.36 -14.68
N ILE B 121 30.81 36.51 -14.61
CA ILE B 121 29.99 36.26 -15.76
C ILE B 121 29.24 37.55 -16.20
N GLN B 122 28.64 38.20 -15.21
CA GLN B 122 27.88 39.44 -15.42
C GLN B 122 28.75 40.46 -16.12
N VAL B 123 29.93 40.66 -15.61
CA VAL B 123 30.87 41.64 -16.16
C VAL B 123 31.38 41.24 -17.53
N LEU B 124 31.55 39.95 -17.74
CA LEU B 124 31.94 39.46 -19.05
C LEU B 124 30.88 39.84 -20.09
N LYS B 125 29.62 39.60 -19.76
CA LYS B 125 28.49 40.01 -20.64
C LYS B 125 28.30 41.57 -20.75
N LYS B 126 28.38 42.30 -19.64
CA LYS B 126 28.17 43.77 -19.67
C LYS B 126 29.37 44.42 -20.33
N GLN B 127 30.57 44.13 -19.86
CA GLN B 127 31.72 44.96 -20.19
C GLN B 127 32.62 44.52 -21.34
N TYR B 128 32.78 43.21 -21.51
CA TYR B 128 33.80 42.65 -22.33
C TYR B 128 33.26 41.77 -23.46
N ASP B 129 32.14 42.17 -24.03
CA ASP B 129 31.58 41.55 -25.18
C ASP B 129 31.33 42.58 -26.26
N GLU B 130 32.29 43.48 -26.44
CA GLU B 130 32.07 44.59 -27.36
C GLU B 130 31.97 44.05 -28.78
N GLN B 131 32.74 43.03 -29.12
CA GLN B 131 32.67 42.43 -30.46
C GLN B 131 31.51 41.41 -30.60
N ASN B 132 30.65 41.31 -29.58
CA ASN B 132 29.44 40.45 -29.60
C ASN B 132 29.70 38.96 -29.75
N ASP B 133 30.88 38.55 -29.31
CA ASP B 133 31.30 37.20 -29.39
C ASP B 133 30.40 36.23 -28.60
N ILE B 134 29.83 36.69 -27.49
CA ILE B 134 29.01 35.85 -26.65
C ILE B 134 27.58 36.11 -27.08
N ARG B 135 27.23 37.37 -27.23
CA ARG B 135 25.94 37.73 -27.78
C ARG B 135 25.50 36.91 -29.02
N GLN B 136 26.40 36.72 -29.99
CA GLN B 136 26.03 36.01 -31.22
C GLN B 136 25.54 34.57 -30.98
N LEU B 137 25.85 34.00 -29.82
CA LEU B 137 25.27 32.70 -29.43
C LEU B 137 23.77 32.79 -29.50
N ARG B 138 23.21 33.90 -29.00
CA ARG B 138 21.73 34.13 -28.99
C ARG B 138 21.24 34.58 -30.36
N THR B 139 22.07 35.23 -31.15
CA THR B 139 21.58 35.84 -32.40
C THR B 139 21.95 35.28 -33.80
N GLY B 140 21.14 35.70 -34.80
CA GLY B 140 21.55 35.95 -36.25
C GLY B 140 22.34 34.94 -37.11
N GLY B 141 22.05 33.66 -36.94
CA GLY B 141 22.63 32.68 -37.86
C GLY B 141 23.13 31.58 -37.02
N ILE B 142 23.67 30.56 -37.64
CA ILE B 142 24.33 29.46 -36.95
C ILE B 142 25.57 29.94 -36.14
N PRO B 143 25.46 29.97 -34.81
CA PRO B 143 26.51 30.55 -34.01
C PRO B 143 27.88 29.84 -34.07
N GLN B 144 28.88 30.63 -33.74
CA GLN B 144 30.29 30.28 -33.82
C GLN B 144 30.66 29.96 -32.36
N LEU B 145 31.69 29.14 -32.12
CA LEU B 145 32.30 29.12 -30.80
C LEU B 145 32.92 30.50 -30.58
N PRO B 146 32.91 31.03 -29.36
CA PRO B 146 33.55 32.30 -29.08
C PRO B 146 35.03 32.17 -29.14
N SER B 147 35.72 33.26 -29.51
CA SER B 147 37.15 33.21 -29.81
C SER B 147 38.01 32.67 -28.64
N GLY B 148 37.61 32.98 -27.42
CA GLY B 148 38.34 32.50 -26.26
C GLY B 148 38.29 31.00 -26.13
N VAL B 149 37.15 30.39 -26.44
CA VAL B 149 37.06 28.92 -26.48
C VAL B 149 37.88 28.37 -27.63
N LYS B 150 37.91 29.05 -28.77
CA LYS B 150 38.74 28.56 -29.90
C LYS B 150 40.21 28.53 -29.56
N GLU B 151 40.68 29.57 -28.88
CA GLU B 151 42.07 29.60 -28.45
C GLU B 151 42.45 28.55 -27.41
N ILE B 152 41.50 28.26 -26.51
CA ILE B 152 41.64 27.20 -25.55
C ILE B 152 41.76 25.97 -26.38
N ILE B 153 40.96 25.85 -27.45
CA ILE B 153 41.03 24.61 -28.22
C ILE B 153 42.36 24.47 -28.93
N LYS B 154 42.72 25.53 -29.65
CA LYS B 154 43.99 25.62 -30.36
C LYS B 154 45.19 25.27 -29.46
N SER B 155 45.15 25.69 -28.19
CA SER B 155 46.18 25.41 -27.20
C SER B 155 46.20 24.05 -26.52
N SER B 156 45.14 23.29 -26.65
CA SER B 156 44.99 22.11 -25.84
C SER B 156 46.04 21.09 -26.17
N GLU B 157 46.57 20.45 -25.16
CA GLU B 157 47.42 19.28 -25.35
C GLU B 157 46.69 17.97 -25.29
N ASN B 158 45.46 17.96 -24.73
CA ASN B 158 44.72 16.69 -24.49
C ASN B 158 43.39 16.53 -25.24
N ALA B 159 42.95 17.59 -25.94
CA ALA B 159 41.74 17.53 -26.77
C ALA B 159 41.94 18.04 -28.19
N PHE B 160 41.35 17.37 -29.18
CA PHE B 160 41.53 17.68 -30.61
C PHE B 160 40.29 17.48 -31.49
N ALA B 161 40.05 18.43 -32.39
CA ALA B 161 38.97 18.25 -33.37
C ALA B 161 39.57 17.48 -34.50
N VAL B 162 38.73 16.73 -35.17
CA VAL B 162 39.09 15.99 -36.34
C VAL B 162 38.05 16.32 -37.42
N ARG B 163 38.48 16.54 -38.65
CA ARG B 163 37.54 16.81 -39.74
C ARG B 163 37.61 15.75 -40.86
N LEU B 164 36.44 15.22 -41.22
CA LEU B 164 36.27 14.10 -42.13
C LEU B 164 35.54 14.47 -43.41
N SER B 165 35.43 13.49 -44.33
CA SER B 165 34.81 13.67 -45.64
C SER B 165 33.68 12.68 -45.89
N PRO B 166 32.48 13.03 -45.45
CA PRO B 166 31.25 12.41 -45.86
C PRO B 166 30.86 12.94 -47.21
N TYR B 167 30.25 12.07 -48.00
CA TYR B 167 29.78 12.41 -49.29
C TYR B 167 29.01 13.69 -49.27
N ASP B 168 28.00 13.74 -48.42
CA ASP B 168 27.09 14.87 -48.37
C ASP B 168 27.57 15.71 -47.23
N ASN B 169 28.60 16.54 -47.47
CA ASN B 169 29.21 17.32 -46.41
C ASN B 169 28.41 18.56 -46.02
N ASP B 170 28.55 18.97 -44.78
CA ASP B 170 27.92 20.15 -44.25
C ASP B 170 29.01 21.18 -44.12
N LYS B 171 28.93 22.28 -44.86
CA LYS B 171 29.91 23.38 -44.70
C LYS B 171 29.94 24.03 -43.34
N PHE B 172 28.92 23.77 -42.51
CA PHE B 172 28.83 24.54 -41.27
C PHE B 172 29.61 23.83 -40.18
N THR B 173 30.83 23.43 -40.49
CA THR B 173 31.75 22.96 -39.47
C THR B 173 32.00 24.12 -38.51
N ARG B 174 32.30 23.79 -37.28
CA ARG B 174 32.48 24.76 -36.28
C ARG B 174 33.76 24.57 -35.48
N PHE B 175 34.56 23.53 -35.78
CA PHE B 175 35.93 23.42 -35.23
C PHE B 175 36.99 23.73 -36.27
N ASP B 176 37.69 24.82 -36.06
CA ASP B 176 38.56 25.32 -37.05
C ASP B 176 40.03 24.99 -36.89
N ASP B 177 40.45 24.31 -35.83
CA ASP B 177 41.84 23.89 -35.79
C ASP B 177 41.96 22.41 -35.66
N PRO B 178 41.35 21.66 -36.57
CA PRO B 178 41.49 20.22 -36.40
C PRO B 178 42.89 19.67 -36.63
N LEU B 179 43.19 18.62 -35.90
CA LEU B 179 44.47 17.95 -35.95
C LEU B 179 44.52 17.20 -37.24
N PHE B 180 43.39 16.53 -37.51
CA PHE B 180 43.21 15.68 -38.70
C PHE B 180 42.18 16.32 -39.59
N ASN B 181 42.46 16.33 -40.89
CA ASN B 181 41.74 17.15 -41.84
C ASN B 181 41.98 16.55 -43.21
N VAL B 182 40.92 16.29 -43.95
CA VAL B 182 41.03 15.81 -45.31
C VAL B 182 40.17 16.59 -46.26
N LYS B 183 40.49 16.46 -47.53
CA LYS B 183 39.75 17.14 -48.56
C LYS B 183 38.27 16.81 -48.55
N ARG B 184 37.46 17.81 -48.89
CA ARG B 184 35.98 17.63 -48.82
C ARG B 184 35.26 17.98 -50.12
N ASN B 185 34.08 17.41 -50.33
CA ASN B 185 33.24 17.81 -51.48
C ASN B 185 32.77 19.27 -51.32
N ILE B 186 32.25 19.87 -52.38
CA ILE B 186 31.62 21.14 -52.26
C ILE B 186 30.24 20.84 -51.66
N SER B 187 29.97 21.35 -50.46
CA SER B 187 28.69 21.17 -49.79
C SER B 187 27.52 21.62 -50.65
N LYS B 188 26.40 20.93 -50.48
CA LYS B 188 25.18 21.26 -51.19
C LYS B 188 24.75 22.67 -50.86
N TYR B 189 25.16 23.11 -49.69
CA TYR B 189 24.81 24.43 -49.25
C TYR B 189 25.66 25.51 -49.96
N ASP B 190 26.71 25.14 -50.67
CA ASP B 190 27.44 26.05 -51.56
C ASP B 190 27.04 25.85 -53.04
N THR B 191 25.78 25.48 -53.27
CA THR B 191 25.21 25.34 -54.60
C THR B 191 23.88 26.08 -54.70
N PRO B 192 23.52 26.55 -55.89
CA PRO B 192 22.31 27.38 -55.95
C PRO B 192 21.08 26.74 -55.31
N SER B 193 20.80 25.47 -55.59
CA SER B 193 19.52 24.86 -55.17
C SER B 193 19.60 24.12 -53.86
N ARG B 194 20.80 24.00 -53.31
CA ARG B 194 20.98 23.48 -51.97
C ARG B 194 20.68 22.00 -51.81
N GLN B 195 20.70 21.25 -52.89
CA GLN B 195 20.17 19.90 -52.87
C GLN B 195 21.23 18.77 -52.89
N ALA B 196 22.33 18.93 -53.64
CA ALA B 196 23.28 17.85 -53.84
C ALA B 196 24.71 18.39 -53.78
N PRO B 197 25.66 17.64 -53.14
CA PRO B 197 27.08 18.07 -53.10
C PRO B 197 27.72 18.08 -54.49
N ILE B 198 28.79 18.84 -54.65
CA ILE B 198 29.60 18.67 -55.83
C ILE B 198 30.84 17.88 -55.43
N PRO B 199 30.91 16.65 -55.94
CA PRO B 199 31.98 15.74 -55.64
C PRO B 199 33.29 16.15 -56.31
N ILE B 200 34.35 16.19 -55.52
CA ILE B 200 35.70 16.33 -56.01
C ILE B 200 36.08 14.89 -56.31
N TYR B 201 37.03 14.71 -57.19
CA TYR B 201 37.48 13.38 -57.58
C TYR B 201 38.97 13.22 -57.28
N GLU B 202 39.39 13.64 -56.10
CA GLU B 202 40.71 13.38 -55.57
C GLU B 202 40.66 13.22 -54.02
N GLY B 203 41.67 12.67 -53.40
CA GLY B 203 41.67 12.56 -51.95
C GLY B 203 41.13 11.28 -51.40
N LEU B 204 41.33 11.10 -50.10
CA LEU B 204 40.99 9.88 -49.35
C LEU B 204 39.52 9.49 -49.42
N GLY B 205 38.68 10.46 -49.16
CA GLY B 205 37.23 10.26 -49.16
C GLY B 205 36.75 9.66 -50.45
N TYR B 206 37.04 10.38 -51.55
CA TYR B 206 36.73 9.90 -52.89
C TYR B 206 37.22 8.48 -53.19
N ARG B 207 38.48 8.23 -52.88
CA ARG B 207 39.06 6.93 -53.21
C ARG B 207 38.38 5.81 -52.44
N LEU B 208 38.12 6.03 -51.13
CA LEU B 208 37.37 5.06 -50.35
C LEU B 208 35.97 4.75 -50.95
N ARG B 209 35.20 5.80 -51.24
CA ARG B 209 33.85 5.56 -51.76
C ARG B 209 33.83 4.94 -53.13
N SER B 210 34.65 5.47 -54.02
CA SER B 210 34.70 4.99 -55.39
C SER B 210 35.22 3.56 -55.45
N THR B 211 36.21 3.22 -54.61
CA THR B 211 36.75 1.86 -54.59
C THR B 211 35.73 0.86 -53.96
N LEU B 212 35.10 1.27 -52.85
CA LEU B 212 34.27 0.34 -52.08
C LEU B 212 32.94 -0.01 -52.75
N PHE B 213 32.32 0.98 -53.41
CA PHE B 213 31.20 0.74 -54.34
C PHE B 213 31.45 1.51 -55.67
N PRO B 214 31.94 0.82 -56.73
CA PRO B 214 32.41 1.55 -57.93
C PRO B 214 31.30 2.05 -58.83
N GLU B 215 31.64 2.93 -59.76
CA GLU B 215 30.62 3.54 -60.59
C GLU B 215 29.87 2.51 -61.45
N ASP B 216 30.53 1.42 -61.84
CA ASP B 216 29.84 0.32 -62.51
C ASP B 216 28.91 -0.53 -61.61
N LYS B 217 28.78 -0.14 -60.35
CA LYS B 217 27.77 -0.70 -59.42
C LYS B 217 27.98 -2.15 -58.98
N THR B 218 29.20 -2.65 -59.05
CA THR B 218 29.47 -4.02 -58.68
C THR B 218 29.71 -4.14 -57.14
N PRO B 219 28.96 -5.04 -56.47
CA PRO B 219 29.05 -5.01 -54.99
C PRO B 219 30.44 -5.42 -54.50
N THR B 220 30.84 -4.95 -53.33
CA THR B 220 32.03 -5.52 -52.68
C THR B 220 31.57 -6.54 -51.62
N PRO B 221 31.87 -7.84 -51.80
CA PRO B 221 31.36 -8.76 -50.79
C PRO B 221 32.13 -8.55 -49.49
N ILE B 222 31.41 -8.60 -48.37
CA ILE B 222 32.01 -8.61 -47.04
C ILE B 222 31.90 -10.06 -46.55
N ASN B 223 33.01 -10.78 -46.44
CA ASN B 223 32.96 -12.20 -46.05
C ASN B 223 33.54 -12.37 -44.68
N LYS B 224 32.79 -11.94 -43.68
CA LYS B 224 33.23 -12.01 -42.30
C LYS B 224 32.85 -13.33 -41.73
N LYS B 225 33.83 -14.05 -41.18
CA LYS B 225 33.58 -15.33 -40.54
C LYS B 225 33.81 -15.30 -39.04
N SER B 226 33.08 -16.16 -38.33
CA SER B 226 33.35 -16.45 -36.91
C SER B 226 34.74 -17.01 -36.84
N LEU B 227 35.39 -16.86 -35.69
CA LEU B 227 36.69 -17.54 -35.42
C LEU B 227 36.61 -19.01 -35.81
N ARG B 228 35.56 -19.67 -35.36
CA ARG B 228 35.43 -21.10 -35.64
C ARG B 228 35.34 -21.36 -37.15
N ASP B 229 34.39 -20.72 -37.83
CA ASP B 229 34.22 -20.85 -39.28
C ASP B 229 35.52 -20.48 -40.01
N LYS B 230 36.18 -19.44 -39.53
CA LYS B 230 37.45 -19.02 -40.15
C LYS B 230 38.49 -20.14 -40.05
N VAL B 231 38.64 -20.73 -38.87
CA VAL B 231 39.57 -21.87 -38.72
C VAL B 231 39.12 -23.05 -39.58
N LYS B 232 37.82 -23.33 -39.63
CA LYS B 232 37.31 -24.51 -40.36
C LYS B 232 37.69 -24.43 -41.85
N SER B 233 37.25 -23.33 -42.46
CA SER B 233 37.31 -23.14 -43.92
C SER B 233 38.75 -23.08 -44.36
N THR B 234 39.58 -22.34 -43.61
CA THR B 234 41.02 -22.35 -43.83
C THR B 234 41.52 -23.77 -43.86
N VAL B 235 41.45 -24.48 -42.74
CA VAL B 235 41.95 -25.88 -42.72
C VAL B 235 41.40 -26.67 -43.90
N LEU B 236 40.19 -26.33 -44.32
CA LEU B 236 39.49 -27.05 -45.39
C LEU B 236 40.03 -26.70 -46.78
N SER B 237 40.43 -25.44 -46.94
CA SER B 237 41.18 -25.03 -48.12
C SER B 237 42.38 -25.96 -48.45
N HIS B 238 43.25 -26.30 -47.50
CA HIS B 238 44.30 -27.32 -47.76
C HIS B 238 43.76 -28.75 -48.06
N TYR B 239 42.44 -28.93 -48.17
CA TYR B 239 41.85 -30.28 -48.42
C TYR B 239 41.00 -30.23 -49.73
N LYS B 240 40.31 -31.32 -50.07
CA LYS B 240 39.41 -31.40 -51.24
C LYS B 240 38.16 -32.26 -50.98
N ASP B 241 37.06 -31.90 -51.62
CA ASP B 241 35.72 -32.45 -51.33
C ASP B 241 35.66 -33.95 -51.09
N GLU B 242 36.61 -34.67 -51.69
CA GLU B 242 36.61 -36.12 -51.71
C GLU B 242 37.68 -36.73 -50.81
N ASP B 243 38.54 -35.86 -50.27
CA ASP B 243 39.48 -36.28 -49.24
C ASP B 243 38.62 -36.91 -48.12
N ARG B 244 39.06 -38.06 -47.63
CA ARG B 244 38.36 -38.83 -46.60
C ARG B 244 39.40 -39.16 -45.53
N ILE B 245 38.92 -39.54 -44.35
CA ILE B 245 39.72 -40.24 -43.35
C ILE B 245 39.36 -41.71 -43.49
N ASP B 246 39.77 -42.27 -44.61
CA ASP B 246 39.96 -43.73 -44.71
C ASP B 246 41.16 -43.97 -45.61
N GLY B 247 41.66 -45.20 -45.64
CA GLY B 247 41.21 -46.29 -44.77
C GLY B 247 42.36 -47.13 -44.26
N GLU B 248 43.37 -47.27 -45.12
CA GLU B 248 44.71 -47.67 -44.71
C GLU B 248 45.45 -46.35 -44.70
N LYS B 249 46.15 -46.01 -43.61
CA LYS B 249 46.60 -44.59 -43.39
C LYS B 249 45.50 -43.64 -42.83
N LYS B 250 44.44 -44.20 -42.25
CA LYS B 250 43.38 -43.34 -41.69
C LYS B 250 43.90 -42.66 -40.43
N ASP B 251 44.52 -43.47 -39.58
CA ASP B 251 45.10 -43.01 -38.34
C ASP B 251 46.15 -41.96 -38.64
N GLU B 252 47.05 -42.24 -39.57
CA GLU B 252 48.00 -41.17 -39.93
C GLU B 252 47.29 -39.92 -40.47
N LYS B 253 46.27 -40.07 -41.33
CA LYS B 253 45.57 -38.89 -41.87
C LYS B 253 44.75 -38.15 -40.79
N LEU B 254 44.23 -38.88 -39.83
CA LEU B 254 43.53 -38.26 -38.72
C LEU B 254 44.49 -37.35 -37.96
N ASN B 255 45.68 -37.87 -37.71
CA ASN B 255 46.68 -37.11 -37.00
C ASN B 255 47.14 -35.81 -37.68
N GLU B 256 47.19 -35.80 -39.00
CA GLU B 256 47.57 -34.59 -39.73
C GLU B 256 46.46 -33.57 -39.64
N LEU B 257 45.22 -34.04 -39.72
CA LEU B 257 44.07 -33.12 -39.55
C LEU B 257 44.07 -32.45 -38.15
N ILE B 258 44.24 -33.26 -37.11
CA ILE B 258 44.32 -32.73 -35.78
C ILE B 258 45.42 -31.66 -35.73
N THR B 259 46.62 -31.99 -36.23
CA THR B 259 47.74 -31.04 -36.17
C THR B 259 47.40 -29.78 -36.92
N ASN B 260 47.00 -29.92 -38.17
CA ASN B 260 46.74 -28.73 -38.95
C ASN B 260 45.63 -27.88 -38.30
N LEU B 261 44.64 -28.55 -37.71
CA LEU B 261 43.50 -27.84 -37.04
C LEU B 261 43.98 -27.15 -35.76
N GLN B 262 44.82 -27.85 -35.02
CA GLN B 262 45.42 -27.36 -33.81
C GLN B 262 46.29 -26.17 -34.09
N ASN B 263 47.20 -26.30 -35.06
CA ASN B 263 48.06 -25.17 -35.47
C ASN B 263 47.26 -23.96 -35.88
N GLU B 264 46.20 -24.20 -36.65
CA GLU B 264 45.44 -23.07 -37.13
C GLU B 264 44.60 -22.42 -36.02
N LEU B 265 44.02 -23.25 -35.15
CA LEU B 265 43.22 -22.71 -34.04
C LEU B 265 44.13 -21.88 -33.12
N VAL B 266 45.31 -22.43 -32.82
CA VAL B 266 46.29 -21.75 -31.99
C VAL B 266 46.81 -20.49 -32.63
N LYS B 267 47.27 -20.60 -33.89
CA LYS B 267 47.83 -19.41 -34.58
C LYS B 267 46.84 -18.29 -34.41
N GLU B 268 45.57 -18.55 -34.71
CA GLU B 268 44.54 -17.48 -34.64
C GLU B 268 44.08 -17.01 -33.21
N LEU B 269 44.04 -17.93 -32.24
CA LEU B 269 43.65 -17.58 -30.85
C LEU B 269 44.75 -16.76 -30.15
N VAL B 270 45.98 -17.22 -30.33
CA VAL B 270 47.17 -16.56 -29.77
C VAL B 270 47.20 -15.03 -30.11
N LYS B 271 46.79 -14.64 -31.33
CA LYS B 271 46.72 -13.20 -31.68
C LYS B 271 45.87 -12.38 -30.72
N SER B 272 45.06 -13.06 -29.90
CA SER B 272 44.11 -12.36 -29.02
C SER B 272 44.42 -12.62 -27.55
N ASP B 273 45.00 -13.80 -27.25
CA ASP B 273 45.39 -14.19 -25.88
C ASP B 273 46.41 -15.35 -26.00
N PRO B 274 47.66 -15.10 -25.58
CA PRO B 274 48.67 -16.16 -25.68
C PRO B 274 48.59 -17.20 -24.56
N GLN B 275 47.64 -17.05 -23.64
CA GLN B 275 47.30 -18.17 -22.76
C GLN B 275 46.94 -19.43 -23.58
N TYR B 276 46.55 -19.25 -24.85
CA TYR B 276 46.14 -20.37 -25.72
C TYR B 276 47.27 -21.04 -26.46
N SER B 277 48.49 -20.56 -26.23
CA SER B 277 49.69 -21.17 -26.82
C SER B 277 49.74 -22.67 -26.62
N LYS B 278 49.19 -23.16 -25.51
CA LYS B 278 49.36 -24.58 -25.14
C LYS B 278 48.11 -25.46 -25.37
N LEU B 279 47.09 -24.92 -26.04
CA LEU B 279 45.83 -25.62 -26.39
C LEU B 279 46.11 -26.86 -27.18
N SER B 280 45.38 -27.94 -26.91
CA SER B 280 45.67 -29.23 -27.53
C SER B 280 44.40 -29.98 -27.88
N LEU B 281 44.33 -30.46 -29.12
CA LEU B 281 43.13 -31.12 -29.64
C LEU B 281 43.33 -32.58 -29.63
N SER B 282 44.32 -33.02 -28.88
CA SER B 282 44.82 -34.36 -29.04
C SER B 282 44.08 -35.32 -28.11
N LYS B 283 43.52 -34.79 -27.06
CA LYS B 283 42.77 -35.58 -26.11
C LYS B 283 41.50 -34.83 -25.66
N ASP B 284 40.49 -35.57 -25.20
CA ASP B 284 39.30 -34.90 -24.67
C ASP B 284 39.63 -34.39 -23.23
N PRO B 285 38.66 -33.77 -22.55
CA PRO B 285 38.89 -33.24 -21.20
C PRO B 285 39.32 -34.29 -20.14
N ARG B 286 38.83 -35.51 -20.29
CA ARG B 286 39.05 -36.59 -19.34
C ARG B 286 40.30 -37.33 -19.66
N GLY B 287 41.15 -36.76 -20.50
CA GLY B 287 42.34 -37.47 -20.96
C GLY B 287 42.22 -38.50 -22.10
N LYS B 288 41.00 -38.87 -22.51
CA LYS B 288 40.80 -39.84 -23.60
C LYS B 288 41.30 -39.37 -24.99
N GLU B 289 41.96 -40.28 -25.67
CA GLU B 289 42.73 -39.99 -26.86
C GLU B 289 41.78 -39.77 -28.04
N ILE B 290 41.95 -38.67 -28.78
CA ILE B 290 41.12 -38.45 -29.97
C ILE B 290 41.70 -39.21 -31.18
N ASN B 291 41.18 -40.41 -31.40
CA ASN B 291 41.56 -41.29 -32.51
C ASN B 291 40.34 -41.91 -33.25
N TYR B 292 40.61 -42.77 -34.22
CA TYR B 292 39.59 -43.27 -35.10
C TYR B 292 38.60 -44.10 -34.35
N ASP B 293 39.09 -45.06 -33.60
CA ASP B 293 38.23 -45.96 -32.85
C ASP B 293 37.26 -45.17 -31.92
N TYR B 294 37.67 -44.02 -31.40
CA TYR B 294 36.89 -43.32 -30.39
C TYR B 294 35.76 -42.52 -31.02
N LEU B 295 36.07 -41.75 -32.08
CA LEU B 295 35.03 -41.02 -32.78
C LEU B 295 34.08 -41.92 -33.61
N VAL B 296 34.58 -43.00 -34.21
CA VAL B 296 33.77 -43.87 -35.08
C VAL B 296 33.05 -45.04 -34.37
N ASN B 297 33.78 -45.88 -33.66
CA ASN B 297 33.19 -47.10 -33.06
C ASN B 297 32.51 -46.88 -31.73
N SER B 298 33.18 -46.13 -30.86
CA SER B 298 32.69 -45.85 -29.53
C SER B 298 31.62 -44.77 -29.60
N LEU B 299 32.01 -43.53 -29.87
CA LEU B 299 31.05 -42.43 -29.87
C LEU B 299 30.07 -42.43 -31.06
N MET B 300 30.50 -42.96 -32.21
CA MET B 300 29.62 -43.15 -33.36
C MET B 300 29.13 -41.86 -34.02
N LEU B 301 30.07 -40.93 -34.21
CA LEU B 301 29.79 -39.62 -34.66
C LEU B 301 30.20 -39.30 -36.11
N VAL B 302 31.20 -40.02 -36.65
CA VAL B 302 31.66 -39.87 -38.04
C VAL B 302 32.08 -41.25 -38.49
N ASP B 303 32.37 -41.44 -39.77
CA ASP B 303 32.83 -42.75 -40.31
C ASP B 303 33.73 -42.59 -41.57
N ASN B 304 34.03 -43.71 -42.23
CA ASN B 304 34.83 -43.75 -43.49
C ASN B 304 34.58 -42.62 -44.42
N ASP B 305 33.28 -42.34 -44.57
CA ASP B 305 32.76 -41.55 -45.66
C ASP B 305 32.51 -40.18 -45.25
N SER B 306 32.74 -39.85 -43.98
CA SER B 306 32.42 -38.51 -43.53
C SER B 306 33.32 -37.49 -44.22
N GLU B 307 32.82 -36.29 -44.39
CA GLU B 307 33.61 -35.29 -45.01
C GLU B 307 34.61 -34.81 -44.00
N ILE B 308 35.61 -34.07 -44.45
CA ILE B 308 36.69 -33.68 -43.58
C ILE B 308 36.12 -32.64 -42.63
N GLY B 309 35.21 -31.83 -43.16
CA GLY B 309 34.49 -30.82 -42.39
C GLY B 309 33.72 -31.37 -41.21
N ASP B 310 33.19 -32.59 -41.32
CA ASP B 310 32.47 -33.19 -40.20
C ASP B 310 33.43 -33.81 -39.15
N TRP B 311 34.54 -34.40 -39.60
CA TRP B 311 35.62 -34.75 -38.68
C TRP B 311 36.05 -33.52 -37.88
N ILE B 312 36.07 -32.35 -38.51
CA ILE B 312 36.59 -31.16 -37.87
C ILE B 312 35.63 -30.75 -36.78
N ASP B 313 34.35 -30.61 -37.14
CA ASP B 313 33.28 -30.37 -36.17
C ASP B 313 33.44 -31.29 -34.96
N THR B 314 33.62 -32.56 -35.19
CA THR B 314 33.62 -33.54 -34.12
C THR B 314 34.86 -33.42 -33.23
N ILE B 315 35.97 -33.00 -33.83
CA ILE B 315 37.21 -32.86 -33.11
C ILE B 315 37.03 -31.65 -32.23
N LEU B 316 36.59 -30.57 -32.82
CA LEU B 316 36.39 -29.37 -32.07
C LEU B 316 35.40 -29.57 -30.91
N ASP B 317 34.36 -30.35 -31.15
CA ASP B 317 33.30 -30.46 -30.19
C ASP B 317 33.68 -31.32 -29.05
N ALA B 318 34.59 -32.24 -29.32
CA ALA B 318 35.01 -33.18 -28.32
C ALA B 318 36.24 -32.64 -27.56
N THR B 319 36.83 -31.51 -27.98
CA THR B 319 38.11 -31.05 -27.38
C THR B 319 38.09 -29.60 -26.89
N VAL B 320 37.41 -28.70 -27.56
CA VAL B 320 37.48 -27.29 -27.22
C VAL B 320 36.31 -26.89 -26.32
N ASP B 321 36.57 -25.99 -25.39
CA ASP B 321 35.58 -25.53 -24.47
C ASP B 321 34.78 -24.41 -25.13
N SER B 322 33.49 -24.31 -24.83
CA SER B 322 32.66 -23.22 -25.38
C SER B 322 33.28 -21.83 -25.23
N THR B 323 34.09 -21.60 -24.20
CA THR B 323 34.65 -20.25 -24.00
C THR B 323 35.59 -19.83 -25.12
N VAL B 324 36.30 -20.78 -25.69
CA VAL B 324 37.24 -20.46 -26.71
C VAL B 324 36.53 -19.71 -27.82
N TRP B 325 35.24 -19.98 -28.06
CA TRP B 325 34.57 -19.42 -29.22
C TRP B 325 34.00 -18.02 -29.02
N VAL B 326 34.08 -17.53 -27.78
CA VAL B 326 33.52 -16.22 -27.44
C VAL B 326 34.37 -15.12 -28.07
N ALA B 327 33.75 -14.43 -29.01
CA ALA B 327 34.44 -13.52 -29.89
C ALA B 327 34.75 -12.24 -29.15
N GLN B 328 35.66 -11.45 -29.73
CA GLN B 328 35.78 -10.08 -29.22
C GLN B 328 34.46 -9.29 -29.41
N ALA B 329 34.29 -8.16 -28.73
CA ALA B 329 33.30 -7.19 -29.20
C ALA B 329 33.71 -6.96 -30.68
N SER B 330 32.75 -6.57 -31.49
CA SER B 330 33.01 -6.50 -32.90
C SER B 330 33.87 -5.27 -33.21
N SER B 331 34.35 -5.22 -34.42
CA SER B 331 34.83 -3.99 -34.94
C SER B 331 33.61 -3.27 -35.47
N PRO B 332 33.61 -1.95 -35.36
CA PRO B 332 32.67 -1.15 -36.12
C PRO B 332 32.66 -1.48 -37.61
N PHE B 333 33.80 -1.94 -38.12
CA PHE B 333 33.94 -2.34 -39.53
C PHE B 333 33.05 -3.50 -39.97
N TYR B 334 32.72 -4.40 -39.07
CA TYR B 334 31.90 -5.54 -39.42
C TYR B 334 30.59 -5.50 -38.66
N ASP B 335 29.55 -4.95 -39.30
CA ASP B 335 28.30 -4.58 -38.65
C ASP B 335 27.15 -5.46 -39.06
N GLY B 336 27.47 -6.60 -39.70
CA GLY B 336 26.54 -7.71 -39.93
C GLY B 336 26.20 -7.85 -41.39
N ALA B 337 26.51 -6.82 -42.18
CA ALA B 337 26.11 -6.77 -43.60
C ALA B 337 26.88 -7.76 -44.42
N LYS B 338 26.29 -8.27 -45.48
CA LYS B 338 26.93 -9.30 -46.27
C LYS B 338 27.81 -8.64 -47.35
N GLU B 339 27.48 -7.39 -47.69
CA GLU B 339 28.22 -6.69 -48.76
C GLU B 339 28.10 -5.19 -48.72
N ILE B 340 28.93 -4.54 -49.52
CA ILE B 340 28.83 -3.12 -49.78
C ILE B 340 28.17 -3.03 -51.16
N SER B 341 26.98 -2.45 -51.22
CA SER B 341 26.17 -2.52 -52.43
C SER B 341 25.38 -1.24 -52.70
N SER B 342 25.84 -0.10 -52.20
CA SER B 342 25.19 1.16 -52.49
C SER B 342 26.16 2.28 -52.11
N ASP B 343 26.04 3.45 -52.75
CA ASP B 343 26.95 4.56 -52.46
C ASP B 343 26.93 4.90 -50.97
N ARG B 344 25.74 4.79 -50.39
CA ARG B 344 25.53 4.99 -48.96
C ARG B 344 26.28 3.95 -48.08
N ASP B 345 26.35 2.70 -48.51
CA ASP B 345 27.16 1.75 -47.76
C ASP B 345 28.60 2.17 -47.87
N ALA B 346 29.02 2.59 -49.04
CA ALA B 346 30.43 2.94 -49.18
C ALA B 346 30.72 4.21 -48.36
N ASP B 347 29.80 5.14 -48.29
CA ASP B 347 30.08 6.38 -47.61
C ASP B 347 30.29 6.10 -46.10
N LYS B 348 29.40 5.25 -45.57
CA LYS B 348 29.44 4.69 -44.18
C LYS B 348 30.80 4.09 -43.86
N ILE B 349 31.30 3.23 -44.75
CA ILE B 349 32.54 2.53 -44.47
C ILE B 349 33.71 3.46 -44.64
N SER B 350 33.63 4.35 -45.62
CA SER B 350 34.63 5.36 -45.84
C SER B 350 34.83 6.25 -44.60
N ILE B 351 33.73 6.67 -44.00
CA ILE B 351 33.77 7.46 -42.79
C ILE B 351 34.44 6.65 -41.63
N ARG B 352 34.11 5.36 -41.49
CA ARG B 352 34.80 4.57 -40.48
C ARG B 352 36.28 4.56 -40.68
N VAL B 353 36.72 4.35 -41.91
CA VAL B 353 38.15 4.25 -42.17
C VAL B 353 38.79 5.54 -41.80
N GLN B 354 38.11 6.61 -42.18
CA GLN B 354 38.61 7.94 -41.93
C GLN B 354 38.68 8.17 -40.44
N TYR B 355 37.63 7.78 -39.72
CA TYR B 355 37.57 8.03 -38.31
C TYR B 355 38.65 7.19 -37.57
N LEU B 356 38.92 5.99 -38.06
CA LEU B 356 40.01 5.19 -37.48
C LEU B 356 41.32 5.92 -37.62
N LEU B 357 41.62 6.37 -38.82
CA LEU B 357 42.82 7.16 -39.07
C LEU B 357 42.90 8.42 -38.22
N ALA B 358 41.77 9.06 -37.97
CA ALA B 358 41.77 10.23 -37.08
C ALA B 358 42.12 9.85 -35.66
N GLU B 359 41.52 8.77 -35.13
CA GLU B 359 41.94 8.25 -33.79
C GLU B 359 43.42 7.94 -33.75
N ALA B 360 43.95 7.27 -34.75
CA ALA B 360 45.38 6.93 -34.73
C ALA B 360 46.16 8.22 -34.64
N ASN B 361 45.72 9.22 -35.41
CA ASN B 361 46.32 10.53 -35.38
C ASN B 361 46.25 11.12 -33.95
N ILE B 362 45.08 11.02 -33.30
CA ILE B 362 44.89 11.68 -32.00
C ILE B 362 45.81 11.02 -30.99
N TYR B 363 45.82 9.69 -31.00
CA TYR B 363 46.69 8.96 -30.18
C TYR B 363 48.13 9.40 -30.28
N CYS B 364 48.69 9.45 -31.49
CA CYS B 364 50.08 9.93 -31.65
C CYS B 364 50.31 11.36 -31.16
N LYS B 365 49.36 12.25 -31.41
CA LYS B 365 49.49 13.63 -30.95
C LYS B 365 49.49 13.67 -29.43
N THR B 366 48.50 13.00 -28.86
CA THR B 366 48.22 12.97 -27.44
C THR B 366 49.39 12.37 -26.64
N ASN B 367 49.97 11.28 -27.13
CA ASN B 367 51.18 10.70 -26.53
C ASN B 367 52.53 11.34 -27.00
N LYS B 368 52.48 12.50 -27.67
CA LYS B 368 53.70 13.20 -28.13
C LYS B 368 54.57 12.41 -29.08
N LEU B 369 53.97 11.60 -29.95
CA LEU B 369 54.73 10.82 -30.91
C LEU B 369 54.82 11.52 -32.27
N SER B 370 53.88 12.40 -32.56
CA SER B 370 53.86 13.12 -33.84
C SER B 370 52.94 14.30 -33.73
N ASP B 371 53.29 15.38 -34.43
CA ASP B 371 52.42 16.52 -34.59
C ASP B 371 51.81 16.54 -35.99
N ALA B 372 52.14 15.59 -36.85
CA ALA B 372 51.66 15.63 -38.23
C ALA B 372 50.14 15.50 -38.37
N ASN B 373 49.63 16.02 -39.46
CA ASN B 373 48.26 15.78 -39.83
C ASN B 373 48.18 14.59 -40.78
N PHE B 374 47.78 13.45 -40.23
CA PHE B 374 47.73 12.22 -40.99
C PHE B 374 46.88 12.32 -42.23
N GLY B 375 45.82 13.10 -42.19
CA GLY B 375 44.94 13.29 -43.36
C GLY B 375 45.67 13.85 -44.57
N GLU B 376 46.61 14.74 -44.31
CA GLU B 376 47.38 15.38 -45.39
C GLU B 376 48.14 14.36 -46.19
N PHE B 377 48.75 13.43 -45.49
CA PHE B 377 49.41 12.30 -46.12
C PHE B 377 48.43 11.32 -46.79
N PHE B 378 47.34 10.96 -46.16
CA PHE B 378 46.45 9.98 -46.77
C PHE B 378 45.60 10.52 -47.94
N ASP B 379 45.37 11.82 -47.98
CA ASP B 379 44.78 12.46 -49.18
C ASP B 379 45.66 12.30 -50.44
N LYS B 380 46.98 12.14 -50.27
CA LYS B 380 47.90 12.15 -51.42
C LYS B 380 47.88 10.80 -52.11
N GLU B 381 48.11 10.80 -53.44
CA GLU B 381 48.34 9.56 -54.20
C GLU B 381 49.81 9.17 -54.06
N PRO B 382 50.11 7.86 -54.12
CA PRO B 382 49.18 6.73 -54.23
C PRO B 382 48.48 6.32 -52.91
N HIS B 383 48.83 6.98 -51.81
CA HIS B 383 48.35 6.55 -50.50
C HIS B 383 46.83 6.47 -50.42
N ALA B 384 46.14 7.50 -50.92
CA ALA B 384 44.67 7.46 -50.93
C ALA B 384 44.12 6.22 -51.61
N THR B 385 44.62 5.93 -52.82
CA THR B 385 44.20 4.78 -53.62
C THR B 385 44.61 3.46 -52.96
N GLU B 386 45.85 3.36 -52.55
CA GLU B 386 46.40 2.09 -52.04
C GLU B 386 45.66 1.66 -50.76
N ILE B 387 45.48 2.59 -49.81
CA ILE B 387 44.80 2.28 -48.55
C ILE B 387 43.37 1.91 -48.85
N ALA B 388 42.74 2.56 -49.84
CA ALA B 388 41.38 2.12 -50.19
C ALA B 388 41.36 0.73 -50.81
N LYS B 389 42.35 0.38 -51.65
CA LYS B 389 42.36 -0.97 -52.24
C LYS B 389 42.60 -2.04 -51.15
N ARG B 390 43.51 -1.77 -50.23
CA ARG B 390 43.85 -2.75 -49.22
C ARG B 390 42.67 -2.99 -48.26
N VAL B 391 41.92 -1.93 -47.94
CA VAL B 391 40.69 -2.09 -47.17
C VAL B 391 39.64 -2.87 -47.93
N LYS B 392 39.54 -2.66 -49.25
CA LYS B 392 38.60 -3.43 -50.08
C LYS B 392 38.96 -4.90 -50.07
N GLU B 393 40.22 -5.21 -50.29
CA GLU B 393 40.70 -6.60 -50.30
C GLU B 393 40.40 -7.20 -48.89
N GLY B 394 40.76 -6.46 -47.84
CA GLY B 394 40.48 -6.85 -46.47
C GLY B 394 39.05 -7.29 -46.28
N PHE B 395 38.09 -6.48 -46.71
CA PHE B 395 36.69 -6.87 -46.57
C PHE B 395 36.34 -8.18 -47.29
N THR B 396 36.89 -8.41 -48.48
CA THR B 396 36.55 -9.61 -49.26
C THR B 396 37.19 -10.85 -48.64
N GLN B 397 38.34 -10.65 -47.98
CA GLN B 397 39.00 -11.68 -47.19
C GLN B 397 38.29 -11.91 -45.84
N GLY B 398 37.47 -10.98 -45.37
CA GLY B 398 36.97 -11.08 -44.00
C GLY B 398 38.08 -10.82 -43.00
N ALA B 399 39.13 -10.14 -43.46
CA ALA B 399 40.24 -9.77 -42.59
C ALA B 399 39.84 -8.63 -41.64
N ASP B 400 40.60 -8.49 -40.57
CA ASP B 400 40.49 -7.39 -39.63
C ASP B 400 41.00 -6.10 -40.29
N ILE B 401 40.22 -5.04 -40.19
CA ILE B 401 40.51 -3.85 -40.94
C ILE B 401 41.54 -3.00 -40.23
N GLU B 402 41.52 -3.02 -38.91
CA GLU B 402 42.36 -2.10 -38.18
C GLU B 402 43.86 -2.32 -38.47
N PRO B 403 44.30 -3.59 -38.52
CA PRO B 403 45.77 -3.80 -38.80
C PRO B 403 46.25 -3.40 -40.20
N ILE B 404 45.34 -3.36 -41.16
CA ILE B 404 45.66 -2.92 -42.52
C ILE B 404 46.02 -1.48 -42.46
N ILE B 405 45.23 -0.74 -41.71
CA ILE B 405 45.54 0.68 -41.48
C ILE B 405 46.86 0.78 -40.71
N TYR B 406 47.01 0.05 -39.60
CA TYR B 406 48.26 0.20 -38.78
C TYR B 406 49.55 -0.16 -39.59
N ASP B 407 49.52 -1.25 -40.36
CA ASP B 407 50.70 -1.62 -41.16
C ASP B 407 51.01 -0.60 -42.25
N TYR B 408 49.96 -0.04 -42.89
CA TYR B 408 50.18 1.06 -43.82
C TYR B 408 50.84 2.26 -43.12
N ILE B 409 50.35 2.61 -41.93
CA ILE B 409 50.95 3.67 -41.11
C ILE B 409 52.39 3.35 -40.78
N ASN B 410 52.62 2.13 -40.27
CA ASN B 410 53.99 1.76 -39.88
C ASN B 410 54.96 1.69 -41.07
N SER B 411 54.52 1.25 -42.25
CA SER B 411 55.42 1.23 -43.39
C SER B 411 55.71 2.65 -43.81
N ASN B 412 55.09 3.64 -43.17
CA ASN B 412 55.32 5.02 -43.54
C ASN B 412 55.52 5.88 -42.35
N HIS B 413 56.09 5.30 -41.29
CA HIS B 413 56.05 5.98 -40.03
C HIS B 413 56.86 7.26 -40.07
N ALA B 414 58.04 7.25 -40.67
CA ALA B 414 58.90 8.43 -40.69
C ALA B 414 58.18 9.62 -41.30
N GLU B 415 57.48 9.33 -42.39
CA GLU B 415 56.80 10.33 -43.19
C GLU B 415 55.57 10.94 -42.46
N LEU B 416 55.09 10.21 -41.46
CA LEU B 416 54.04 10.65 -40.59
C LEU B 416 54.56 11.32 -39.29
N GLY B 417 55.86 11.63 -39.24
CA GLY B 417 56.48 12.30 -38.08
C GLY B 417 56.73 11.38 -36.90
N LEU B 418 56.75 10.08 -37.16
CA LEU B 418 57.00 9.09 -36.13
C LEU B 418 58.45 8.55 -36.18
N LYS B 419 59.20 8.78 -35.09
CA LYS B 419 60.45 8.08 -34.80
C LYS B 419 60.30 6.59 -35.05
N SER B 420 59.20 6.00 -34.60
CA SER B 420 59.10 4.54 -34.52
C SER B 420 57.77 3.94 -34.94
N PRO B 421 57.76 2.75 -35.50
CA PRO B 421 56.45 2.13 -35.75
C PRO B 421 55.55 2.01 -34.48
N LEU B 422 54.23 1.92 -34.70
CA LEU B 422 53.29 1.72 -33.57
C LEU B 422 53.38 0.26 -33.11
N THR B 423 53.60 0.05 -31.82
CA THR B 423 53.68 -1.30 -31.25
C THR B 423 52.30 -1.97 -31.23
N GLY B 424 52.24 -3.30 -31.21
CA GLY B 424 50.96 -4.00 -31.08
C GLY B 424 50.09 -3.45 -29.93
N LYS B 425 50.73 -3.02 -28.84
CA LYS B 425 50.00 -2.52 -27.67
C LYS B 425 49.36 -1.18 -27.99
N GLN B 426 50.16 -0.28 -28.53
CA GLN B 426 49.68 0.99 -29.01
C GLN B 426 48.58 0.79 -30.04
N GLN B 427 48.73 -0.16 -30.94
CA GLN B 427 47.65 -0.52 -31.88
C GLN B 427 46.34 -0.90 -31.21
N GLN B 428 46.39 -1.71 -30.16
CA GLN B 428 45.18 -2.14 -29.49
C GLN B 428 44.59 -0.99 -28.69
N GLU B 429 45.42 -0.10 -28.18
CA GLU B 429 44.86 1.08 -27.51
C GLU B 429 44.10 1.96 -28.53
N ILE B 430 44.68 2.18 -29.71
CA ILE B 430 43.95 2.89 -30.73
C ILE B 430 42.62 2.19 -31.09
N THR B 431 42.59 0.85 -31.12
CA THR B 431 41.40 0.18 -31.62
C THR B 431 40.31 0.36 -30.60
N ASP B 432 40.68 0.35 -29.32
CA ASP B 432 39.69 0.39 -28.23
C ASP B 432 39.05 1.76 -28.15
N LYS B 433 39.86 2.82 -28.27
CA LYS B 433 39.33 4.18 -28.31
C LYS B 433 38.44 4.36 -29.52
N PHE B 434 38.91 3.87 -30.65
CA PHE B 434 38.17 4.01 -31.89
C PHE B 434 36.85 3.27 -31.75
N THR B 435 36.88 2.07 -31.24
CA THR B 435 35.62 1.35 -31.08
C THR B 435 34.60 2.09 -30.14
N LYS B 436 35.03 2.38 -28.95
CA LYS B 436 34.19 3.16 -28.02
C LYS B 436 33.72 4.48 -28.64
N HIS B 437 34.63 5.30 -29.14
CA HIS B 437 34.22 6.56 -29.66
C HIS B 437 33.34 6.42 -30.89
N TYR B 438 33.66 5.56 -31.82
CA TYR B 438 32.80 5.44 -32.96
C TYR B 438 31.40 5.01 -32.55
N ASN B 439 31.32 4.04 -31.66
CA ASN B 439 30.04 3.53 -31.23
C ASN B 439 29.20 4.64 -30.57
N THR B 440 29.85 5.54 -29.87
CA THR B 440 29.15 6.65 -29.24
C THR B 440 28.49 7.60 -30.27
N ILE B 441 29.19 7.91 -31.37
CA ILE B 441 28.66 8.88 -32.33
C ILE B 441 28.00 8.27 -33.58
N LYS B 442 27.92 6.96 -33.67
CA LYS B 442 27.46 6.35 -34.90
C LYS B 442 26.06 6.62 -35.37
N GLU B 443 25.26 7.31 -34.59
CA GLU B 443 23.96 7.76 -35.08
C GLU B 443 23.95 9.28 -35.28
N SER B 444 25.13 9.92 -35.29
CA SER B 444 25.14 11.33 -35.61
C SER B 444 24.50 11.57 -36.95
N PRO B 445 23.73 12.62 -37.03
CA PRO B 445 23.21 13.03 -38.33
C PRO B 445 24.34 13.60 -39.28
N HIS B 446 25.39 14.14 -38.72
CA HIS B 446 26.52 14.58 -39.51
C HIS B 446 27.81 13.99 -38.99
N PHE B 447 28.63 13.56 -39.93
CA PHE B 447 29.94 13.03 -39.61
C PHE B 447 31.05 13.94 -40.00
N ASP B 448 30.76 15.22 -40.22
CA ASP B 448 31.84 16.12 -40.72
C ASP B 448 33.02 16.34 -39.77
N GLU B 449 32.76 16.34 -38.46
CA GLU B 449 33.77 16.66 -37.49
C GLU B 449 33.34 16.17 -36.12
N PHE B 450 34.35 15.94 -35.29
CA PHE B 450 34.18 15.59 -33.93
C PHE B 450 35.30 16.11 -33.13
N PHE B 451 34.97 16.52 -31.90
CA PHE B 451 35.94 16.92 -30.93
C PHE B 451 36.15 15.82 -29.92
N VAL B 452 37.40 15.38 -29.78
CA VAL B 452 37.78 14.24 -28.98
C VAL B 452 38.79 14.69 -27.90
N ALA B 453 38.42 14.42 -26.65
CA ALA B 453 39.14 14.79 -25.46
C ALA B 453 39.61 13.54 -24.74
N ASP B 454 40.81 13.57 -24.17
CA ASP B 454 41.31 12.52 -23.30
C ASP B 454 41.49 13.16 -21.91
N PRO B 455 40.50 12.96 -21.03
CA PRO B 455 40.55 13.53 -19.71
C PRO B 455 41.46 12.78 -18.78
N ASP B 456 42.11 11.72 -19.25
CA ASP B 456 43.14 11.07 -18.47
C ASP B 456 44.53 11.67 -18.71
N LYS B 457 44.66 12.65 -19.59
CA LYS B 457 45.95 13.31 -19.79
C LYS B 457 45.94 14.69 -19.24
N LYS B 458 47.11 15.16 -18.88
CA LYS B 458 47.35 16.57 -18.56
C LYS B 458 46.88 17.53 -19.69
N GLY B 459 46.19 18.59 -19.31
CA GLY B 459 45.78 19.64 -20.23
C GLY B 459 44.68 20.51 -19.71
N ASN B 460 44.15 21.33 -20.62
CA ASN B 460 43.24 22.43 -20.30
C ASN B 460 41.78 22.08 -20.56
N ILE B 461 41.50 20.82 -20.87
CA ILE B 461 40.13 20.39 -21.16
C ILE B 461 39.77 19.21 -20.28
N PHE B 462 38.52 19.19 -19.84
CA PHE B 462 38.09 18.37 -18.76
C PHE B 462 36.78 17.75 -19.15
N SER B 463 36.41 16.76 -18.37
CA SER B 463 35.17 16.05 -18.48
C SER B 463 34.36 16.17 -17.17
N HIS B 464 33.14 16.65 -17.26
CA HIS B 464 32.35 16.91 -16.07
C HIS B 464 30.89 16.92 -16.46
N GLN B 465 30.15 16.02 -15.86
CA GLN B 465 28.69 16.01 -15.95
C GLN B 465 28.23 15.78 -17.33
N GLY B 466 28.98 14.97 -18.07
CA GLY B 466 28.61 14.70 -19.45
C GLY B 466 28.80 15.86 -20.38
N ARG B 467 29.70 16.79 -20.00
CA ARG B 467 30.20 17.88 -20.87
C ARG B 467 31.72 17.86 -20.98
N ILE B 468 32.21 18.20 -22.16
CA ILE B 468 33.60 18.34 -22.40
C ILE B 468 33.87 19.84 -22.29
N SER B 469 34.70 20.23 -21.34
CA SER B 469 34.67 21.59 -20.81
C SER B 469 36.04 22.20 -20.61
N CYS B 470 36.09 23.48 -20.31
CA CYS B 470 37.35 24.11 -19.98
C CYS B 470 37.06 24.90 -18.75
N HIS B 471 38.08 25.39 -18.06
CA HIS B 471 37.84 26.17 -16.82
C HIS B 471 37.30 27.56 -17.15
N PHE B 472 36.22 27.98 -16.51
CA PHE B 472 35.66 29.28 -16.88
C PHE B 472 36.67 30.40 -16.75
N LEU B 473 37.58 30.31 -15.78
CA LEU B 473 38.59 31.33 -15.58
C LEU B 473 39.58 31.38 -16.74
N ASP B 474 39.83 30.24 -17.39
CA ASP B 474 40.71 30.17 -18.59
C ASP B 474 40.03 31.04 -19.64
N PHE B 475 38.75 30.78 -19.87
CA PHE B 475 38.00 31.57 -20.82
C PHE B 475 37.87 33.07 -20.49
N PHE B 476 37.55 33.34 -19.25
CA PHE B 476 37.35 34.72 -18.80
C PHE B 476 38.60 35.56 -18.97
N THR B 477 39.73 35.03 -18.50
CA THR B 477 41.01 35.67 -18.67
C THR B 477 41.36 35.96 -20.13
N ARG B 478 41.13 34.99 -21.00
CA ARG B 478 41.40 35.19 -22.44
C ARG B 478 40.45 36.21 -23.07
N GLN B 479 39.15 36.05 -22.87
CA GLN B 479 38.17 36.93 -23.48
C GLN B 479 38.27 38.35 -23.00
N THR B 480 38.68 38.55 -21.76
CA THR B 480 38.83 39.93 -21.26
C THR B 480 40.25 40.41 -21.46
N LYS B 481 41.04 39.65 -22.20
CA LYS B 481 42.41 40.02 -22.54
C LYS B 481 43.27 40.44 -21.37
N GLY B 482 42.96 39.95 -20.16
CA GLY B 482 43.80 40.20 -18.98
C GLY B 482 43.40 41.42 -18.15
N LYS B 483 42.45 42.20 -18.66
CA LYS B 483 42.12 43.50 -18.08
C LYS B 483 41.39 43.47 -16.74
N HIS B 484 40.72 42.36 -16.42
CA HIS B 484 39.99 42.24 -15.16
C HIS B 484 40.65 41.17 -14.26
N PRO B 485 41.56 41.60 -13.35
CA PRO B 485 42.11 40.75 -12.29
C PRO B 485 41.09 39.85 -11.64
N LEU B 486 41.54 38.63 -11.31
CA LEU B 486 40.67 37.58 -10.81
C LEU B 486 40.47 37.68 -9.29
N GLY B 487 41.32 38.50 -8.68
CA GLY B 487 41.28 38.69 -7.21
C GLY B 487 41.60 37.40 -6.48
N ASP B 488 40.64 36.94 -5.70
CA ASP B 488 40.83 35.77 -4.86
C ASP B 488 40.83 34.47 -5.66
N LEU B 489 40.31 34.51 -6.89
CA LEU B 489 40.25 33.30 -7.75
C LEU B 489 41.46 33.17 -8.67
N ALA B 490 42.41 34.10 -8.52
CA ALA B 490 43.61 34.13 -9.33
C ALA B 490 44.40 32.80 -9.35
N SER B 491 44.26 31.93 -8.37
CA SER B 491 45.01 30.64 -8.42
C SER B 491 44.14 29.40 -8.63
N HIS B 492 42.87 29.63 -8.88
CA HIS B 492 41.93 28.52 -8.93
C HIS B 492 42.18 27.63 -10.13
N GLN B 493 42.52 28.25 -11.27
CA GLN B 493 42.75 27.54 -12.52
C GLN B 493 43.96 26.62 -12.38
N GLU B 494 45.07 27.17 -11.91
CA GLU B 494 46.19 26.36 -11.51
C GLU B 494 45.83 25.25 -10.50
N ALA B 495 45.02 25.56 -9.48
CA ALA B 495 44.62 24.54 -8.53
C ALA B 495 43.96 23.32 -9.19
N LEU B 496 43.11 23.53 -10.18
CA LEU B 496 42.45 22.42 -10.89
C LEU B 496 43.47 21.57 -11.65
N GLN B 497 44.49 22.21 -12.22
CA GLN B 497 45.63 21.49 -12.84
C GLN B 497 46.33 20.58 -11.84
N GLU B 498 46.48 21.04 -10.61
CA GLU B 498 47.19 20.25 -9.60
C GLU B 498 46.42 19.00 -9.19
N GLY B 499 45.20 18.83 -9.72
CA GLY B 499 44.34 17.73 -9.28
C GLY B 499 44.82 16.48 -9.93
N THR B 500 44.32 15.31 -9.52
CA THR B 500 44.88 14.07 -10.04
C THR B 500 44.39 13.69 -11.43
N SER B 501 43.23 14.19 -11.84
CA SER B 501 42.64 13.79 -13.11
C SER B 501 41.84 14.95 -13.70
N ASN B 502 41.74 14.97 -15.04
CA ASN B 502 40.91 15.95 -15.73
C ASN B 502 39.50 15.42 -15.87
N ARG B 503 39.31 14.17 -15.43
CA ARG B 503 37.98 13.57 -15.31
C ARG B 503 37.37 13.96 -13.93
N LEU B 504 36.56 15.01 -13.90
CA LEU B 504 36.00 15.52 -12.64
C LEU B 504 34.72 14.78 -12.26
N HIS B 505 34.60 14.41 -10.98
CA HIS B 505 33.40 13.74 -10.44
C HIS B 505 32.17 14.64 -10.56
N HIS B 506 31.02 14.03 -10.83
CA HIS B 506 29.80 14.77 -11.18
C HIS B 506 29.10 15.36 -9.99
N LYS B 507 29.44 14.91 -8.79
CA LYS B 507 28.97 15.56 -7.60
C LYS B 507 30.13 15.91 -6.67
N ASN B 508 29.80 16.66 -5.63
CA ASN B 508 30.79 17.27 -4.82
C ASN B 508 30.85 16.60 -3.47
N GLU B 509 31.89 15.79 -3.26
CA GLU B 509 32.03 15.02 -2.03
C GLU B 509 32.31 15.89 -0.82
N VAL B 510 33.03 16.99 -1.01
CA VAL B 510 33.31 17.88 0.11
C VAL B 510 32.02 18.45 0.66
N VAL B 511 31.04 18.74 -0.20
CA VAL B 511 29.75 19.21 0.26
C VAL B 511 29.07 18.07 0.99
N ALA B 512 28.93 16.92 0.34
CA ALA B 512 28.33 15.71 0.92
C ALA B 512 28.87 15.31 2.28
N GLN B 513 30.19 15.46 2.45
CA GLN B 513 30.88 14.93 3.63
C GLN B 513 30.59 15.79 4.85
N GLY B 514 30.31 17.07 4.60
CA GLY B 514 29.79 18.01 5.61
C GLY B 514 28.48 17.53 6.25
N TYR B 515 27.63 16.82 5.49
CA TYR B 515 26.48 16.11 6.14
C TYR B 515 26.92 14.79 6.80
N GLU B 516 27.73 13.99 6.09
CA GLU B 516 28.15 12.66 6.57
C GLU B 516 28.84 12.75 7.93
N LYS B 517 29.62 13.80 8.14
CA LYS B 517 30.32 13.98 9.41
C LYS B 517 29.35 14.24 10.56
N LEU B 518 28.15 14.73 10.29
CA LEU B 518 27.17 14.94 11.38
C LEU B 518 26.55 13.60 11.70
N ASP B 519 26.35 12.79 10.67
CA ASP B 519 25.90 11.40 10.84
C ASP B 519 26.88 10.51 11.59
N GLN B 520 28.15 10.60 11.28
CA GLN B 520 29.14 9.79 11.99
C GLN B 520 29.23 10.23 13.46
N PHE B 521 29.18 11.53 13.69
CA PHE B 521 29.17 12.05 15.05
C PHE B 521 28.03 11.41 15.83
N LYS B 522 26.86 11.34 15.22
CA LYS B 522 25.73 10.72 15.89
C LYS B 522 26.05 9.28 16.23
N LYS B 523 26.63 8.54 15.30
CA LYS B 523 26.89 7.12 15.56
C LYS B 523 27.86 6.94 16.71
N GLU B 524 28.95 7.69 16.68
CA GLU B 524 29.90 7.62 17.76
C GLU B 524 29.19 7.85 19.10
N VAL B 525 28.37 8.89 19.17
CA VAL B 525 27.65 9.21 20.41
C VAL B 525 26.74 8.05 20.85
N VAL B 526 25.92 7.51 19.94
CA VAL B 526 25.00 6.40 20.26
C VAL B 526 25.72 5.12 20.66
N LYS B 527 26.86 4.84 20.03
CA LYS B 527 27.76 3.75 20.46
C LYS B 527 28.27 4.04 21.87
N LEU B 528 29.04 5.12 22.02
CA LEU B 528 29.69 5.40 23.32
C LEU B 528 28.77 5.46 24.56
N LEU B 529 27.46 5.58 24.35
CA LEU B 529 26.48 5.64 25.44
C LEU B 529 25.95 4.21 25.72
N ALA B 530 25.63 3.47 24.66
CA ALA B 530 25.11 2.10 24.76
C ALA B 530 26.16 1.16 25.35
N GLU B 531 27.43 1.44 25.05
CA GLU B 531 28.57 0.76 25.66
C GLU B 531 28.90 1.27 27.09
N ASN B 532 28.17 2.29 27.55
CA ASN B 532 28.26 2.80 28.94
C ASN B 532 29.65 3.28 29.38
N LYS B 533 30.35 3.98 28.49
CA LYS B 533 31.72 4.45 28.72
C LYS B 533 31.76 5.99 28.82
N PRO B 534 31.39 6.55 29.98
CA PRO B 534 31.24 7.99 30.22
C PRO B 534 32.45 8.89 29.91
N LYS B 535 33.67 8.40 30.14
CA LYS B 535 34.87 9.25 30.00
C LYS B 535 35.24 9.37 28.55
N GLU B 536 35.00 8.30 27.82
CA GLU B 536 35.23 8.32 26.41
C GLU B 536 34.30 9.35 25.77
N LEU B 537 33.02 9.31 26.16
CA LEU B 537 32.04 10.16 25.51
C LEU B 537 32.48 11.60 25.64
N LEU B 538 32.77 11.97 26.88
CA LEU B 538 33.34 13.27 27.17
C LEU B 538 34.57 13.51 26.31
N ASP B 539 35.48 12.54 26.29
CA ASP B 539 36.70 12.65 25.50
C ASP B 539 36.34 12.94 24.04
N TYR B 540 35.47 12.10 23.50
CA TYR B 540 35.03 12.26 22.14
C TYR B 540 34.46 13.65 21.81
N LEU B 541 33.52 14.09 22.62
CA LEU B 541 32.90 15.39 22.50
C LEU B 541 33.92 16.50 22.47
N VAL B 542 34.94 16.33 23.31
CA VAL B 542 35.92 17.38 23.58
C VAL B 542 37.08 17.27 22.58
N ALA B 543 37.22 16.11 21.93
CA ALA B 543 38.22 15.94 20.88
C ALA B 543 37.87 16.84 19.70
N THR B 544 38.89 17.12 18.90
CA THR B 544 38.77 18.13 17.92
C THR B 544 39.05 17.55 16.58
N SER B 545 38.58 18.25 15.56
CA SER B 545 38.85 17.94 14.16
C SER B 545 40.18 18.61 13.87
N PRO B 546 40.71 18.45 12.63
CA PRO B 546 41.99 19.10 12.22
C PRO B 546 42.01 20.61 12.39
N THR B 547 40.88 21.24 12.15
CA THR B 547 40.83 22.68 12.27
C THR B 547 40.88 23.10 13.72
N GLY B 548 40.84 22.14 14.64
CA GLY B 548 40.83 22.46 16.10
C GLY B 548 39.44 22.59 16.77
N VAL B 549 38.40 22.53 15.98
CA VAL B 549 37.02 22.61 16.44
C VAL B 549 36.54 21.37 17.22
N PRO B 550 36.00 21.57 18.39
CA PRO B 550 35.57 20.40 19.17
C PRO B 550 34.36 19.69 18.59
N ASN B 551 34.31 18.37 18.69
CA ASN B 551 33.25 17.59 18.05
C ASN B 551 31.85 17.98 18.55
N TYR B 552 31.73 18.49 19.77
CA TYR B 552 30.41 18.85 20.29
C TYR B 552 29.77 20.04 19.55
N SER B 553 30.55 20.64 18.66
CA SER B 553 30.00 21.59 17.67
C SER B 553 28.86 20.94 16.86
N MET B 554 28.85 19.63 16.77
CA MET B 554 27.96 18.87 15.92
C MET B 554 26.75 18.34 16.68
N LEU B 555 26.54 18.77 17.91
CA LEU B 555 25.29 18.47 18.60
C LEU B 555 24.08 19.09 17.86
N SER B 556 22.96 18.38 17.91
CA SER B 556 21.67 18.82 17.40
C SER B 556 20.67 18.23 18.32
N LYS B 557 19.39 18.50 18.12
CA LYS B 557 18.38 18.10 19.08
C LYS B 557 18.56 16.65 19.41
N GLU B 558 18.68 15.82 18.39
CA GLU B 558 18.72 14.40 18.58
C GLU B 558 19.87 13.98 19.48
N THR B 559 21.07 14.47 19.24
CA THR B 559 22.21 14.00 20.05
C THR B 559 22.27 14.63 21.42
N GLN B 560 21.85 15.89 21.53
CA GLN B 560 21.75 16.56 22.82
C GLN B 560 20.78 15.78 23.70
N ASN B 561 19.64 15.37 23.12
CA ASN B 561 18.60 14.69 23.93
C ASN B 561 19.10 13.29 24.34
N TYR B 562 19.79 12.59 23.41
CA TYR B 562 20.33 11.25 23.71
C TYR B 562 21.26 11.31 24.91
N ILE B 563 22.15 12.30 24.91
CA ILE B 563 23.07 12.45 26.04
C ILE B 563 22.31 12.85 27.28
N ALA B 564 21.50 13.92 27.18
CA ALA B 564 20.96 14.56 28.39
C ALA B 564 19.95 13.70 29.14
N TYR B 565 19.26 12.82 28.43
CA TYR B 565 18.30 11.94 29.05
C TYR B 565 18.72 10.47 29.05
N ASN B 566 20.01 10.19 28.98
CA ASN B 566 20.47 8.79 29.04
C ASN B 566 20.64 8.43 30.51
N ARG B 567 20.61 7.12 30.77
CA ARG B 567 20.99 6.50 32.07
C ARG B 567 22.19 7.17 32.75
N ASN B 568 23.26 7.17 31.96
CA ASN B 568 24.60 7.64 32.30
C ASN B 568 24.69 9.10 32.75
N TRP B 569 23.65 9.92 32.54
CA TRP B 569 23.85 11.39 32.61
C TRP B 569 24.52 11.85 33.91
N PRO B 570 24.04 11.37 35.06
CA PRO B 570 24.71 11.80 36.32
C PRO B 570 26.19 11.36 36.33
N ALA B 571 26.44 10.15 35.81
CA ALA B 571 27.78 9.67 35.60
C ALA B 571 28.57 10.58 34.64
N ILE B 572 27.94 11.00 33.55
CA ILE B 572 28.60 11.90 32.61
C ILE B 572 28.92 13.23 33.27
N GLN B 573 27.92 13.75 34.00
CA GLN B 573 28.02 15.07 34.61
C GLN B 573 29.13 15.07 35.61
N LYS B 574 29.27 13.97 36.34
CA LYS B 574 30.29 13.83 37.39
C LYS B 574 31.69 13.89 36.77
N GLU B 575 31.88 13.18 35.67
CA GLU B 575 33.17 13.18 34.98
C GLU B 575 33.52 14.60 34.54
N LEU B 576 32.51 15.28 33.98
CA LEU B 576 32.68 16.64 33.46
C LEU B 576 33.13 17.62 34.56
N GLU B 577 32.76 17.32 35.80
CA GLU B 577 33.17 18.09 36.98
C GLU B 577 34.56 17.72 37.50
N LYS B 578 34.88 16.42 37.55
CA LYS B 578 36.23 15.96 37.99
C LYS B 578 37.27 16.44 36.97
N ALA B 579 36.78 16.72 35.74
CA ALA B 579 37.26 17.80 34.85
C ALA B 579 38.75 18.17 34.84
N THR B 580 39.65 17.24 34.52
CA THR B 580 41.09 17.58 34.57
C THR B 580 41.45 18.31 33.27
N SER B 581 41.23 17.59 32.17
CA SER B 581 41.58 18.02 30.81
C SER B 581 40.85 19.28 30.30
N ILE B 582 39.56 19.44 30.60
CA ILE B 582 38.72 20.35 29.80
C ILE B 582 38.78 21.81 30.26
N PRO B 583 39.12 22.74 29.33
CA PRO B 583 39.12 24.20 29.56
C PRO B 583 37.78 24.78 30.03
N GLU B 584 37.83 25.82 30.86
CA GLU B 584 36.64 26.44 31.43
C GLU B 584 35.55 26.63 30.41
N SER B 585 35.89 27.30 29.30
CA SER B 585 34.88 27.72 28.31
C SER B 585 33.98 26.57 27.86
N GLN B 586 34.63 25.42 27.61
CA GLN B 586 33.96 24.22 27.10
C GLN B 586 33.21 23.47 28.19
N LYS B 587 33.78 23.34 29.40
CA LYS B 587 33.01 22.80 30.54
C LYS B 587 31.65 23.50 30.55
N GLN B 588 31.67 24.84 30.61
CA GLN B 588 30.47 25.69 30.61
C GLN B 588 29.50 25.46 29.44
N ASP B 589 30.01 25.25 28.23
CA ASP B 589 29.15 24.97 27.07
C ASP B 589 28.43 23.67 27.24
N LEU B 590 29.22 22.62 27.43
CA LEU B 590 28.67 21.30 27.54
C LEU B 590 27.64 21.27 28.64
N SER B 591 27.89 21.99 29.72
CA SER B 591 26.96 22.07 30.84
C SER B 591 25.65 22.79 30.52
N ARG B 592 25.74 23.92 29.82
CA ARG B 592 24.57 24.56 29.20
C ARG B 592 23.77 23.56 28.39
N LEU B 593 24.48 22.90 27.47
CA LEU B 593 23.90 22.02 26.47
C LEU B 593 23.32 20.72 27.01
N LEU B 594 23.98 20.15 28.00
CA LEU B 594 23.70 18.77 28.36
C LEU B 594 23.06 18.60 29.71
N SER B 595 23.07 19.66 30.54
CA SER B 595 22.42 19.62 31.86
C SER B 595 21.17 20.47 31.88
N ARG B 596 20.04 19.83 32.20
CA ARG B 596 18.77 20.54 32.44
C ARG B 596 18.76 21.55 33.62
N ASP B 597 19.54 21.28 34.68
CA ASP B 597 19.66 22.21 35.82
C ASP B 597 20.44 23.47 35.47
N ASN B 598 21.16 23.46 34.35
CA ASN B 598 21.84 24.66 33.93
C ASN B 598 20.83 25.81 33.57
N LEU B 599 21.03 26.91 34.28
CA LEU B 599 20.36 28.19 34.05
C LEU B 599 20.12 28.55 32.56
N GLN B 600 21.14 28.40 31.74
CA GLN B 600 21.12 28.87 30.36
C GLN B 600 20.93 27.68 29.41
N HIS B 601 20.35 26.60 29.94
CA HIS B 601 20.09 25.40 29.13
C HIS B 601 19.09 25.75 28.06
N ASP B 602 19.39 25.41 26.81
CA ASP B 602 18.44 25.59 25.72
C ASP B 602 18.54 24.45 24.71
N ASN B 603 17.48 24.26 23.94
CA ASN B 603 17.40 23.18 22.96
C ASN B 603 17.88 23.54 21.59
N LEU B 604 18.72 22.68 21.05
CA LEU B 604 19.19 22.84 19.73
C LEU B 604 18.08 22.28 18.82
N SER B 605 18.08 22.79 17.59
CA SER B 605 17.16 22.35 16.57
C SER B 605 17.59 20.96 16.08
N ALA B 606 16.65 20.21 15.52
CA ALA B 606 16.96 18.96 14.87
C ALA B 606 17.57 19.36 13.59
N ILE B 607 18.22 18.44 12.89
CA ILE B 607 18.78 18.80 11.59
C ILE B 607 18.43 17.75 10.61
N THR B 608 18.20 18.17 9.39
CA THR B 608 17.96 17.20 8.35
C THR B 608 18.39 17.71 7.01
N TRP B 609 18.40 16.78 6.06
CA TRP B 609 18.82 17.02 4.68
C TRP B 609 18.31 15.91 3.74
N SER B 610 18.20 16.22 2.46
CA SER B 610 17.96 15.23 1.42
C SER B 610 19.25 14.51 1.03
N LYS B 611 19.21 13.18 0.99
CA LYS B 611 20.34 12.37 0.45
C LYS B 611 20.29 12.34 -1.07
N GLY C 1 -32.04 2.00 -28.53
CA GLY C 1 -33.33 2.08 -27.75
C GLY C 1 -34.01 0.73 -27.89
N PRO C 2 -35.35 0.69 -27.90
CA PRO C 2 -36.06 -0.58 -28.11
C PRO C 2 -36.79 -0.64 -29.47
N MET C 3 -37.00 -1.85 -29.98
CA MET C 3 -37.77 -2.07 -31.20
C MET C 3 -39.21 -1.56 -31.10
N VAL C 4 -39.76 -1.09 -32.21
CA VAL C 4 -41.17 -0.71 -32.34
C VAL C 4 -42.17 -1.73 -31.73
N ILE C 5 -42.00 -3.02 -31.99
CA ILE C 5 -42.97 -4.03 -31.55
C ILE C 5 -43.00 -4.19 -30.01
N ASN C 6 -41.87 -3.91 -29.36
CA ASN C 6 -41.72 -3.98 -27.90
C ASN C 6 -41.92 -2.64 -27.12
N MET C 7 -42.37 -1.60 -27.82
CA MET C 7 -42.71 -0.33 -27.20
C MET C 7 -44.02 -0.57 -26.46
N VAL C 8 -44.11 0.04 -25.27
CA VAL C 8 -45.17 -0.15 -24.29
C VAL C 8 -45.55 1.23 -23.79
N ASP C 9 -46.86 1.50 -23.66
CA ASP C 9 -47.39 2.80 -23.30
C ASP C 9 -47.27 3.04 -21.78
N VAL C 10 -46.03 3.18 -21.32
CA VAL C 10 -45.72 3.30 -19.92
C VAL C 10 -44.61 4.34 -19.73
N ILE C 11 -44.85 5.25 -18.80
CA ILE C 11 -43.86 6.24 -18.39
C ILE C 11 -43.09 5.54 -17.32
N LYS C 12 -41.80 5.40 -17.57
CA LYS C 12 -40.89 4.81 -16.61
C LYS C 12 -40.12 5.96 -16.01
N PHE C 13 -40.56 6.40 -14.85
CA PHE C 13 -39.88 7.48 -14.16
C PHE C 13 -38.44 7.12 -13.76
N LYS C 14 -37.50 8.07 -13.94
CA LYS C 14 -36.08 7.78 -13.71
C LYS C 14 -35.43 8.59 -12.61
N GLU C 15 -35.95 9.76 -12.23
CA GLU C 15 -35.32 10.52 -11.14
C GLU C 15 -35.24 9.65 -9.86
N PRO C 16 -34.03 9.41 -9.37
CA PRO C 16 -33.85 8.63 -8.20
C PRO C 16 -34.11 9.43 -6.92
N GLU C 17 -34.36 8.74 -5.83
CA GLU C 17 -34.58 9.45 -4.59
C GLU C 17 -33.29 9.86 -3.88
N ARG C 18 -32.13 9.52 -4.45
CA ARG C 18 -30.87 9.63 -3.79
C ARG C 18 -29.84 9.93 -4.84
N CYS C 19 -28.94 10.84 -4.56
CA CYS C 19 -27.80 11.09 -5.41
C CYS C 19 -26.66 11.61 -4.52
N ASP C 20 -25.47 11.15 -4.78
CA ASP C 20 -24.30 11.63 -4.10
C ASP C 20 -24.24 13.14 -4.06
N TYR C 21 -23.90 13.67 -2.90
CA TYR C 21 -23.70 15.12 -2.68
C TYR C 21 -24.95 15.96 -2.77
N LEU C 22 -26.09 15.34 -3.07
CA LEU C 22 -27.33 16.07 -3.35
C LEU C 22 -28.34 15.97 -2.21
N TYR C 23 -28.73 17.12 -1.69
CA TYR C 23 -29.82 17.17 -0.73
C TYR C 23 -30.93 18.11 -1.15
N VAL C 24 -32.16 17.63 -1.22
CA VAL C 24 -33.28 18.52 -1.55
C VAL C 24 -34.05 18.79 -0.29
N ASP C 25 -34.25 20.04 0.08
CA ASP C 25 -34.98 20.30 1.32
C ASP C 25 -36.45 20.31 1.00
N GLU C 26 -37.26 20.61 2.01
CA GLU C 26 -38.69 20.38 1.96
C GLU C 26 -39.38 21.48 1.12
N ASN C 27 -38.67 22.52 0.72
CA ASN C 27 -39.23 23.52 -0.18
C ASN C 27 -38.75 23.32 -1.57
N ASN C 28 -38.18 22.15 -1.83
CA ASN C 28 -37.63 21.80 -3.15
C ASN C 28 -36.40 22.61 -3.61
N LYS C 29 -35.70 23.19 -2.65
CA LYS C 29 -34.38 23.75 -2.86
C LYS C 29 -33.29 22.68 -2.82
N VAL C 30 -32.46 22.72 -3.84
CA VAL C 30 -31.40 21.77 -4.04
C VAL C 30 -30.12 22.29 -3.38
N HIS C 31 -29.49 21.45 -2.56
CA HIS C 31 -28.23 21.76 -1.92
C HIS C 31 -27.18 20.74 -2.32
N ILE C 32 -26.03 21.23 -2.79
CA ILE C 32 -24.92 20.35 -3.04
C ILE C 32 -23.99 20.47 -1.87
N LEU C 33 -23.70 19.34 -1.24
CA LEU C 33 -22.81 19.32 -0.08
C LEU C 33 -21.42 18.93 -0.53
N LEU C 34 -20.47 19.84 -0.32
CA LEU C 34 -19.06 19.59 -0.57
C LEU C 34 -18.43 18.81 0.58
N PRO C 35 -17.92 17.59 0.33
CA PRO C 35 -17.37 16.81 1.40
C PRO C 35 -16.00 17.30 1.84
N ILE C 36 -15.74 17.19 3.13
CA ILE C 36 -14.46 17.51 3.71
C ILE C 36 -13.74 16.17 4.02
N VAL C 37 -14.28 15.36 4.88
CA VAL C 37 -13.74 14.04 5.10
C VAL C 37 -14.90 13.04 5.22
N GLY C 38 -14.60 11.75 5.09
CA GLY C 38 -15.59 10.76 5.36
C GLY C 38 -15.94 10.72 6.83
N GLY C 39 -17.15 10.34 7.16
CA GLY C 39 -17.57 10.12 8.55
C GLY C 39 -18.92 10.72 8.84
N ASP C 40 -19.39 10.56 10.07
CA ASP C 40 -20.65 11.14 10.54
C ASP C 40 -20.33 12.28 11.53
N GLU C 41 -19.73 11.94 12.66
CA GLU C 41 -19.35 12.94 13.64
C GLU C 41 -17.82 13.12 13.64
N ILE C 42 -17.07 12.02 13.69
CA ILE C 42 -15.60 12.08 13.69
C ILE C 42 -15.12 11.69 12.32
N GLY C 43 -14.21 12.49 11.77
CA GLY C 43 -13.80 12.25 10.40
C GLY C 43 -12.93 11.02 10.37
N LEU C 44 -13.10 10.16 9.38
CA LEU C 44 -12.31 8.92 9.31
C LEU C 44 -11.04 9.13 8.57
N ASP C 45 -10.95 10.22 7.82
CA ASP C 45 -9.75 10.57 7.07
C ASP C 45 -8.96 11.66 7.83
N ASN C 46 -7.68 11.40 8.00
CA ASN C 46 -6.78 12.39 8.55
C ASN C 46 -5.45 12.37 7.75
N THR C 47 -4.53 13.24 8.13
CA THR C 47 -3.17 13.21 7.59
C THR C 47 -3.15 13.06 6.07
N CYS C 48 -2.32 12.21 5.48
CA CYS C 48 -2.21 12.19 4.00
C CYS C 48 -3.53 11.93 3.25
N GLN C 49 -4.42 11.11 3.80
CA GLN C 49 -5.64 10.77 3.09
C GLN C 49 -6.74 11.79 3.24
N THR C 50 -6.47 12.89 3.93
CA THR C 50 -7.49 13.90 4.16
C THR C 50 -8.18 14.35 2.88
N ALA C 51 -7.43 14.62 1.82
CA ALA C 51 -8.02 15.18 0.59
C ALA C 51 -8.85 14.23 -0.24
N VAL C 52 -9.00 12.97 0.17
CA VAL C 52 -9.65 11.94 -0.65
C VAL C 52 -11.08 12.26 -1.08
N GLU C 53 -11.91 12.74 -0.19
CA GLU C 53 -13.31 13.04 -0.56
C GLU C 53 -13.37 14.17 -1.61
N LEU C 54 -12.53 15.19 -1.44
CA LEU C 54 -12.47 16.32 -2.36
C LEU C 54 -11.90 15.93 -3.74
N ILE C 55 -10.85 15.14 -3.79
CA ILE C 55 -10.39 14.56 -5.04
C ILE C 55 -11.59 13.90 -5.80
N THR C 56 -12.29 12.99 -5.17
CA THR C 56 -13.43 12.31 -5.73
C THR C 56 -14.49 13.29 -6.19
N PHE C 57 -14.81 14.27 -5.36
CA PHE C 57 -15.87 15.19 -5.72
C PHE C 57 -15.52 15.94 -7.01
N PHE C 58 -14.28 16.42 -7.14
CA PHE C 58 -13.91 17.26 -8.29
C PHE C 58 -13.47 16.45 -9.51
N TYR C 59 -12.90 15.27 -9.28
CA TYR C 59 -12.30 14.54 -10.37
C TYR C 59 -12.67 13.06 -10.52
N GLY C 60 -13.38 12.48 -9.55
CA GLY C 60 -13.63 11.06 -9.53
C GLY C 60 -12.41 10.33 -9.02
N SER C 61 -12.59 9.05 -8.72
CA SER C 61 -11.50 8.20 -8.26
C SER C 61 -11.82 6.73 -8.45
N ALA C 62 -10.80 5.90 -8.22
CA ALA C 62 -10.92 4.45 -8.27
C ALA C 62 -10.66 4.04 -6.85
N HIS C 63 -11.56 3.26 -6.24
CA HIS C 63 -11.32 2.73 -4.90
C HIS C 63 -11.68 1.26 -4.90
N SER C 64 -10.72 0.42 -4.53
CA SER C 64 -10.99 -1.01 -4.43
C SER C 64 -11.59 -1.50 -5.77
N GLY C 65 -10.98 -1.06 -6.88
CA GLY C 65 -11.43 -1.45 -8.22
C GLY C 65 -12.70 -0.72 -8.71
N VAL C 66 -13.45 -0.09 -7.80
CA VAL C 66 -14.73 0.56 -8.17
C VAL C 66 -14.56 2.03 -8.45
N THR C 67 -15.00 2.46 -9.62
CA THR C 67 -14.92 3.86 -9.99
C THR C 67 -15.96 4.64 -9.20
N LYS C 68 -15.56 5.76 -8.58
CA LYS C 68 -16.48 6.71 -7.98
C LYS C 68 -16.43 7.95 -8.85
N TYR C 69 -17.57 8.49 -9.20
CA TYR C 69 -17.64 9.55 -10.19
C TYR C 69 -17.69 10.94 -9.59
N SER C 70 -17.25 11.92 -10.37
CA SER C 70 -17.26 13.30 -9.93
C SER C 70 -18.68 13.82 -9.67
N ALA C 71 -18.75 14.86 -8.86
CA ALA C 71 -19.98 15.56 -8.60
C ALA C 71 -20.64 15.96 -9.92
N GLU C 72 -19.82 16.56 -10.78
CA GLU C 72 -20.31 17.03 -12.06
C GLU C 72 -20.89 15.90 -12.90
N HIS C 73 -20.22 14.77 -12.91
CA HIS C 73 -20.69 13.64 -13.68
C HIS C 73 -22.01 13.06 -13.11
N GLN C 74 -22.13 12.94 -11.77
CA GLN C 74 -23.37 12.39 -11.19
C GLN C 74 -24.55 13.33 -11.34
N LEU C 75 -24.29 14.63 -11.23
CA LEU C 75 -25.31 15.67 -11.42
C LEU C 75 -25.79 15.75 -12.88
N SER C 76 -24.87 15.49 -13.79
CA SER C 76 -25.20 15.41 -15.19
C SER C 76 -26.12 14.20 -15.44
N GLU C 77 -25.87 13.06 -14.80
CA GLU C 77 -26.75 11.91 -14.99
CA GLU C 77 -26.72 11.89 -14.95
C GLU C 77 -28.12 12.20 -14.36
N TYR C 78 -28.15 12.72 -13.14
CA TYR C 78 -29.38 13.23 -12.51
C TYR C 78 -30.12 14.23 -13.43
N LYS C 79 -29.37 15.08 -14.12
CA LYS C 79 -29.99 16.02 -15.00
C LYS C 79 -30.73 15.33 -16.16
N ARG C 80 -30.02 14.45 -16.83
CA ARG C 80 -30.62 13.61 -17.85
C ARG C 80 -31.92 12.96 -17.42
N GLN C 81 -31.91 12.36 -16.25
CA GLN C 81 -33.04 11.59 -15.80
C GLN C 81 -34.24 12.50 -15.58
N LEU C 82 -34.03 13.64 -14.94
CA LEU C 82 -35.05 14.67 -14.86
C LEU C 82 -35.60 15.01 -16.24
N GLU C 83 -34.71 15.19 -17.21
CA GLU C 83 -35.15 15.61 -18.54
C GLU C 83 -36.06 14.54 -19.11
N GLU C 84 -35.72 13.26 -18.90
CA GLU C 84 -36.56 12.19 -19.36
C GLU C 84 -37.95 12.23 -18.71
N ASP C 85 -37.98 12.39 -17.38
CA ASP C 85 -39.21 12.49 -16.69
C ASP C 85 -40.04 13.70 -17.18
N ILE C 86 -39.40 14.84 -17.40
CA ILE C 86 -40.11 16.03 -17.90
C ILE C 86 -40.71 15.75 -19.28
N LYS C 87 -39.98 15.08 -20.14
CA LYS C 87 -40.47 14.82 -21.48
C LYS C 87 -41.59 13.79 -21.44
N ALA C 88 -41.50 12.81 -20.53
CA ALA C 88 -42.57 11.79 -20.43
C ALA C 88 -43.86 12.40 -19.87
N ILE C 89 -43.73 13.24 -18.84
CA ILE C 89 -44.88 13.99 -18.35
C ILE C 89 -45.45 14.89 -19.46
N ASN C 90 -44.58 15.46 -20.30
CA ASN C 90 -45.02 16.41 -21.32
C ASN C 90 -45.79 15.71 -22.41
N SER C 91 -45.52 14.44 -22.62
CA SER C 91 -46.20 13.69 -23.60
C SER C 91 -47.64 13.42 -23.22
N GLN C 92 -48.06 13.66 -21.99
CA GLN C 92 -49.47 13.41 -21.58
C GLN C 92 -50.38 14.62 -21.76
N LYS C 93 -49.78 15.76 -22.09
CA LYS C 93 -50.50 17.01 -22.04
C LYS C 93 -51.57 17.10 -23.12
N LYS C 94 -51.31 16.47 -24.25
CA LYS C 94 -52.22 16.48 -25.37
C LYS C 94 -53.45 15.63 -25.04
N ILE C 95 -53.35 14.78 -24.02
CA ILE C 95 -54.47 14.03 -23.49
C ILE C 95 -55.06 14.75 -22.26
N SER C 96 -54.23 15.21 -21.34
CA SER C 96 -54.75 15.89 -20.14
C SER C 96 -53.93 17.13 -19.84
N PRO C 97 -54.53 18.30 -19.99
CA PRO C 97 -53.74 19.52 -19.95
C PRO C 97 -53.14 19.75 -18.56
N HIS C 98 -53.82 19.27 -17.53
CA HIS C 98 -53.30 19.37 -16.17
C HIS C 98 -52.46 18.15 -15.66
N ALA C 99 -52.07 17.27 -16.56
CA ALA C 99 -51.35 16.04 -16.21
C ALA C 99 -50.07 16.32 -15.38
N TYR C 100 -50.05 15.82 -14.14
CA TYR C 100 -48.92 15.85 -13.23
C TYR C 100 -48.32 17.25 -12.97
N ASP C 101 -49.17 18.25 -12.89
CA ASP C 101 -48.71 19.61 -12.86
C ASP C 101 -47.76 19.85 -11.68
N ASP C 102 -48.11 19.34 -10.51
CA ASP C 102 -47.25 19.52 -9.36
C ASP C 102 -45.94 18.77 -9.53
N LEU C 103 -46.00 17.56 -10.03
CA LEU C 103 -44.77 16.81 -10.17
C LEU C 103 -43.90 17.43 -11.28
N LEU C 104 -44.53 17.90 -12.35
CA LEU C 104 -43.82 18.50 -13.47
C LEU C 104 -43.02 19.70 -12.98
N LYS C 105 -43.68 20.48 -12.17
CA LYS C 105 -43.12 21.75 -11.72
C LYS C 105 -41.97 21.46 -10.77
N GLU C 106 -42.20 20.55 -9.86
CA GLU C 106 -41.18 20.18 -8.92
C GLU C 106 -39.96 19.64 -9.62
N LYS C 107 -40.16 18.79 -10.60
CA LYS C 107 -39.03 18.26 -11.37
C LYS C 107 -38.27 19.36 -12.11
N ILE C 108 -38.98 20.30 -12.69
CA ILE C 108 -38.35 21.38 -13.46
C ILE C 108 -37.57 22.35 -12.57
N GLU C 109 -38.12 22.67 -11.38
CA GLU C 109 -37.40 23.43 -10.39
C GLU C 109 -36.06 22.76 -10.05
N ARG C 110 -36.05 21.45 -9.84
CA ARG C 110 -34.81 20.80 -9.48
C ARG C 110 -33.86 20.80 -10.65
N LEU C 111 -34.38 20.74 -11.88
CA LEU C 111 -33.52 20.63 -13.06
C LEU C 111 -32.76 21.94 -13.24
N GLN C 112 -33.44 23.05 -13.04
CA GLN C 112 -32.86 24.34 -13.32
C GLN C 112 -31.77 24.63 -12.31
N GLN C 113 -32.04 24.25 -11.05
CA GLN C 113 -31.08 24.40 -9.94
C GLN C 113 -29.83 23.55 -10.19
N ILE C 114 -30.06 22.29 -10.56
CA ILE C 114 -29.00 21.36 -10.84
C ILE C 114 -28.16 21.87 -12.03
N GLU C 115 -28.80 22.48 -13.02
CA GLU C 115 -28.06 23.02 -14.14
C GLU C 115 -27.12 24.10 -13.67
N LYS C 116 -27.63 25.00 -12.84
CA LYS C 116 -26.82 26.06 -12.32
C LYS C 116 -25.65 25.46 -11.50
N TYR C 117 -25.91 24.49 -10.62
CA TYR C 117 -24.80 23.96 -9.87
C TYR C 117 -23.74 23.39 -10.81
N ILE C 118 -24.18 22.71 -11.88
CA ILE C 118 -23.23 22.17 -12.87
C ILE C 118 -22.39 23.32 -13.45
N GLU C 119 -23.01 24.37 -13.92
CA GLU C 119 -22.31 25.51 -14.53
C GLU C 119 -21.32 26.04 -13.50
N LEU C 120 -21.74 26.16 -12.23
CA LEU C 120 -20.87 26.67 -11.22
C LEU C 120 -19.60 25.83 -11.00
N ILE C 121 -19.70 24.52 -11.05
CA ILE C 121 -18.52 23.72 -10.79
C ILE C 121 -17.52 23.95 -11.96
N GLN C 122 -18.04 24.00 -13.18
CA GLN C 122 -17.20 24.17 -14.38
C GLN C 122 -16.45 25.48 -14.32
N VAL C 123 -17.17 26.55 -14.05
CA VAL C 123 -16.57 27.85 -14.00
C VAL C 123 -15.60 27.96 -12.81
N LEU C 124 -15.92 27.30 -11.70
CA LEU C 124 -14.95 27.25 -10.60
C LEU C 124 -13.62 26.71 -11.10
N LYS C 125 -13.69 25.56 -11.79
CA LYS C 125 -12.50 24.88 -12.19
C LYS C 125 -11.87 25.61 -13.32
N LYS C 126 -12.67 26.26 -14.15
CA LYS C 126 -12.15 26.74 -15.42
C LYS C 126 -11.58 28.16 -15.31
N GLN C 127 -12.25 29.02 -14.53
CA GLN C 127 -11.92 30.42 -14.43
C GLN C 127 -11.37 30.84 -13.08
N TYR C 128 -11.73 30.11 -12.03
CA TYR C 128 -11.41 30.56 -10.69
C TYR C 128 -10.45 29.65 -9.96
N ASP C 129 -9.54 29.00 -10.67
CA ASP C 129 -8.53 28.17 -10.00
C ASP C 129 -7.13 28.57 -10.48
N GLU C 130 -6.89 29.88 -10.63
CA GLU C 130 -5.64 30.35 -11.27
C GLU C 130 -4.41 29.87 -10.47
N GLN C 131 -4.54 29.82 -9.15
CA GLN C 131 -3.51 29.29 -8.23
C GLN C 131 -3.40 27.72 -8.16
N ASN C 132 -4.23 26.98 -8.91
CA ASN C 132 -4.17 25.52 -8.86
C ASN C 132 -4.51 24.91 -7.48
N ASP C 133 -5.38 25.58 -6.73
CA ASP C 133 -5.78 25.18 -5.37
C ASP C 133 -6.74 23.95 -5.41
N ILE C 134 -7.48 23.85 -6.52
CA ILE C 134 -8.30 22.71 -6.80
C ILE C 134 -7.53 21.69 -7.65
N ARG C 135 -6.87 22.13 -8.72
CA ARG C 135 -6.05 21.17 -9.52
C ARG C 135 -5.04 20.40 -8.69
N GLN C 136 -4.48 21.06 -7.68
CA GLN C 136 -3.51 20.34 -6.80
C GLN C 136 -4.08 19.11 -6.13
N LEU C 137 -5.38 19.04 -5.98
CA LEU C 137 -6.02 17.82 -5.50
C LEU C 137 -5.62 16.62 -6.36
N ARG C 138 -5.61 16.83 -7.68
CA ARG C 138 -5.29 15.80 -8.69
C ARG C 138 -3.79 15.56 -8.94
N THR C 139 -2.92 16.50 -8.57
CA THR C 139 -1.52 16.47 -9.02
C THR C 139 -0.48 16.36 -7.92
N GLY C 140 -0.79 16.86 -6.74
CA GLY C 140 0.28 17.43 -5.93
C GLY C 140 1.33 16.46 -5.42
N GLY C 141 0.84 15.39 -4.82
CA GLY C 141 1.70 14.57 -4.03
C GLY C 141 1.47 15.16 -2.67
N ILE C 142 0.67 14.43 -1.91
CA ILE C 142 0.05 14.89 -0.68
C ILE C 142 -0.66 16.24 -0.79
N PRO C 143 -1.83 16.23 -1.41
CA PRO C 143 -2.66 17.42 -1.56
C PRO C 143 -3.16 18.01 -0.26
N GLN C 144 -3.43 19.32 -0.34
CA GLN C 144 -3.96 20.12 0.76
C GLN C 144 -5.47 20.24 0.58
N LEU C 145 -6.17 20.53 1.68
CA LEU C 145 -7.50 21.11 1.56
C LEU C 145 -7.33 22.46 0.87
N PRO C 146 -8.21 22.82 -0.07
CA PRO C 146 -8.23 24.20 -0.65
C PRO C 146 -8.47 25.29 0.39
N SER C 147 -8.02 26.51 0.11
CA SER C 147 -8.20 27.63 1.06
C SER C 147 -9.66 27.87 1.46
N GLY C 148 -10.58 27.86 0.53
CA GLY C 148 -11.95 28.05 0.93
C GLY C 148 -12.42 27.06 1.98
N VAL C 149 -12.00 25.80 1.83
CA VAL C 149 -12.42 24.80 2.78
C VAL C 149 -11.73 25.12 4.09
N LYS C 150 -10.48 25.56 3.98
CA LYS C 150 -9.72 25.94 5.16
C LYS C 150 -10.37 27.11 5.93
N GLU C 151 -10.83 28.12 5.20
CA GLU C 151 -11.55 29.24 5.80
C GLU C 151 -12.84 28.78 6.48
N ILE C 152 -13.59 27.91 5.81
CA ILE C 152 -14.82 27.38 6.36
C ILE C 152 -14.56 26.65 7.65
N ILE C 153 -13.58 25.76 7.68
CA ILE C 153 -13.22 25.12 8.93
C ILE C 153 -12.75 26.12 10.02
N LYS C 154 -12.04 27.18 9.59
CA LYS C 154 -11.57 28.25 10.50
C LYS C 154 -12.75 28.99 11.16
N SER C 155 -13.84 29.18 10.40
CA SER C 155 -15.06 29.87 10.87
C SER C 155 -16.12 28.94 11.53
N SER C 156 -15.92 27.63 11.52
CA SER C 156 -17.00 26.76 11.99
C SER C 156 -17.25 26.97 13.49
N GLU C 157 -18.51 26.90 13.88
CA GLU C 157 -18.83 26.93 15.28
C GLU C 157 -19.27 25.57 15.72
N ASN C 158 -19.41 24.63 14.80
CA ASN C 158 -19.89 23.30 15.19
C ASN C 158 -18.96 22.14 14.90
N ALA C 159 -17.82 22.43 14.28
CA ALA C 159 -16.86 21.38 13.91
C ALA C 159 -15.44 21.84 14.23
N PHE C 160 -14.64 20.95 14.81
CA PHE C 160 -13.26 21.28 15.20
C PHE C 160 -12.24 20.18 14.99
N ALA C 161 -11.11 20.55 14.44
CA ALA C 161 -9.97 19.62 14.40
C ALA C 161 -9.26 19.60 15.75
N VAL C 162 -8.55 18.52 15.95
CA VAL C 162 -7.91 18.24 17.16
C VAL C 162 -6.59 17.59 16.76
N ARG C 163 -5.46 18.18 17.17
CA ARG C 163 -4.15 17.59 16.87
C ARG C 163 -3.49 17.00 18.09
N LEU C 164 -3.00 15.77 17.98
CA LEU C 164 -2.46 15.02 19.11
C LEU C 164 -0.97 14.64 18.92
N SER C 165 -0.41 13.95 19.92
CA SER C 165 0.99 13.57 19.99
C SER C 165 1.14 12.07 20.04
N PRO C 166 1.19 11.42 18.88
CA PRO C 166 1.54 10.01 18.89
C PRO C 166 3.02 9.93 18.88
N TYR C 167 3.59 8.95 19.54
CA TYR C 167 5.03 8.80 19.49
C TYR C 167 5.63 8.93 18.09
N ASP C 168 5.13 8.12 17.17
CA ASP C 168 5.60 8.10 15.79
C ASP C 168 4.72 9.04 15.01
N ASN C 169 5.01 10.32 15.11
CA ASN C 169 4.12 11.32 14.52
C ASN C 169 4.43 11.53 13.06
N ASP C 170 3.39 11.92 12.33
CA ASP C 170 3.41 12.10 10.92
C ASP C 170 3.16 13.57 10.66
N LYS C 171 4.13 14.24 10.09
CA LYS C 171 4.09 15.65 9.83
C LYS C 171 3.09 16.08 8.78
N PHE C 172 2.55 15.14 8.03
CA PHE C 172 1.60 15.51 6.98
C PHE C 172 0.18 15.68 7.53
N THR C 173 0.10 16.27 8.74
CA THR C 173 -1.15 16.90 9.21
C THR C 173 -1.74 17.80 8.13
N ARG C 174 -3.04 17.78 8.02
CA ARG C 174 -3.75 18.58 7.05
C ARG C 174 -4.84 19.53 7.61
N PHE C 175 -5.10 19.45 8.92
CA PHE C 175 -5.99 20.42 9.60
C PHE C 175 -5.17 21.48 10.30
N ASP C 176 -5.24 22.69 9.77
CA ASP C 176 -4.29 23.68 10.18
C ASP C 176 -4.73 24.55 11.32
N ASP C 177 -6.01 24.59 11.64
CA ASP C 177 -6.41 25.38 12.77
C ASP C 177 -7.11 24.55 13.82
N PRO C 178 -6.41 23.58 14.40
CA PRO C 178 -7.09 22.77 15.43
C PRO C 178 -7.46 23.56 16.69
N LEU C 179 -8.63 23.27 17.23
CA LEU C 179 -9.02 23.74 18.53
C LEU C 179 -8.07 23.19 19.60
N PHE C 180 -7.91 21.87 19.67
CA PHE C 180 -7.02 21.30 20.69
C PHE C 180 -5.70 20.84 20.10
N ASN C 181 -4.61 21.26 20.73
CA ASN C 181 -3.27 21.10 20.14
C ASN C 181 -2.19 20.85 21.17
N VAL C 182 -1.28 19.92 20.88
CA VAL C 182 -0.16 19.68 21.76
C VAL C 182 1.15 19.43 21.04
N LYS C 183 2.20 19.62 21.81
CA LYS C 183 3.53 19.45 21.30
C LYS C 183 3.80 18.02 20.86
N ARG C 184 4.62 17.98 19.81
CA ARG C 184 4.89 16.79 19.04
C ARG C 184 6.39 16.57 18.89
N ASN C 185 6.78 15.30 18.93
CA ASN C 185 8.05 14.86 18.46
C ASN C 185 8.32 15.41 17.07
N ILE C 186 9.59 15.38 16.70
CA ILE C 186 9.97 15.68 15.31
C ILE C 186 9.69 14.40 14.54
N SER C 187 8.83 14.50 13.55
CA SER C 187 8.43 13.39 12.72
C SER C 187 9.63 12.79 12.04
N LYS C 188 9.63 11.47 11.91
CA LYS C 188 10.72 10.76 11.27
C LYS C 188 10.96 11.27 9.84
N TYR C 189 9.92 11.81 9.24
CA TYR C 189 10.03 12.36 7.88
C TYR C 189 10.73 13.71 7.86
N ASP C 190 10.99 14.29 9.04
CA ASP C 190 11.92 15.42 9.14
C ASP C 190 13.27 14.97 9.63
N THR C 191 13.67 13.76 9.26
CA THR C 191 15.00 13.25 9.56
C THR C 191 15.59 12.76 8.25
N PRO C 192 16.91 12.69 8.16
CA PRO C 192 17.55 12.26 6.92
C PRO C 192 17.16 10.85 6.45
N SER C 193 17.11 9.92 7.39
CA SER C 193 16.90 8.49 7.16
C SER C 193 15.44 8.15 7.12
N ARG C 194 14.62 8.99 7.74
CA ARG C 194 13.16 8.84 7.67
C ARG C 194 12.60 7.66 8.44
N GLN C 195 13.37 7.17 9.42
CA GLN C 195 13.11 5.90 10.08
C GLN C 195 12.43 6.10 11.46
N ALA C 196 13.01 6.97 12.29
CA ALA C 196 12.53 7.18 13.65
C ALA C 196 12.20 8.68 13.95
N PRO C 197 11.22 8.94 14.80
CA PRO C 197 11.08 10.33 15.26
C PRO C 197 12.21 10.79 16.17
N ILE C 198 12.46 12.10 16.24
CA ILE C 198 13.27 12.64 17.32
C ILE C 198 12.35 12.95 18.50
N PRO C 199 12.52 12.24 19.61
CA PRO C 199 11.69 12.55 20.78
C PRO C 199 12.00 13.94 21.41
N ILE C 200 10.95 14.65 21.81
CA ILE C 200 11.09 15.75 22.74
C ILE C 200 10.93 15.23 24.16
N TYR C 201 11.54 15.90 25.14
CA TYR C 201 11.31 15.52 26.53
C TYR C 201 10.63 16.69 27.32
N GLU C 202 9.51 17.13 26.78
CA GLU C 202 8.64 18.11 27.44
C GLU C 202 7.20 17.92 26.89
N GLY C 203 6.23 18.32 27.71
CA GLY C 203 4.85 18.29 27.31
C GLY C 203 4.15 16.97 27.56
N LEU C 204 2.88 16.99 27.14
CA LEU C 204 1.87 16.08 27.60
C LEU C 204 2.05 14.63 27.15
N GLY C 205 2.38 14.44 25.86
CA GLY C 205 2.55 13.09 25.31
C GLY C 205 3.75 12.37 25.91
N TYR C 206 4.85 13.11 26.06
CA TYR C 206 6.03 12.57 26.73
C TYR C 206 5.67 12.17 28.17
N ARG C 207 5.14 13.09 28.93
CA ARG C 207 4.82 12.74 30.32
C ARG C 207 4.00 11.46 30.36
N LEU C 208 2.98 11.36 29.54
CA LEU C 208 2.14 10.18 29.58
C LEU C 208 2.94 8.94 29.24
N ARG C 209 3.67 8.99 28.12
CA ARG C 209 4.47 7.84 27.68
C ARG C 209 5.54 7.46 28.71
N SER C 210 6.43 8.39 28.99
CA SER C 210 7.47 8.17 30.00
C SER C 210 6.92 7.74 31.38
N THR C 211 5.73 8.24 31.77
CA THR C 211 5.16 7.94 33.09
C THR C 211 4.39 6.63 33.11
N LEU C 212 3.80 6.21 31.99
CA LEU C 212 3.01 4.97 31.97
C LEU C 212 3.84 3.69 31.72
N PHE C 213 4.90 3.83 30.95
CA PHE C 213 5.88 2.77 30.79
C PHE C 213 7.28 3.38 30.75
N PRO C 214 7.93 3.51 31.92
CA PRO C 214 9.10 4.42 32.03
C PRO C 214 10.36 3.82 31.47
N GLU C 215 11.35 4.67 31.27
CA GLU C 215 12.64 4.27 30.69
C GLU C 215 13.15 2.92 31.27
N ASP C 216 13.01 2.74 32.58
CA ASP C 216 13.48 1.50 33.24
C ASP C 216 12.63 0.23 32.99
N LYS C 217 11.56 0.36 32.21
CA LYS C 217 10.78 -0.79 31.75
C LYS C 217 9.94 -1.45 32.82
N THR C 218 9.54 -0.66 33.82
CA THR C 218 8.67 -1.08 34.93
C THR C 218 7.17 -1.09 34.53
N PRO C 219 6.57 -2.28 34.28
CA PRO C 219 5.11 -2.34 34.03
C PRO C 219 4.28 -1.42 34.89
N THR C 220 3.19 -0.95 34.31
CA THR C 220 2.15 -0.41 35.13
C THR C 220 1.04 -1.46 35.13
N PRO C 221 0.63 -1.92 36.32
CA PRO C 221 -0.39 -2.95 36.40
C PRO C 221 -1.79 -2.36 36.19
N ILE C 222 -2.61 -3.01 35.36
CA ILE C 222 -3.96 -2.58 35.10
C ILE C 222 -4.85 -3.47 35.98
N ASN C 223 -5.19 -2.99 37.18
CA ASN C 223 -6.05 -3.75 38.12
C ASN C 223 -7.52 -3.38 37.97
N LYS C 224 -8.18 -3.95 36.97
CA LYS C 224 -9.56 -3.54 36.75
C LYS C 224 -10.49 -4.54 37.40
N LYS C 225 -11.34 -4.04 38.30
CA LYS C 225 -12.37 -4.85 38.94
C LYS C 225 -13.75 -4.48 38.37
N SER C 226 -14.59 -5.50 38.17
CA SER C 226 -16.05 -5.33 38.02
C SER C 226 -16.68 -4.49 39.10
N LEU C 227 -17.78 -3.84 38.78
CA LEU C 227 -18.60 -3.19 39.81
C LEU C 227 -18.84 -4.13 41.03
N ARG C 228 -19.12 -5.41 40.75
CA ARG C 228 -19.32 -6.42 41.81
C ARG C 228 -18.06 -6.64 42.63
N ASP C 229 -16.95 -6.99 41.96
CA ASP C 229 -15.65 -7.14 42.63
C ASP C 229 -15.28 -5.90 43.44
N LYS C 230 -15.42 -4.73 42.84
CA LYS C 230 -14.92 -3.53 43.46
C LYS C 230 -15.67 -3.32 44.79
N VAL C 231 -16.93 -3.71 44.84
CA VAL C 231 -17.68 -3.60 46.09
C VAL C 231 -17.30 -4.72 47.04
N LYS C 232 -17.10 -5.92 46.50
CA LYS C 232 -16.77 -7.05 47.35
C LYS C 232 -15.45 -6.81 48.09
N SER C 233 -14.40 -6.49 47.37
CA SER C 233 -13.10 -6.29 48.01
C SER C 233 -13.10 -5.05 48.89
N THR C 234 -13.76 -3.98 48.47
CA THR C 234 -13.80 -2.81 49.33
C THR C 234 -14.37 -3.22 50.68
N VAL C 235 -15.39 -4.08 50.65
CA VAL C 235 -16.04 -4.51 51.92
C VAL C 235 -15.13 -5.47 52.72
N LEU C 236 -14.41 -6.36 52.04
CA LEU C 236 -13.63 -7.42 52.69
C LEU C 236 -12.32 -6.90 53.29
N SER C 237 -11.89 -5.72 52.85
CA SER C 237 -10.71 -5.07 53.45
C SER C 237 -11.02 -4.49 54.82
N HIS C 238 -12.28 -4.42 55.21
CA HIS C 238 -12.58 -4.09 56.61
C HIS C 238 -12.82 -5.35 57.45
N TYR C 239 -12.51 -6.53 56.89
CA TYR C 239 -12.65 -7.84 57.57
C TYR C 239 -11.32 -8.61 57.54
N LYS C 240 -11.12 -9.50 58.49
CA LYS C 240 -9.99 -10.43 58.42
C LYS C 240 -10.50 -11.72 57.77
N ASP C 241 -9.66 -12.38 56.99
CA ASP C 241 -9.98 -13.71 56.43
C ASP C 241 -10.50 -14.69 57.48
N GLU C 242 -10.18 -14.44 58.76
CA GLU C 242 -10.64 -15.32 59.83
C GLU C 242 -12.07 -15.02 60.23
N ASP C 243 -12.60 -13.88 59.82
CA ASP C 243 -13.92 -13.53 60.29
C ASP C 243 -14.98 -14.51 59.76
N ARG C 244 -15.97 -14.78 60.59
CA ARG C 244 -17.03 -15.70 60.24
C ARG C 244 -18.33 -15.08 60.70
N ILE C 245 -19.42 -15.36 60.01
CA ILE C 245 -20.71 -15.08 60.61
C ILE C 245 -20.96 -16.24 61.53
N ASP C 246 -20.70 -15.99 62.79
CA ASP C 246 -20.29 -17.00 63.77
C ASP C 246 -20.97 -16.82 65.09
N GLY C 247 -21.08 -17.93 65.83
CA GLY C 247 -21.39 -17.93 67.27
C GLY C 247 -22.65 -17.21 67.73
N GLU C 248 -22.68 -16.87 69.02
CA GLU C 248 -23.69 -15.95 69.56
C GLU C 248 -23.39 -14.60 68.91
N LYS C 249 -24.42 -13.78 68.72
CA LYS C 249 -24.18 -12.55 67.93
C LYS C 249 -23.98 -12.79 66.43
N LYS C 250 -24.12 -14.03 65.96
CA LYS C 250 -24.12 -14.28 64.53
C LYS C 250 -25.06 -13.34 63.79
N ASP C 251 -26.28 -13.19 64.29
CA ASP C 251 -27.30 -12.35 63.69
C ASP C 251 -26.77 -10.90 63.58
N GLU C 252 -26.13 -10.42 64.65
CA GLU C 252 -25.57 -9.07 64.71
C GLU C 252 -24.40 -8.91 63.76
N LYS C 253 -23.55 -9.93 63.67
CA LYS C 253 -22.44 -9.87 62.69
C LYS C 253 -22.91 -9.78 61.22
N LEU C 254 -24.01 -10.45 60.91
CA LEU C 254 -24.60 -10.48 59.59
C LEU C 254 -25.28 -9.15 59.25
N ASN C 255 -26.04 -8.60 60.18
CA ASN C 255 -26.56 -7.25 60.04
C ASN C 255 -25.41 -6.27 59.77
N GLU C 256 -24.35 -6.38 60.53
CA GLU C 256 -23.22 -5.49 60.34
C GLU C 256 -22.74 -5.64 58.92
N LEU C 257 -22.61 -6.89 58.45
CA LEU C 257 -22.10 -7.17 57.07
C LEU C 257 -23.01 -6.62 55.98
N ILE C 258 -24.32 -6.82 56.17
CA ILE C 258 -25.32 -6.35 55.21
C ILE C 258 -25.27 -4.82 55.13
N THR C 259 -25.25 -4.14 56.28
CA THR C 259 -25.12 -2.69 56.36
C THR C 259 -23.93 -2.19 55.57
N ASN C 260 -22.77 -2.74 55.89
CA ASN C 260 -21.57 -2.38 55.17
C ASN C 260 -21.68 -2.59 53.68
N LEU C 261 -22.28 -3.73 53.31
CA LEU C 261 -22.33 -4.14 51.92
C LEU C 261 -23.24 -3.21 51.16
N GLN C 262 -24.35 -2.85 51.80
CA GLN C 262 -25.29 -1.88 51.25
C GLN C 262 -24.69 -0.49 51.08
N ASN C 263 -24.25 0.10 52.19
CA ASN C 263 -23.63 1.45 52.19
C ASN C 263 -22.61 1.57 51.08
N GLU C 264 -21.82 0.52 50.87
CA GLU C 264 -20.78 0.52 49.85
C GLU C 264 -21.36 0.43 48.43
N LEU C 265 -22.36 -0.44 48.26
CA LEU C 265 -22.92 -0.65 46.95
C LEU C 265 -23.67 0.61 46.52
N VAL C 266 -24.45 1.15 47.45
CA VAL C 266 -25.14 2.44 47.29
C VAL C 266 -24.13 3.53 46.92
N LYS C 267 -23.09 3.67 47.73
CA LYS C 267 -22.02 4.63 47.51
C LYS C 267 -21.44 4.57 46.11
N GLU C 268 -21.38 3.38 45.51
CA GLU C 268 -20.82 3.26 44.17
C GLU C 268 -21.86 3.44 43.06
N LEU C 269 -23.14 3.33 43.41
CA LEU C 269 -24.17 3.32 42.39
C LEU C 269 -24.78 4.71 42.21
N VAL C 270 -24.95 5.44 43.30
CA VAL C 270 -25.46 6.79 43.21
C VAL C 270 -24.66 7.66 42.20
N LYS C 271 -23.33 7.65 42.30
CA LYS C 271 -22.49 8.28 41.28
C LYS C 271 -23.05 8.04 39.88
N SER C 272 -23.59 6.83 39.64
CA SER C 272 -24.15 6.49 38.33
C SER C 272 -25.62 6.84 38.19
N ASP C 273 -26.38 6.76 39.27
CA ASP C 273 -27.81 7.10 39.27
C ASP C 273 -28.39 7.15 40.69
N PRO C 274 -28.92 8.31 41.08
CA PRO C 274 -29.43 8.58 42.44
C PRO C 274 -30.65 7.74 42.90
N GLN C 275 -31.42 7.17 41.97
CA GLN C 275 -32.51 6.22 42.35
C GLN C 275 -31.92 5.11 43.24
N TYR C 276 -30.66 4.76 42.98
CA TYR C 276 -30.01 3.71 43.74
C TYR C 276 -29.68 4.12 45.18
N SER C 277 -30.19 5.27 45.61
CA SER C 277 -29.99 5.71 47.00
C SER C 277 -30.86 4.90 47.95
N LYS C 278 -31.97 4.38 47.42
CA LYS C 278 -33.00 3.70 48.23
C LYS C 278 -32.83 2.18 48.25
N LEU C 279 -32.01 1.66 47.34
CA LEU C 279 -31.70 0.22 47.30
C LEU C 279 -31.35 -0.34 48.68
N SER C 280 -32.04 -1.43 49.05
CA SER C 280 -31.89 -2.09 50.35
C SER C 280 -31.46 -3.54 50.14
N LEU C 281 -30.72 -4.05 51.11
CA LEU C 281 -30.20 -5.41 50.98
C LEU C 281 -30.73 -6.26 52.16
N SER C 282 -31.74 -5.76 52.85
CA SER C 282 -32.26 -6.42 54.04
C SER C 282 -33.37 -7.44 53.77
N LYS C 283 -33.96 -7.36 52.60
CA LYS C 283 -35.15 -8.12 52.21
C LYS C 283 -34.89 -8.57 50.77
N ASP C 284 -35.34 -9.75 50.37
CA ASP C 284 -35.26 -10.13 48.99
C ASP C 284 -36.36 -9.41 48.18
N PRO C 285 -36.47 -9.69 46.88
CA PRO C 285 -37.55 -9.01 46.12
C PRO C 285 -38.96 -9.02 46.79
N ARG C 286 -39.29 -10.17 47.37
CA ARG C 286 -40.60 -10.38 48.01
C ARG C 286 -40.73 -9.82 49.40
N GLY C 287 -39.66 -9.35 49.99
CA GLY C 287 -39.76 -8.89 51.40
C GLY C 287 -39.42 -9.95 52.44
N LYS C 288 -38.90 -11.11 52.01
CA LYS C 288 -38.27 -12.11 52.91
C LYS C 288 -37.01 -11.54 53.54
N GLU C 289 -36.96 -11.55 54.86
CA GLU C 289 -35.82 -11.01 55.59
C GLU C 289 -34.61 -11.88 55.35
N ILE C 290 -33.51 -11.25 54.98
CA ILE C 290 -32.26 -11.93 54.81
C ILE C 290 -31.64 -12.06 56.20
N ASN C 291 -31.87 -13.19 56.84
CA ASN C 291 -31.25 -13.49 58.11
C ASN C 291 -30.48 -14.80 58.00
N TYR C 292 -29.83 -15.17 59.10
CA TYR C 292 -29.07 -16.40 59.16
C TYR C 292 -29.87 -17.69 58.88
N ASP C 293 -31.08 -17.76 59.39
CA ASP C 293 -31.84 -18.99 59.24
C ASP C 293 -32.26 -19.18 57.82
N TYR C 294 -32.56 -18.08 57.15
CA TYR C 294 -32.97 -18.14 55.76
C TYR C 294 -31.82 -18.57 54.87
N LEU C 295 -30.62 -18.04 55.09
CA LEU C 295 -29.54 -18.37 54.16
C LEU C 295 -28.82 -19.70 54.50
N VAL C 296 -28.83 -20.09 55.74
CA VAL C 296 -28.12 -21.31 56.11
C VAL C 296 -29.05 -22.51 56.03
N ASN C 297 -30.18 -22.43 56.69
CA ASN C 297 -31.06 -23.57 56.91
C ASN C 297 -32.16 -23.73 55.86
N SER C 298 -32.79 -22.63 55.48
CA SER C 298 -33.81 -22.66 54.47
C SER C 298 -33.19 -22.81 53.11
N LEU C 299 -32.38 -21.85 52.69
CA LEU C 299 -31.74 -21.95 51.38
C LEU C 299 -30.47 -22.85 51.27
N MET C 300 -29.84 -23.18 52.38
CA MET C 300 -28.68 -24.09 52.39
C MET C 300 -27.46 -23.58 51.60
N LEU C 301 -27.29 -22.27 51.50
CA LEU C 301 -26.30 -21.71 50.62
C LEU C 301 -24.94 -21.46 51.27
N VAL C 302 -24.89 -21.45 52.60
CA VAL C 302 -23.72 -20.90 53.26
C VAL C 302 -23.83 -21.34 54.67
N ASP C 303 -22.74 -21.40 55.43
CA ASP C 303 -22.89 -21.65 56.86
C ASP C 303 -21.91 -20.88 57.75
N ASN C 304 -21.99 -21.18 59.03
CA ASN C 304 -21.12 -20.54 60.00
C ASN C 304 -19.63 -20.69 59.72
N ASP C 305 -19.26 -21.61 58.82
CA ASP C 305 -17.88 -21.76 58.45
C ASP C 305 -17.54 -21.02 57.21
N SER C 306 -18.53 -20.42 56.56
CA SER C 306 -18.30 -19.84 55.23
C SER C 306 -17.46 -18.57 55.34
N GLU C 307 -16.54 -18.42 54.43
CA GLU C 307 -15.79 -17.18 54.28
C GLU C 307 -16.71 -15.96 54.04
N ILE C 308 -16.29 -14.80 54.55
CA ILE C 308 -17.09 -13.59 54.44
C ILE C 308 -17.46 -13.34 52.97
N GLY C 309 -16.55 -13.62 52.06
CA GLY C 309 -16.78 -13.45 50.63
C GLY C 309 -17.96 -14.27 50.15
N ASP C 310 -18.13 -15.49 50.67
CA ASP C 310 -19.26 -16.33 50.24
C ASP C 310 -20.58 -15.79 50.80
N TRP C 311 -20.57 -15.18 51.98
CA TRP C 311 -21.79 -14.49 52.47
C TRP C 311 -22.19 -13.31 51.57
N ILE C 312 -21.18 -12.57 51.10
CA ILE C 312 -21.41 -11.45 50.21
C ILE C 312 -22.07 -11.94 48.94
N ASP C 313 -21.46 -12.90 48.27
CA ASP C 313 -21.99 -13.41 46.97
C ASP C 313 -23.46 -13.78 47.13
N THR C 314 -23.77 -14.37 48.28
CA THR C 314 -25.08 -14.89 48.55
C THR C 314 -26.08 -13.76 48.75
N ILE C 315 -25.68 -12.76 49.54
CA ILE C 315 -26.56 -11.63 49.85
C ILE C 315 -26.85 -10.91 48.57
N LEU C 316 -25.79 -10.67 47.80
CA LEU C 316 -25.93 -10.02 46.53
C LEU C 316 -26.92 -10.77 45.65
N ASP C 317 -26.68 -12.04 45.37
CA ASP C 317 -27.58 -12.83 44.51
C ASP C 317 -29.01 -12.88 45.05
N ALA C 318 -29.21 -12.87 46.36
CA ALA C 318 -30.57 -12.97 46.85
C ALA C 318 -31.27 -11.61 46.97
N THR C 319 -30.57 -10.51 46.66
CA THR C 319 -31.18 -9.18 46.88
C THR C 319 -31.05 -8.16 45.79
N VAL C 320 -30.10 -8.31 44.87
CA VAL C 320 -29.83 -7.30 43.86
C VAL C 320 -30.22 -7.83 42.48
N ASP C 321 -30.98 -7.05 41.71
CA ASP C 321 -31.36 -7.42 40.34
C ASP C 321 -30.09 -7.37 39.48
N SER C 322 -30.02 -8.25 38.50
CA SER C 322 -28.76 -8.43 37.83
C SER C 322 -28.60 -7.44 36.68
N THR C 323 -29.65 -6.66 36.41
CA THR C 323 -29.46 -5.45 35.63
C THR C 323 -28.56 -4.41 36.32
N VAL C 324 -28.43 -4.46 37.64
CA VAL C 324 -27.44 -3.61 38.27
C VAL C 324 -25.99 -3.92 37.78
N TRP C 325 -25.68 -5.16 37.41
CA TRP C 325 -24.28 -5.55 37.10
C TRP C 325 -23.96 -5.49 35.62
N VAL C 326 -24.97 -5.85 34.81
CA VAL C 326 -24.85 -5.96 33.35
C VAL C 326 -24.87 -4.56 32.74
N ALA C 327 -25.78 -3.70 33.21
CA ALA C 327 -25.87 -2.33 32.73
C ALA C 327 -24.71 -1.43 33.18
N GLN C 328 -23.77 -1.95 33.98
CA GLN C 328 -22.44 -1.32 34.10
C GLN C 328 -21.79 -1.18 32.68
N ALA C 329 -21.26 0.01 32.37
CA ALA C 329 -20.76 0.35 30.99
C ALA C 329 -19.23 0.28 30.81
N SER C 330 -18.76 -0.50 29.82
CA SER C 330 -17.32 -0.59 29.57
C SER C 330 -16.71 0.75 29.08
N SER C 331 -15.41 0.94 29.34
CA SER C 331 -14.63 2.13 28.90
C SER C 331 -13.51 1.70 27.95
N PRO C 332 -13.24 2.52 26.89
CA PRO C 332 -12.08 2.24 26.05
C PRO C 332 -10.77 2.16 26.84
N PHE C 333 -10.67 2.93 27.94
CA PHE C 333 -9.50 2.82 28.84
C PHE C 333 -9.28 1.45 29.45
N TYR C 334 -10.33 0.66 29.57
CA TYR C 334 -10.19 -0.64 30.17
C TYR C 334 -10.57 -1.78 29.27
N ASP C 335 -9.75 -2.08 28.27
CA ASP C 335 -9.94 -3.37 27.64
C ASP C 335 -9.42 -4.37 28.70
N GLY C 336 -9.33 -5.66 28.36
CA GLY C 336 -8.86 -6.67 29.33
C GLY C 336 -7.34 -6.68 29.56
N ALA C 337 -6.64 -5.63 29.11
CA ALA C 337 -5.17 -5.63 29.22
C ALA C 337 -4.77 -5.63 30.71
N LYS C 338 -3.97 -6.62 31.15
CA LYS C 338 -3.63 -6.73 32.59
C LYS C 338 -2.50 -5.78 32.98
N GLU C 339 -1.73 -5.30 32.00
CA GLU C 339 -0.74 -4.25 32.29
C GLU C 339 -0.36 -3.41 31.08
N ILE C 340 0.20 -2.25 31.39
CA ILE C 340 0.94 -1.45 30.43
C ILE C 340 2.40 -1.99 30.37
N SER C 341 2.60 -2.96 29.49
CA SER C 341 3.87 -3.67 29.39
C SER C 341 4.72 -3.36 28.10
N SER C 342 4.67 -2.15 27.57
CA SER C 342 5.37 -1.85 26.28
C SER C 342 5.24 -0.42 25.95
N ASP C 343 6.27 0.16 25.35
CA ASP C 343 6.20 1.53 24.84
C ASP C 343 4.99 1.75 23.95
N ARG C 344 4.61 0.71 23.21
CA ARG C 344 3.46 0.72 22.34
C ARG C 344 2.12 0.70 23.13
N ASP C 345 2.08 0.05 24.31
CA ASP C 345 0.94 0.17 25.18
C ASP C 345 0.88 1.59 25.68
N ALA C 346 2.01 2.17 26.04
CA ALA C 346 1.93 3.44 26.77
C ALA C 346 1.46 4.50 25.82
N ASP C 347 1.82 4.31 24.55
CA ASP C 347 1.46 5.23 23.49
C ASP C 347 -0.03 5.09 23.14
N LYS C 348 -0.46 3.85 22.94
CA LYS C 348 -1.88 3.50 22.74
C LYS C 348 -2.71 4.22 23.84
N ILE C 349 -2.33 3.99 25.09
CA ILE C 349 -3.03 4.57 26.23
C ILE C 349 -2.80 6.07 26.34
N SER C 350 -1.62 6.55 25.96
CA SER C 350 -1.39 8.00 25.96
C SER C 350 -2.31 8.73 24.97
N ILE C 351 -2.51 8.16 23.78
CA ILE C 351 -3.36 8.78 22.77
C ILE C 351 -4.79 8.97 23.35
N ARG C 352 -5.32 7.91 23.97
CA ARG C 352 -6.63 7.95 24.63
C ARG C 352 -6.80 9.06 25.64
N VAL C 353 -5.81 9.24 26.49
CA VAL C 353 -5.89 10.31 27.45
C VAL C 353 -5.96 11.60 26.69
N GLN C 354 -5.11 11.72 25.66
CA GLN C 354 -5.07 12.95 24.89
C GLN C 354 -6.38 13.14 24.20
N TYR C 355 -6.94 12.04 23.73
CA TYR C 355 -8.19 12.16 22.98
C TYR C 355 -9.41 12.49 23.84
N LEU C 356 -9.46 11.91 25.04
CA LEU C 356 -10.48 12.31 26.03
C LEU C 356 -10.35 13.80 26.32
N LEU C 357 -9.11 14.29 26.37
CA LEU C 357 -8.92 15.68 26.67
C LEU C 357 -9.39 16.56 25.54
N ALA C 358 -9.21 16.07 24.29
CA ALA C 358 -9.60 16.88 23.14
C ALA C 358 -11.11 16.88 23.04
N GLU C 359 -11.71 15.72 23.26
CA GLU C 359 -13.18 15.66 23.37
C GLU C 359 -13.70 16.68 24.35
N ALA C 360 -13.14 16.67 25.56
CA ALA C 360 -13.57 17.60 26.59
C ALA C 360 -13.44 19.01 26.03
N ASN C 361 -12.32 19.28 25.40
CA ASN C 361 -12.10 20.61 24.90
C ASN C 361 -13.15 20.92 23.82
N ILE C 362 -13.53 19.93 23.02
CA ILE C 362 -14.51 20.17 21.96
C ILE C 362 -15.86 20.50 22.57
N TYR C 363 -16.26 19.69 23.54
CA TYR C 363 -17.52 19.89 24.26
C TYR C 363 -17.66 21.29 24.85
N CYS C 364 -16.56 21.87 25.32
CA CYS C 364 -16.64 23.22 25.88
C CYS C 364 -16.66 24.34 24.83
N LYS C 365 -16.00 24.16 23.68
CA LYS C 365 -15.95 25.23 22.69
C LYS C 365 -17.31 25.28 22.05
N THR C 366 -17.83 24.08 21.80
CA THR C 366 -19.06 23.83 21.07
C THR C 366 -20.28 24.42 21.85
N ASN C 367 -20.27 24.34 23.17
CA ASN C 367 -21.33 24.91 24.00
C ASN C 367 -20.97 26.31 24.61
N LYS C 368 -20.28 27.13 23.85
CA LYS C 368 -19.93 28.51 24.26
C LYS C 368 -19.27 28.66 25.65
N LEU C 369 -18.76 27.55 26.24
CA LEU C 369 -18.18 27.52 27.61
C LEU C 369 -16.68 27.93 27.78
N SER C 370 -15.90 27.96 26.70
CA SER C 370 -14.45 28.32 26.75
C SER C 370 -13.85 28.35 25.35
N ASP C 371 -13.02 29.35 25.08
CA ASP C 371 -12.44 29.49 23.75
C ASP C 371 -10.96 29.15 23.69
N ALA C 372 -10.51 28.31 24.62
CA ALA C 372 -9.10 28.13 24.86
C ALA C 372 -8.65 26.77 24.36
N ASN C 373 -7.38 26.72 23.96
CA ASN C 373 -6.77 25.44 23.69
C ASN C 373 -6.37 24.75 25.00
N PHE C 374 -7.11 23.72 25.38
CA PHE C 374 -6.72 22.92 26.54
C PHE C 374 -5.33 22.30 26.41
N GLY C 375 -4.90 22.00 25.19
CA GLY C 375 -3.54 21.62 24.99
C GLY C 375 -2.55 22.60 25.61
N GLU C 376 -2.77 23.89 25.40
CA GLU C 376 -1.76 24.90 25.72
C GLU C 376 -1.45 24.91 27.21
N PHE C 377 -2.43 24.44 27.98
CA PHE C 377 -2.37 24.32 29.43
C PHE C 377 -1.80 22.95 29.86
N PHE C 378 -2.38 21.85 29.40
CA PHE C 378 -1.87 20.52 29.79
C PHE C 378 -0.42 20.17 29.36
N ASP C 379 0.14 20.91 28.40
CA ASP C 379 1.55 20.79 28.05
C ASP C 379 2.42 21.37 29.18
N LYS C 380 1.90 22.37 29.90
CA LYS C 380 2.72 23.06 30.91
C LYS C 380 3.12 22.11 32.01
N GLU C 381 4.40 22.22 32.38
CA GLU C 381 5.12 21.12 33.05
C GLU C 381 4.62 20.74 34.42
N PRO C 382 4.09 21.70 35.19
CA PRO C 382 3.45 21.14 36.38
C PRO C 382 2.27 20.21 35.97
N HIS C 383 1.38 20.78 35.15
CA HIS C 383 0.15 20.07 34.73
C HIS C 383 0.40 18.76 33.95
N ALA C 384 1.44 18.75 33.06
CA ALA C 384 1.74 17.56 32.25
C ALA C 384 2.07 16.32 33.06
N THR C 385 2.96 16.45 34.05
CA THR C 385 3.32 15.32 34.92
C THR C 385 2.23 14.91 35.90
N GLU C 386 1.56 15.91 36.44
CA GLU C 386 0.58 15.68 37.50
C GLU C 386 -0.55 14.75 37.01
N ILE C 387 -1.14 15.14 35.86
CA ILE C 387 -2.20 14.37 35.23
C ILE C 387 -1.73 12.97 34.84
N ALA C 388 -0.46 12.84 34.45
CA ALA C 388 0.10 11.56 34.08
C ALA C 388 0.19 10.66 35.30
N LYS C 389 0.83 11.15 36.38
CA LYS C 389 0.90 10.37 37.63
C LYS C 389 -0.51 9.88 38.01
N ARG C 390 -1.46 10.81 38.04
CA ARG C 390 -2.83 10.44 38.43
C ARG C 390 -3.44 9.34 37.56
N VAL C 391 -3.29 9.45 36.24
CA VAL C 391 -3.79 8.39 35.38
C VAL C 391 -3.10 7.08 35.65
N LYS C 392 -1.79 7.12 35.86
CA LYS C 392 -1.02 5.90 36.22
C LYS C 392 -1.56 5.31 37.53
N GLU C 393 -1.73 6.18 38.53
CA GLU C 393 -2.37 5.80 39.81
C GLU C 393 -3.77 5.21 39.52
N GLY C 394 -4.53 5.85 38.64
CA GLY C 394 -5.82 5.32 38.25
C GLY C 394 -5.74 3.84 37.91
N PHE C 395 -4.84 3.49 37.01
CA PHE C 395 -4.78 2.10 36.48
C PHE C 395 -4.41 1.05 37.51
N THR C 396 -3.64 1.51 38.49
CA THR C 396 -3.20 0.67 39.59
C THR C 396 -4.32 0.50 40.62
N GLN C 397 -4.96 1.62 40.99
CA GLN C 397 -6.19 1.64 41.81
C GLN C 397 -7.45 0.93 41.21
N GLY C 398 -7.49 0.69 39.91
CA GLY C 398 -8.70 0.19 39.25
C GLY C 398 -9.72 1.31 38.97
N ALA C 399 -9.35 2.55 39.27
CA ALA C 399 -10.30 3.65 39.20
C ALA C 399 -10.74 3.95 37.76
N ASP C 400 -11.83 4.68 37.64
CA ASP C 400 -12.27 5.21 36.36
C ASP C 400 -11.37 6.40 36.03
N ILE C 401 -10.85 6.39 34.80
CA ILE C 401 -9.90 7.46 34.34
C ILE C 401 -10.60 8.75 33.99
N GLU C 402 -11.76 8.63 33.34
CA GLU C 402 -12.45 9.81 32.83
C GLU C 402 -12.57 10.85 33.94
N PRO C 403 -13.19 10.48 35.10
CA PRO C 403 -13.36 11.47 36.19
C PRO C 403 -12.05 12.10 36.74
N ILE C 404 -10.98 11.29 36.79
CA ILE C 404 -9.65 11.81 37.20
C ILE C 404 -9.32 13.02 36.37
N ILE C 405 -9.59 12.92 35.06
CA ILE C 405 -9.36 14.01 34.15
C ILE C 405 -10.43 15.04 34.37
N TYR C 406 -11.70 14.63 34.51
CA TYR C 406 -12.72 15.65 34.88
C TYR C 406 -12.37 16.32 36.23
N ASP C 407 -11.92 15.56 37.21
CA ASP C 407 -11.53 16.23 38.46
C ASP C 407 -10.37 17.25 38.26
N TYR C 408 -9.39 16.93 37.39
CA TYR C 408 -8.25 17.83 37.20
C TYR C 408 -8.67 19.08 36.43
N ILE C 409 -9.53 18.90 35.44
CA ILE C 409 -10.09 20.05 34.73
C ILE C 409 -10.85 20.96 35.70
N ASN C 410 -11.73 20.33 36.49
CA ASN C 410 -12.55 21.08 37.46
C ASN C 410 -11.72 21.83 38.52
N SER C 411 -10.75 21.18 39.17
CA SER C 411 -9.83 21.89 40.10
C SER C 411 -9.17 23.10 39.42
N ASN C 412 -9.25 23.17 38.10
CA ASN C 412 -8.54 24.20 37.34
C ASN C 412 -9.44 25.00 36.41
N HIS C 413 -10.73 24.76 36.52
CA HIS C 413 -11.67 25.24 35.53
C HIS C 413 -11.34 26.67 35.08
N ALA C 414 -11.11 27.57 36.03
CA ALA C 414 -11.00 29.00 35.71
C ALA C 414 -9.79 29.28 34.81
N GLU C 415 -8.65 28.65 35.14
CA GLU C 415 -7.44 28.88 34.40
C GLU C 415 -7.68 28.52 32.92
N LEU C 416 -8.39 27.41 32.73
CA LEU C 416 -8.84 26.95 31.42
C LEU C 416 -9.93 27.78 30.73
N GLY C 417 -10.37 28.90 31.29
CA GLY C 417 -11.43 29.70 30.65
C GLY C 417 -12.84 29.19 30.93
N LEU C 418 -12.98 28.23 31.84
CA LEU C 418 -14.29 27.79 32.32
C LEU C 418 -14.74 28.62 33.54
N LYS C 419 -15.85 29.35 33.39
CA LYS C 419 -16.46 30.08 34.51
C LYS C 419 -17.02 29.11 35.57
N SER C 420 -17.19 27.83 35.23
CA SER C 420 -17.69 26.85 36.21
C SER C 420 -17.22 25.41 35.99
N PRO C 421 -16.99 24.68 37.08
CA PRO C 421 -16.83 23.22 37.03
C PRO C 421 -17.86 22.54 36.13
N LEU C 422 -17.43 21.51 35.42
CA LEU C 422 -18.35 20.77 34.58
C LEU C 422 -19.26 19.98 35.50
N THR C 423 -20.55 19.95 35.16
CA THR C 423 -21.54 19.18 35.90
C THR C 423 -21.40 17.67 35.64
N GLY C 424 -21.88 16.87 36.59
CA GLY C 424 -21.92 15.43 36.44
C GLY C 424 -22.60 14.95 35.16
N LYS C 425 -23.53 15.77 34.62
CA LYS C 425 -24.23 15.45 33.36
C LYS C 425 -23.45 15.94 32.13
N GLN C 426 -22.70 17.02 32.27
CA GLN C 426 -21.79 17.47 31.22
C GLN C 426 -20.64 16.45 31.08
N GLN C 427 -20.12 16.02 32.20
CA GLN C 427 -19.08 15.01 32.20
C GLN C 427 -19.52 13.77 31.42
N GLN C 428 -20.70 13.26 31.77
CA GLN C 428 -21.25 12.04 31.16
C GLN C 428 -21.43 12.15 29.63
N GLU C 429 -21.72 13.37 29.19
CA GLU C 429 -21.95 13.59 27.77
C GLU C 429 -20.59 13.45 27.07
N ILE C 430 -19.54 13.98 27.71
CA ILE C 430 -18.21 13.99 27.13
C ILE C 430 -17.74 12.54 27.02
N THR C 431 -17.94 11.77 28.07
CA THR C 431 -17.56 10.38 28.08
C THR C 431 -18.26 9.58 27.02
N ASP C 432 -19.56 9.85 26.83
CA ASP C 432 -20.33 9.15 25.78
C ASP C 432 -19.80 9.53 24.41
N LYS C 433 -19.50 10.80 24.18
CA LYS C 433 -19.00 11.22 22.91
C LYS C 433 -17.63 10.60 22.67
N PHE C 434 -16.77 10.73 23.68
CA PHE C 434 -15.44 10.20 23.61
C PHE C 434 -15.49 8.73 23.27
N THR C 435 -16.36 8.03 23.94
CA THR C 435 -16.44 6.58 23.78
C THR C 435 -16.84 6.22 22.40
N LYS C 436 -17.86 6.91 21.91
CA LYS C 436 -18.40 6.72 20.54
C LYS C 436 -17.31 7.00 19.53
N HIS C 437 -16.75 8.18 19.61
CA HIS C 437 -15.78 8.63 18.65
C HIS C 437 -14.52 7.81 18.55
N TYR C 438 -13.90 7.57 19.72
CA TYR C 438 -12.67 6.81 19.83
C TYR C 438 -12.88 5.39 19.34
N ASN C 439 -13.95 4.72 19.80
CA ASN C 439 -14.25 3.37 19.23
C ASN C 439 -14.40 3.41 17.71
N THR C 440 -14.94 4.48 17.16
CA THR C 440 -15.01 4.58 15.68
C THR C 440 -13.64 4.69 15.01
N ILE C 441 -12.67 5.36 15.63
CA ILE C 441 -11.36 5.56 14.98
C ILE C 441 -10.18 4.72 15.49
N LYS C 442 -10.40 3.90 16.49
CA LYS C 442 -9.30 3.19 17.15
C LYS C 442 -8.45 2.33 16.25
N GLU C 443 -8.95 2.00 15.08
CA GLU C 443 -8.14 1.28 14.11
C GLU C 443 -7.48 2.19 13.06
N SER C 444 -7.49 3.50 13.27
CA SER C 444 -6.77 4.38 12.33
C SER C 444 -5.26 4.06 12.20
N PRO C 445 -4.74 4.10 10.99
CA PRO C 445 -3.31 4.04 10.79
C PRO C 445 -2.53 5.20 11.43
N HIS C 446 -3.17 6.35 11.58
CA HIS C 446 -2.54 7.53 12.18
C HIS C 446 -3.44 8.23 13.17
N PHE C 447 -2.85 8.70 14.27
CA PHE C 447 -3.61 9.35 15.34
C PHE C 447 -3.27 10.81 15.56
N ASP C 448 -2.66 11.44 14.57
CA ASP C 448 -2.17 12.79 14.74
C ASP C 448 -3.28 13.79 14.84
N GLU C 449 -4.41 13.47 14.24
CA GLU C 449 -5.32 14.49 13.79
C GLU C 449 -6.71 13.93 13.63
N PHE C 450 -7.73 14.57 14.21
CA PHE C 450 -9.13 14.26 13.84
C PHE C 450 -10.01 15.47 13.75
N PHE C 451 -10.91 15.46 12.77
CA PHE C 451 -11.91 16.50 12.59
C PHE C 451 -13.24 16.00 13.12
N VAL C 452 -13.76 16.73 14.11
CA VAL C 452 -14.97 16.30 14.83
C VAL C 452 -16.06 17.36 14.66
N ALA C 453 -17.25 16.86 14.32
CA ALA C 453 -18.40 17.71 13.98
C ALA C 453 -19.57 17.35 14.87
N ASP C 454 -20.29 18.37 15.34
CA ASP C 454 -21.61 18.15 15.98
C ASP C 454 -22.70 18.59 15.00
N PRO C 455 -23.25 17.61 14.28
CA PRO C 455 -24.30 17.95 13.31
C PRO C 455 -25.68 18.15 13.96
N ASP C 456 -25.80 17.92 15.27
CA ASP C 456 -27.03 18.33 16.00
C ASP C 456 -26.98 19.80 16.44
N LYS C 457 -25.98 20.56 16.02
CA LYS C 457 -25.86 21.93 16.43
C LYS C 457 -25.80 22.84 15.19
N LYS C 458 -25.77 24.15 15.41
CA LYS C 458 -25.84 25.17 14.38
C LYS C 458 -24.51 25.49 13.72
N GLY C 459 -24.42 25.38 12.42
CA GLY C 459 -23.29 26.01 11.78
C GLY C 459 -23.11 25.64 10.33
N ASN C 460 -21.87 25.84 9.89
CA ASN C 460 -21.50 25.69 8.52
C ASN C 460 -21.04 24.29 8.12
N ILE C 461 -21.20 23.31 9.00
CA ILE C 461 -20.76 21.97 8.70
C ILE C 461 -21.90 20.98 8.94
N PHE C 462 -22.06 20.06 8.00
CA PHE C 462 -23.15 19.12 8.04
C PHE C 462 -22.69 17.70 7.96
N SER C 463 -23.56 16.79 8.35
CA SER C 463 -23.37 15.39 8.10
C SER C 463 -24.40 14.97 7.03
N HIS C 464 -23.93 14.22 6.04
CA HIS C 464 -24.73 13.83 4.90
C HIS C 464 -24.07 12.64 4.23
N GLN C 465 -24.78 11.52 4.19
CA GLN C 465 -24.37 10.33 3.41
C GLN C 465 -23.03 9.73 3.79
N GLY C 466 -22.64 9.90 5.05
CA GLY C 466 -21.42 9.29 5.54
C GLY C 466 -20.25 10.22 5.24
N ARG C 467 -20.56 11.49 4.98
CA ARG C 467 -19.54 12.49 4.79
C ARG C 467 -19.84 13.66 5.69
N ILE C 468 -18.77 14.34 6.10
CA ILE C 468 -18.81 15.55 6.88
C ILE C 468 -18.49 16.65 5.89
N SER C 469 -19.38 17.61 5.77
CA SER C 469 -19.35 18.48 4.63
C SER C 469 -19.68 19.90 4.97
N CYS C 470 -19.50 20.73 3.97
CA CYS C 470 -19.96 22.08 3.97
C CYS C 470 -20.84 22.28 2.72
N HIS C 471 -21.43 23.45 2.62
CA HIS C 471 -22.27 23.82 1.51
C HIS C 471 -21.41 24.17 0.37
N PHE C 472 -21.57 23.48 -0.76
CA PHE C 472 -20.77 23.85 -1.91
C PHE C 472 -20.78 25.36 -2.19
N LEU C 473 -21.89 26.04 -1.91
CA LEU C 473 -22.02 27.44 -2.28
C LEU C 473 -21.20 28.35 -1.32
N ASP C 474 -21.14 27.97 -0.05
CA ASP C 474 -20.24 28.59 0.91
C ASP C 474 -18.83 28.54 0.33
N PHE C 475 -18.41 27.33 -0.03
CA PHE C 475 -17.07 27.15 -0.60
C PHE C 475 -16.88 27.96 -1.86
N PHE C 476 -17.83 27.82 -2.76
CA PHE C 476 -17.79 28.56 -4.00
C PHE C 476 -17.59 30.06 -3.83
N THR C 477 -18.37 30.66 -2.93
CA THR C 477 -18.40 32.11 -2.77
C THR C 477 -17.06 32.62 -2.27
N ARG C 478 -16.44 31.85 -1.38
CA ARG C 478 -15.11 32.17 -0.81
C ARG C 478 -14.03 31.97 -1.83
N GLN C 479 -14.04 30.83 -2.51
CA GLN C 479 -12.97 30.56 -3.47
C GLN C 479 -13.01 31.51 -4.65
N THR C 480 -14.19 32.05 -4.95
CA THR C 480 -14.36 32.99 -6.05
C THR C 480 -14.15 34.41 -5.60
N LYS C 481 -14.31 34.66 -4.30
CA LYS C 481 -14.22 35.99 -3.70
C LYS C 481 -15.29 36.92 -4.29
N GLY C 482 -16.55 36.48 -4.29
CA GLY C 482 -17.66 37.37 -4.66
C GLY C 482 -17.77 37.72 -6.13
N LYS C 483 -16.75 37.39 -6.93
CA LYS C 483 -16.72 37.79 -8.35
C LYS C 483 -17.94 37.33 -9.10
N HIS C 484 -18.49 36.18 -8.69
CA HIS C 484 -19.44 35.48 -9.57
C HIS C 484 -20.83 35.53 -8.97
N PRO C 485 -21.82 36.00 -9.77
CA PRO C 485 -23.17 36.02 -9.20
C PRO C 485 -23.74 34.64 -9.02
N LEU C 486 -24.32 34.33 -7.86
CA LEU C 486 -25.11 33.11 -7.77
C LEU C 486 -26.45 33.22 -8.54
N GLY C 487 -26.92 34.47 -8.67
CA GLY C 487 -28.25 34.70 -9.25
C GLY C 487 -29.28 34.00 -8.40
N ASP C 488 -29.97 33.03 -9.00
CA ASP C 488 -31.03 32.23 -8.34
C ASP C 488 -30.63 31.44 -7.06
N LEU C 489 -29.33 31.22 -6.88
CA LEU C 489 -28.86 30.42 -5.76
C LEU C 489 -28.45 31.25 -4.53
N ALA C 490 -28.46 32.57 -4.63
CA ALA C 490 -27.91 33.45 -3.58
C ALA C 490 -28.46 33.27 -2.17
N SER C 491 -29.53 32.50 -1.99
CA SER C 491 -30.18 32.30 -0.72
C SER C 491 -30.18 30.83 -0.25
N HIS C 492 -29.64 29.93 -1.06
CA HIS C 492 -29.70 28.52 -0.71
C HIS C 492 -28.83 28.20 0.50
N GLN C 493 -27.64 28.82 0.56
CA GLN C 493 -26.76 28.67 1.74
C GLN C 493 -27.52 29.03 3.00
N GLU C 494 -28.12 30.20 3.00
CA GLU C 494 -28.91 30.59 4.14
C GLU C 494 -30.16 29.72 4.34
N ALA C 495 -30.86 29.37 3.26
CA ALA C 495 -31.98 28.42 3.35
C ALA C 495 -31.61 27.15 4.09
N LEU C 496 -30.41 26.60 3.84
CA LEU C 496 -30.02 25.36 4.51
C LEU C 496 -29.81 25.62 6.01
N GLN C 497 -29.37 26.83 6.37
CA GLN C 497 -29.26 27.24 7.81
C GLN C 497 -30.58 27.28 8.56
N GLU C 498 -31.68 27.53 7.85
CA GLU C 498 -33.00 27.52 8.50
C GLU C 498 -33.48 26.14 8.96
N GLY C 499 -32.83 25.07 8.53
CA GLY C 499 -33.23 23.76 9.05
C GLY C 499 -33.24 23.72 10.59
N THR C 500 -33.84 22.66 11.12
CA THR C 500 -33.73 22.35 12.55
C THR C 500 -32.46 21.60 12.86
N SER C 501 -31.66 21.25 11.85
CA SER C 501 -30.54 20.30 12.07
C SER C 501 -29.50 20.40 10.98
N ASN C 502 -28.24 20.14 11.34
CA ASN C 502 -27.23 19.97 10.34
C ASN C 502 -26.97 18.53 10.04
N ARG C 503 -27.81 17.65 10.56
CA ARG C 503 -27.71 16.24 10.29
C ARG C 503 -28.68 15.91 9.14
N LEU C 504 -28.19 15.78 7.91
CA LEU C 504 -29.07 15.78 6.75
C LEU C 504 -29.47 14.39 6.33
N HIS C 505 -30.74 14.23 6.00
CA HIS C 505 -31.24 12.90 5.68
C HIS C 505 -30.60 12.42 4.38
N HIS C 506 -30.30 11.12 4.31
CA HIS C 506 -29.47 10.60 3.23
C HIS C 506 -30.15 10.42 1.85
N LYS C 507 -31.48 10.57 1.83
CA LYS C 507 -32.33 10.53 0.66
C LYS C 507 -33.22 11.75 0.61
N ASN C 508 -33.81 11.99 -0.55
CA ASN C 508 -34.70 13.12 -0.69
C ASN C 508 -36.19 12.75 -0.67
N GLU C 509 -36.83 13.08 0.44
CA GLU C 509 -38.22 12.63 0.63
C GLU C 509 -39.16 13.50 -0.20
N VAL C 510 -38.73 14.70 -0.58
CA VAL C 510 -39.54 15.57 -1.43
C VAL C 510 -39.59 14.92 -2.77
N VAL C 511 -38.59 14.09 -3.08
CA VAL C 511 -38.58 13.38 -4.35
C VAL C 511 -39.36 12.12 -4.25
N ALA C 512 -39.10 11.34 -3.21
CA ALA C 512 -39.86 10.11 -2.97
C ALA C 512 -41.35 10.38 -2.91
N GLN C 513 -41.74 11.51 -2.31
CA GLN C 513 -43.16 11.78 -2.05
C GLN C 513 -43.92 12.11 -3.35
N GLY C 514 -43.19 12.55 -4.35
CA GLY C 514 -43.77 12.85 -5.63
C GLY C 514 -44.43 11.60 -6.19
N TYR C 515 -43.72 10.47 -6.12
CA TYR C 515 -44.29 9.19 -6.55
C TYR C 515 -45.34 8.74 -5.58
N GLU C 516 -45.06 8.76 -4.29
CA GLU C 516 -46.03 8.25 -3.30
C GLU C 516 -47.40 8.87 -3.38
N LYS C 517 -47.49 10.17 -3.63
CA LYS C 517 -48.81 10.80 -3.76
C LYS C 517 -49.66 10.10 -4.86
N LEU C 518 -49.02 9.69 -5.96
CA LEU C 518 -49.71 9.07 -7.09
C LEU C 518 -50.28 7.71 -6.66
N ASP C 519 -49.55 7.03 -5.80
CA ASP C 519 -50.03 5.80 -5.16
C ASP C 519 -51.22 6.09 -4.24
N GLN C 520 -51.04 7.05 -3.36
CA GLN C 520 -52.14 7.53 -2.51
C GLN C 520 -53.36 7.94 -3.29
N PHE C 521 -53.16 8.64 -4.39
CA PHE C 521 -54.26 8.98 -5.30
C PHE C 521 -55.02 7.72 -5.79
N LYS C 522 -54.29 6.69 -6.18
CA LYS C 522 -54.93 5.46 -6.64
C LYS C 522 -55.70 4.76 -5.50
N LYS C 523 -55.11 4.62 -4.31
CA LYS C 523 -55.84 4.00 -3.19
C LYS C 523 -57.17 4.65 -2.89
N GLU C 524 -57.23 5.98 -3.08
CA GLU C 524 -58.47 6.71 -2.86
C GLU C 524 -59.45 6.46 -3.95
N VAL C 525 -58.98 6.47 -5.18
CA VAL C 525 -59.89 6.23 -6.24
C VAL C 525 -60.49 4.84 -6.01
N VAL C 526 -59.64 3.86 -5.71
CA VAL C 526 -60.12 2.47 -5.56
C VAL C 526 -61.10 2.36 -4.36
N LYS C 527 -60.79 2.99 -3.22
CA LYS C 527 -61.70 2.93 -2.07
C LYS C 527 -63.06 3.53 -2.44
N LEU C 528 -63.04 4.77 -2.89
CA LEU C 528 -64.27 5.48 -3.12
C LEU C 528 -65.17 4.71 -4.08
N LEU C 529 -64.56 4.08 -5.09
CA LEU C 529 -65.25 3.25 -6.07
C LEU C 529 -65.81 1.95 -5.47
N ALA C 530 -65.06 1.36 -4.54
CA ALA C 530 -65.48 0.11 -3.90
C ALA C 530 -66.72 0.38 -3.03
N GLU C 531 -66.63 1.45 -2.24
CA GLU C 531 -67.75 1.91 -1.43
C GLU C 531 -68.87 2.58 -2.25
N ASN C 532 -68.79 2.56 -3.58
CA ASN C 532 -69.91 3.02 -4.41
C ASN C 532 -70.37 4.43 -4.01
N LYS C 533 -69.47 5.40 -4.00
CA LYS C 533 -69.75 6.77 -3.63
C LYS C 533 -69.52 7.73 -4.83
N PRO C 534 -70.41 7.73 -5.82
CA PRO C 534 -70.21 8.59 -6.98
C PRO C 534 -69.85 10.05 -6.67
N LYS C 535 -70.61 10.67 -5.79
CA LYS C 535 -70.41 12.07 -5.47
C LYS C 535 -69.05 12.33 -4.80
N GLU C 536 -68.70 11.52 -3.81
CA GLU C 536 -67.46 11.74 -3.07
C GLU C 536 -66.24 11.50 -3.93
N LEU C 537 -66.41 10.69 -4.97
CA LEU C 537 -65.32 10.39 -5.90
C LEU C 537 -65.01 11.64 -6.71
N LEU C 538 -66.03 12.25 -7.29
CA LEU C 538 -65.90 13.57 -7.93
C LEU C 538 -65.32 14.63 -7.03
N ASP C 539 -65.79 14.69 -5.78
CA ASP C 539 -65.28 15.68 -4.82
C ASP C 539 -63.77 15.44 -4.76
N TYR C 540 -63.39 14.18 -4.67
CA TYR C 540 -61.98 13.86 -4.61
C TYR C 540 -61.21 14.27 -5.86
N LEU C 541 -61.73 13.95 -7.02
CA LEU C 541 -61.08 14.32 -8.28
C LEU C 541 -60.86 15.83 -8.47
N VAL C 542 -61.78 16.63 -7.99
CA VAL C 542 -61.77 18.05 -8.23
C VAL C 542 -61.13 18.81 -7.05
N ALA C 543 -61.01 18.14 -5.92
CA ALA C 543 -60.27 18.67 -4.77
C ALA C 543 -58.82 19.01 -5.17
N THR C 544 -58.28 20.05 -4.56
CA THR C 544 -57.02 20.66 -4.97
C THR C 544 -55.95 20.59 -3.91
N SER C 545 -54.72 20.39 -4.38
CA SER C 545 -53.53 20.55 -3.61
C SER C 545 -53.29 22.03 -3.16
N PRO C 546 -52.33 22.25 -2.24
CA PRO C 546 -52.06 23.64 -1.79
C PRO C 546 -51.79 24.61 -2.97
N THR C 547 -51.26 24.10 -4.08
CA THR C 547 -50.96 24.94 -5.24
C THR C 547 -52.18 25.20 -6.14
N GLY C 548 -53.35 24.62 -5.83
CA GLY C 548 -54.56 24.79 -6.65
C GLY C 548 -54.74 23.76 -7.77
N VAL C 549 -53.82 22.81 -7.84
CA VAL C 549 -53.85 21.79 -8.90
C VAL C 549 -54.82 20.67 -8.50
N PRO C 550 -55.78 20.36 -9.36
CA PRO C 550 -56.78 19.37 -9.00
C PRO C 550 -56.22 17.96 -9.02
N ASN C 551 -56.68 17.13 -8.07
CA ASN C 551 -56.20 15.75 -7.88
C ASN C 551 -56.30 14.87 -9.15
N TYR C 552 -57.24 15.13 -10.03
CA TYR C 552 -57.33 14.38 -11.27
C TYR C 552 -56.15 14.61 -12.21
N SER C 553 -55.33 15.59 -11.95
CA SER C 553 -54.03 15.67 -12.60
C SER C 553 -53.20 14.38 -12.47
N MET C 554 -53.48 13.59 -11.46
CA MET C 554 -52.68 12.41 -11.17
C MET C 554 -53.30 11.17 -11.86
N LEU C 555 -54.31 11.34 -12.70
CA LEU C 555 -54.87 10.20 -13.42
C LEU C 555 -53.81 9.55 -14.34
N SER C 556 -53.86 8.22 -14.43
CA SER C 556 -52.97 7.48 -15.32
C SER C 556 -53.78 6.37 -15.97
N LYS C 557 -53.17 5.65 -16.92
CA LYS C 557 -53.96 4.57 -17.59
C LYS C 557 -54.76 3.76 -16.57
N GLU C 558 -54.10 3.36 -15.49
CA GLU C 558 -54.74 2.43 -14.60
C GLU C 558 -55.94 3.04 -13.90
N THR C 559 -55.78 4.24 -13.36
CA THR C 559 -56.86 4.88 -12.61
C THR C 559 -57.94 5.45 -13.50
N GLN C 560 -57.56 5.95 -14.67
CA GLN C 560 -58.55 6.37 -15.69
C GLN C 560 -59.53 5.25 -16.08
N ASN C 561 -58.97 4.06 -16.31
CA ASN C 561 -59.79 2.89 -16.61
C ASN C 561 -60.61 2.38 -15.42
N TYR C 562 -60.02 2.38 -14.21
CA TYR C 562 -60.82 1.92 -13.07
C TYR C 562 -62.14 2.65 -13.10
N ILE C 563 -62.08 3.97 -13.31
CA ILE C 563 -63.26 4.80 -13.24
C ILE C 563 -64.14 4.61 -14.48
N ALA C 564 -63.52 4.70 -15.66
CA ALA C 564 -64.23 4.72 -16.93
C ALA C 564 -64.96 3.46 -17.26
N TYR C 565 -64.51 2.32 -16.73
CA TYR C 565 -65.17 1.03 -16.94
C TYR C 565 -65.65 0.45 -15.65
N ASN C 566 -65.77 1.25 -14.60
CA ASN C 566 -66.33 0.78 -13.35
C ASN C 566 -67.80 0.58 -13.61
N ARG C 567 -68.42 -0.37 -12.88
CA ARG C 567 -69.87 -0.62 -12.87
C ARG C 567 -70.68 0.64 -12.58
N ASN C 568 -70.17 1.49 -11.70
CA ASN C 568 -70.89 2.70 -11.26
C ASN C 568 -70.74 3.91 -12.21
N TRP C 569 -70.02 3.74 -13.33
CA TRP C 569 -69.67 4.86 -14.22
C TRP C 569 -70.92 5.67 -14.62
N PRO C 570 -71.99 5.00 -15.07
CA PRO C 570 -73.26 5.70 -15.33
C PRO C 570 -73.62 6.72 -14.26
N ALA C 571 -73.58 6.29 -12.99
CA ALA C 571 -73.88 7.15 -11.84
C ALA C 571 -72.95 8.36 -11.78
N ILE C 572 -71.67 8.10 -11.95
CA ILE C 572 -70.65 9.16 -11.91
C ILE C 572 -70.84 10.19 -13.03
N GLN C 573 -71.13 9.71 -14.23
CA GLN C 573 -71.40 10.59 -15.35
C GLN C 573 -72.58 11.50 -15.02
N LYS C 574 -73.59 10.95 -14.35
CA LYS C 574 -74.75 11.76 -13.95
C LYS C 574 -74.33 12.78 -12.89
N GLU C 575 -73.62 12.35 -11.85
CA GLU C 575 -73.13 13.33 -10.89
C GLU C 575 -72.36 14.43 -11.62
N LEU C 576 -71.55 14.04 -12.63
CA LEU C 576 -70.83 15.05 -13.43
C LEU C 576 -71.75 16.08 -14.12
N GLU C 577 -72.65 15.61 -15.01
CA GLU C 577 -73.63 16.48 -15.69
C GLU C 577 -74.36 17.40 -14.71
N LYS C 578 -74.93 16.79 -13.67
CA LYS C 578 -75.80 17.52 -12.71
C LYS C 578 -75.04 18.10 -11.52
N ALA C 579 -73.70 18.14 -11.57
CA ALA C 579 -72.91 18.87 -10.56
C ALA C 579 -72.93 20.34 -10.90
N THR C 580 -72.83 21.19 -9.87
CA THR C 580 -72.90 22.64 -10.04
C THR C 580 -71.67 23.42 -9.57
N SER C 581 -70.88 22.85 -8.64
CA SER C 581 -69.71 23.51 -8.03
C SER C 581 -68.46 23.40 -8.92
N ILE C 582 -68.56 22.61 -9.98
CA ILE C 582 -67.43 22.26 -10.85
C ILE C 582 -67.51 23.15 -12.10
N PRO C 583 -66.45 23.94 -12.38
CA PRO C 583 -66.50 24.79 -13.58
C PRO C 583 -66.66 24.05 -14.90
N GLU C 584 -67.21 24.75 -15.90
CA GLU C 584 -67.53 24.20 -17.22
C GLU C 584 -66.35 23.47 -17.88
N SER C 585 -65.19 24.11 -17.87
CA SER C 585 -63.96 23.62 -18.49
C SER C 585 -63.32 22.38 -17.80
N GLN C 586 -63.73 22.14 -16.56
CA GLN C 586 -63.25 21.01 -15.77
C GLN C 586 -64.17 19.84 -16.03
N LYS C 587 -65.44 20.12 -16.27
CA LYS C 587 -66.38 19.11 -16.67
C LYS C 587 -65.95 18.50 -17.98
N GLN C 588 -65.56 19.35 -18.92
CA GLN C 588 -65.22 18.90 -20.26
C GLN C 588 -63.98 18.03 -20.18
N ASP C 589 -63.02 18.53 -19.43
CA ASP C 589 -61.79 17.81 -19.15
C ASP C 589 -62.11 16.39 -18.65
N LEU C 590 -62.86 16.32 -17.54
CA LEU C 590 -63.15 15.06 -16.86
C LEU C 590 -63.91 14.12 -17.77
N SER C 591 -64.72 14.71 -18.64
CA SER C 591 -65.51 13.99 -19.63
C SER C 591 -64.64 13.37 -20.71
N ARG C 592 -63.74 14.18 -21.27
CA ARG C 592 -62.68 13.66 -22.15
C ARG C 592 -62.00 12.46 -21.51
N LEU C 593 -61.55 12.62 -20.28
CA LEU C 593 -60.72 11.63 -19.64
C LEU C 593 -61.52 10.41 -19.14
N LEU C 594 -62.76 10.60 -18.77
CA LEU C 594 -63.47 9.49 -18.17
C LEU C 594 -64.56 8.86 -19.01
N SER C 595 -65.10 9.55 -20.02
CA SER C 595 -66.21 8.99 -20.86
C SER C 595 -65.75 8.30 -22.16
N ARG C 596 -65.86 6.96 -22.18
CA ARG C 596 -65.54 6.13 -23.36
C ARG C 596 -65.91 6.86 -24.60
N ASP C 597 -67.07 7.49 -24.55
CA ASP C 597 -67.78 8.06 -25.68
C ASP C 597 -67.50 9.52 -26.00
N ASN C 598 -66.68 10.22 -25.23
CA ASN C 598 -66.32 11.58 -25.63
C ASN C 598 -65.56 11.51 -26.97
N LEU C 599 -65.95 12.39 -27.90
CA LEU C 599 -65.20 12.68 -29.15
C LEU C 599 -63.66 12.69 -29.01
N GLN C 600 -63.16 13.38 -27.98
CA GLN C 600 -61.75 13.59 -27.75
C GLN C 600 -61.28 12.73 -26.62
N HIS C 601 -61.95 11.62 -26.39
CA HIS C 601 -61.45 10.66 -25.44
C HIS C 601 -60.13 10.06 -25.92
N ASP C 602 -59.17 9.95 -25.00
CA ASP C 602 -57.88 9.33 -25.34
C ASP C 602 -57.26 8.74 -24.11
N ASN C 603 -56.44 7.72 -24.33
CA ASN C 603 -55.94 6.87 -23.25
C ASN C 603 -54.65 7.41 -22.68
N LEU C 604 -54.61 7.65 -21.37
CA LEU C 604 -53.34 8.06 -20.75
C LEU C 604 -52.40 6.86 -20.66
N SER C 605 -51.11 7.11 -20.68
CA SER C 605 -50.08 6.09 -20.52
C SER C 605 -50.08 5.61 -19.09
N ALA C 606 -49.59 4.40 -18.87
CA ALA C 606 -49.39 3.93 -17.50
C ALA C 606 -48.13 4.57 -16.94
N ILE C 607 -47.96 4.45 -15.64
CA ILE C 607 -46.76 5.00 -14.99
C ILE C 607 -46.14 3.97 -14.11
N THR C 608 -44.81 3.98 -14.06
CA THR C 608 -44.11 3.20 -13.12
C THR C 608 -42.81 3.90 -12.70
N TRP C 609 -42.18 3.30 -11.71
CA TRP C 609 -40.97 3.83 -11.07
C TRP C 609 -40.41 2.71 -10.19
N SER C 610 -39.15 2.78 -9.78
CA SER C 610 -38.64 1.68 -8.97
C SER C 610 -38.85 1.90 -7.46
N LYS C 611 -39.03 0.78 -6.76
CA LYS C 611 -39.35 0.75 -5.31
C LYS C 611 -40.83 1.12 -5.02
N PRO D 2 -61.88 18.31 43.91
CA PRO D 2 -61.83 19.66 43.31
C PRO D 2 -63.07 20.53 43.65
N MET D 3 -62.84 21.75 44.13
CA MET D 3 -63.90 22.71 44.47
C MET D 3 -64.71 23.14 43.24
N VAL D 4 -65.99 23.45 43.44
CA VAL D 4 -66.85 23.75 42.32
C VAL D 4 -66.42 25.01 41.56
N ILE D 5 -65.75 25.95 42.22
CA ILE D 5 -65.33 27.19 41.57
C ILE D 5 -64.18 26.92 40.57
N ASN D 6 -63.44 25.84 40.83
CA ASN D 6 -62.32 25.44 39.98
C ASN D 6 -62.65 24.31 38.96
N MET D 7 -63.93 23.97 38.79
CA MET D 7 -64.32 23.01 37.76
C MET D 7 -64.27 23.71 36.39
N VAL D 8 -63.82 22.98 35.38
CA VAL D 8 -63.52 23.46 34.03
C VAL D 8 -64.18 22.45 33.07
N ASP D 9 -64.85 22.92 32.03
CA ASP D 9 -65.61 22.09 31.11
C ASP D 9 -64.67 21.41 30.10
N VAL D 10 -63.85 20.52 30.60
CA VAL D 10 -62.80 19.89 29.82
C VAL D 10 -62.74 18.40 30.18
N ILE D 11 -62.80 17.58 29.15
CA ILE D 11 -62.63 16.15 29.28
C ILE D 11 -61.13 15.98 29.27
N LYS D 12 -60.62 15.36 30.31
CA LYS D 12 -59.21 15.13 30.43
C LYS D 12 -59.06 13.64 30.31
N PHE D 13 -58.84 13.19 29.09
CA PHE D 13 -58.67 11.77 28.83
C PHE D 13 -57.50 11.13 29.61
N LYS D 14 -57.76 9.96 30.22
CA LYS D 14 -56.76 9.27 31.09
C LYS D 14 -56.16 7.97 30.55
N GLU D 15 -56.82 7.24 29.64
CA GLU D 15 -56.23 5.99 29.15
C GLU D 15 -54.82 6.23 28.57
N PRO D 16 -53.82 5.57 29.12
CA PRO D 16 -52.53 5.81 28.55
C PRO D 16 -52.19 4.91 27.33
N GLU D 17 -51.13 5.30 26.66
CA GLU D 17 -50.72 4.67 25.45
C GLU D 17 -49.91 3.40 25.72
N ARG D 18 -49.59 3.16 26.98
CA ARG D 18 -48.67 2.13 27.40
C ARG D 18 -49.12 1.62 28.75
N CYS D 19 -48.99 0.32 28.95
CA CYS D 19 -49.20 -0.30 30.24
C CYS D 19 -48.41 -1.61 30.30
N ASP D 20 -47.78 -1.85 31.42
CA ASP D 20 -47.07 -3.08 31.67
C ASP D 20 -47.87 -4.33 31.32
N TYR D 21 -47.22 -5.23 30.60
CA TYR D 21 -47.82 -6.52 30.23
C TYR D 21 -48.94 -6.42 29.21
N LEU D 22 -49.31 -5.20 28.80
CA LEU D 22 -50.44 -4.99 27.91
C LEU D 22 -50.02 -4.66 26.47
N TYR D 23 -50.42 -5.49 25.53
CA TYR D 23 -50.29 -5.13 24.12
C TYR D 23 -51.67 -5.11 23.45
N VAL D 24 -51.96 -4.03 22.74
CA VAL D 24 -53.21 -3.97 21.98
C VAL D 24 -52.87 -4.04 20.51
N ASP D 25 -53.46 -4.99 19.80
CA ASP D 25 -53.10 -5.11 18.37
C ASP D 25 -53.96 -4.16 17.54
N GLU D 26 -53.58 -4.02 16.28
CA GLU D 26 -54.33 -3.33 15.22
C GLU D 26 -55.85 -3.55 15.21
N ASN D 27 -56.34 -4.67 15.65
CA ASN D 27 -57.79 -4.92 15.58
C ASN D 27 -58.47 -4.65 16.88
N ASN D 28 -57.74 -3.98 17.76
CA ASN D 28 -58.18 -3.65 19.13
C ASN D 28 -58.40 -4.86 20.04
N LYS D 29 -57.72 -5.95 19.74
CA LYS D 29 -57.62 -7.08 20.65
C LYS D 29 -56.53 -6.86 21.70
N VAL D 30 -56.93 -7.05 22.94
CA VAL D 30 -56.05 -6.94 24.09
C VAL D 30 -55.37 -8.28 24.38
N HIS D 31 -54.04 -8.21 24.48
CA HIS D 31 -53.17 -9.34 24.75
C HIS D 31 -52.37 -9.00 26.01
N ILE D 32 -52.42 -9.87 27.00
CA ILE D 32 -51.56 -9.75 28.16
C ILE D 32 -50.36 -10.69 27.97
N LEU D 33 -49.17 -10.13 27.99
CA LEU D 33 -47.95 -10.90 27.86
C LEU D 33 -47.38 -11.24 29.25
N LEU D 34 -47.29 -12.54 29.53
CA LEU D 34 -46.71 -13.05 30.76
C LEU D 34 -45.21 -13.11 30.61
N PRO D 35 -44.48 -12.41 31.48
CA PRO D 35 -43.05 -12.48 31.40
C PRO D 35 -42.48 -13.80 31.90
N ILE D 36 -41.44 -14.26 31.20
CA ILE D 36 -40.62 -15.37 31.62
C ILE D 36 -39.32 -14.80 32.28
N VAL D 37 -38.56 -14.02 31.53
CA VAL D 37 -37.37 -13.40 32.07
C VAL D 37 -37.17 -12.02 31.46
N GLY D 38 -36.43 -11.14 32.08
CA GLY D 38 -36.14 -9.84 31.43
C GLY D 38 -35.22 -10.00 30.22
N GLY D 39 -35.32 -9.10 29.28
CA GLY D 39 -34.41 -9.07 28.15
C GLY D 39 -35.18 -8.83 26.88
N ASP D 40 -34.43 -8.76 25.78
CA ASP D 40 -34.94 -8.65 24.44
C ASP D 40 -34.78 -10.02 23.73
N GLU D 41 -33.56 -10.42 23.39
CA GLU D 41 -33.31 -11.72 22.77
C GLU D 41 -32.70 -12.71 23.79
N ILE D 42 -31.73 -12.25 24.57
CA ILE D 42 -31.10 -13.11 25.60
C ILE D 42 -31.64 -12.71 26.96
N GLY D 43 -32.16 -13.68 27.72
CA GLY D 43 -32.75 -13.40 29.02
C GLY D 43 -31.62 -12.97 29.93
N LEU D 44 -31.83 -11.90 30.72
CA LEU D 44 -30.81 -11.37 31.63
C LEU D 44 -30.91 -12.03 32.97
N ASP D 45 -32.02 -12.71 33.20
CA ASP D 45 -32.21 -13.44 34.43
C ASP D 45 -31.90 -14.94 34.17
N ASN D 46 -31.13 -15.54 35.07
CA ASN D 46 -30.92 -16.97 35.08
C ASN D 46 -30.81 -17.53 36.53
N THR D 47 -30.62 -18.83 36.64
CA THR D 47 -30.43 -19.50 37.93
C THR D 47 -31.40 -18.96 38.95
N CYS D 48 -30.99 -18.67 40.18
CA CYS D 48 -31.98 -18.33 41.26
C CYS D 48 -32.91 -17.16 40.98
N GLN D 49 -32.46 -16.19 40.18
CA GLN D 49 -33.28 -15.03 39.88
C GLN D 49 -34.20 -15.22 38.68
N THR D 50 -34.26 -16.44 38.15
CA THR D 50 -35.12 -16.71 37.00
C THR D 50 -36.58 -16.32 37.25
N ALA D 51 -37.10 -16.60 38.44
CA ALA D 51 -38.52 -16.33 38.70
C ALA D 51 -38.89 -14.88 38.94
N VAL D 52 -37.95 -13.94 38.88
CA VAL D 52 -38.26 -12.56 39.29
C VAL D 52 -39.40 -11.88 38.54
N GLU D 53 -39.39 -11.93 37.23
CA GLU D 53 -40.48 -11.29 36.49
C GLU D 53 -41.87 -11.93 36.87
N LEU D 54 -41.92 -13.25 37.02
CA LEU D 54 -43.18 -13.92 37.37
C LEU D 54 -43.64 -13.52 38.77
N ILE D 55 -42.70 -13.38 39.71
CA ILE D 55 -43.07 -12.94 41.04
C ILE D 55 -43.81 -11.58 40.90
N THR D 56 -43.12 -10.60 40.32
CA THR D 56 -43.68 -9.29 40.08
C THR D 56 -45.01 -9.33 39.39
N PHE D 57 -45.12 -10.12 38.33
CA PHE D 57 -46.36 -10.15 37.58
C PHE D 57 -47.53 -10.55 38.43
N PHE D 58 -47.31 -11.55 39.29
CA PHE D 58 -48.40 -12.16 40.07
C PHE D 58 -48.63 -11.46 41.41
N TYR D 59 -47.55 -10.94 42.01
CA TYR D 59 -47.66 -10.48 43.37
C TYR D 59 -47.06 -9.10 43.61
N GLY D 60 -46.45 -8.49 42.60
CA GLY D 60 -45.72 -7.25 42.75
C GLY D 60 -44.40 -7.49 43.43
N SER D 61 -43.56 -6.44 43.46
CA SER D 61 -42.29 -6.52 44.16
C SER D 61 -41.66 -5.15 44.44
N ALA D 62 -40.53 -5.18 45.15
CA ALA D 62 -39.82 -3.99 45.60
C ALA D 62 -38.42 -4.19 45.09
N HIS D 63 -37.99 -3.26 44.23
CA HIS D 63 -36.74 -3.37 43.50
C HIS D 63 -36.00 -2.05 43.55
N SER D 64 -34.87 -2.06 44.26
CA SER D 64 -34.00 -0.89 44.30
C SER D 64 -34.75 0.28 44.94
N GLY D 65 -35.54 -0.03 45.98
CA GLY D 65 -36.35 0.98 46.70
C GLY D 65 -37.69 1.31 46.05
N VAL D 66 -37.94 0.78 44.85
CA VAL D 66 -39.21 1.10 44.15
C VAL D 66 -40.16 -0.07 43.96
N THR D 67 -41.41 0.21 44.23
CA THR D 67 -42.48 -0.78 44.16
C THR D 67 -42.83 -1.05 42.70
N LYS D 68 -42.90 -2.31 42.29
CA LYS D 68 -43.41 -2.69 41.00
C LYS D 68 -44.69 -3.40 41.30
N TYR D 69 -45.74 -3.07 40.57
CA TYR D 69 -47.05 -3.57 40.87
C TYR D 69 -47.44 -4.74 40.03
N SER D 70 -48.37 -5.51 40.55
CA SER D 70 -48.78 -6.73 39.93
C SER D 70 -49.57 -6.43 38.68
N ALA D 71 -49.64 -7.41 37.80
CA ALA D 71 -50.41 -7.30 36.58
C ALA D 71 -51.82 -6.87 36.94
N GLU D 72 -52.40 -7.59 37.88
CA GLU D 72 -53.76 -7.35 38.31
C GLU D 72 -53.98 -5.92 38.79
N HIS D 73 -53.02 -5.41 39.53
CA HIS D 73 -53.10 -4.06 40.00
C HIS D 73 -52.98 -3.05 38.84
N GLN D 74 -51.99 -3.18 37.96
CA GLN D 74 -51.89 -2.23 36.85
C GLN D 74 -53.08 -2.28 35.92
N LEU D 75 -53.61 -3.47 35.65
CA LEU D 75 -54.75 -3.62 34.79
C LEU D 75 -55.97 -3.00 35.46
N SER D 76 -56.06 -3.08 36.78
CA SER D 76 -57.20 -2.49 37.48
C SER D 76 -57.13 -0.99 37.39
N GLU D 77 -55.94 -0.42 37.36
CA GLU D 77 -55.86 1.02 37.19
C GLU D 77 -56.16 1.41 35.75
N TYR D 78 -55.57 0.72 34.78
CA TYR D 78 -55.94 0.93 33.38
C TYR D 78 -57.50 0.82 33.23
N LYS D 79 -58.11 -0.17 33.86
CA LYS D 79 -59.56 -0.28 33.82
C LYS D 79 -60.29 0.97 34.35
N ARG D 80 -59.83 1.44 35.50
CA ARG D 80 -60.38 2.66 36.07
C ARG D 80 -60.25 3.87 35.10
N GLN D 81 -59.11 4.01 34.46
CA GLN D 81 -58.90 5.13 33.54
C GLN D 81 -59.84 5.01 32.35
N LEU D 82 -60.01 3.79 31.82
CA LEU D 82 -60.94 3.57 30.75
C LEU D 82 -62.35 3.97 31.16
N GLU D 83 -62.73 3.68 32.38
CA GLU D 83 -64.08 3.98 32.83
C GLU D 83 -64.28 5.49 32.91
N GLU D 84 -63.29 6.22 33.39
CA GLU D 84 -63.42 7.67 33.45
C GLU D 84 -63.59 8.23 32.03
N ASP D 85 -62.77 7.77 31.08
CA ASP D 85 -62.88 8.27 29.75
C ASP D 85 -64.26 8.00 29.14
N ILE D 86 -64.82 6.82 29.42
CA ILE D 86 -66.13 6.42 28.83
C ILE D 86 -67.25 7.32 29.40
N LYS D 87 -67.16 7.64 30.68
CA LYS D 87 -68.18 8.46 31.35
C LYS D 87 -68.05 9.90 30.83
N ALA D 88 -66.83 10.34 30.60
CA ALA D 88 -66.58 11.67 30.04
C ALA D 88 -67.19 11.79 28.64
N ILE D 89 -66.85 10.87 27.77
CA ILE D 89 -67.48 10.82 26.47
C ILE D 89 -69.01 10.74 26.59
N ASN D 90 -69.51 9.98 27.54
CA ASN D 90 -70.96 9.79 27.69
C ASN D 90 -71.64 11.08 28.12
N SER D 91 -70.87 11.93 28.76
CA SER D 91 -71.42 13.18 29.18
C SER D 91 -71.71 14.09 28.02
N GLN D 92 -71.16 13.84 26.84
CA GLN D 92 -71.42 14.68 25.65
C GLN D 92 -72.65 14.23 24.84
N LYS D 93 -73.22 13.08 25.20
CA LYS D 93 -74.24 12.51 24.35
C LYS D 93 -75.50 13.37 24.34
N LYS D 94 -75.80 14.04 25.45
CA LYS D 94 -76.95 14.91 25.50
C LYS D 94 -76.80 16.17 24.63
N ILE D 95 -75.58 16.48 24.22
CA ILE D 95 -75.29 17.56 23.29
C ILE D 95 -75.15 17.00 21.86
N SER D 96 -74.44 15.88 21.72
CA SER D 96 -74.17 15.28 20.39
C SER D 96 -74.31 13.78 20.44
N PRO D 97 -75.31 13.25 19.74
CA PRO D 97 -75.61 11.85 19.90
C PRO D 97 -74.54 10.97 19.27
N HIS D 98 -73.91 11.43 18.19
CA HIS D 98 -72.71 10.74 17.64
C HIS D 98 -71.33 11.07 18.34
N ALA D 99 -71.31 11.83 19.43
CA ALA D 99 -70.04 12.23 20.08
C ALA D 99 -69.04 11.07 20.25
N TYR D 100 -67.87 11.17 19.58
CA TYR D 100 -66.76 10.22 19.72
C TYR D 100 -67.11 8.75 19.60
N ASP D 101 -68.02 8.43 18.68
CA ASP D 101 -68.60 7.11 18.56
C ASP D 101 -67.55 6.05 18.42
N ASP D 102 -66.59 6.31 17.55
CA ASP D 102 -65.53 5.38 17.32
C ASP D 102 -64.60 5.24 18.51
N LEU D 103 -64.17 6.34 19.09
CA LEU D 103 -63.31 6.23 20.24
C LEU D 103 -64.05 5.56 21.42
N LEU D 104 -65.33 5.86 21.53
CA LEU D 104 -66.15 5.33 22.62
C LEU D 104 -66.18 3.80 22.55
N LYS D 105 -66.48 3.29 21.39
CA LYS D 105 -66.62 1.83 21.17
C LYS D 105 -65.28 1.12 21.38
N GLU D 106 -64.23 1.75 20.88
CA GLU D 106 -62.89 1.29 21.09
C GLU D 106 -62.50 1.20 22.51
N LYS D 107 -62.83 2.20 23.30
CA LYS D 107 -62.44 2.18 24.69
C LYS D 107 -63.22 1.13 25.43
N ILE D 108 -64.47 0.95 25.05
CA ILE D 108 -65.35 -0.01 25.70
C ILE D 108 -64.93 -1.44 25.42
N GLU D 109 -64.50 -1.70 24.18
CA GLU D 109 -63.95 -2.98 23.78
C GLU D 109 -62.72 -3.33 24.63
N ARG D 110 -61.82 -2.38 24.80
CA ARG D 110 -60.63 -2.68 25.62
C ARG D 110 -61.05 -2.93 27.04
N LEU D 111 -62.06 -2.18 27.52
CA LEU D 111 -62.56 -2.33 28.88
C LEU D 111 -63.09 -3.74 29.13
N GLN D 112 -63.94 -4.22 28.25
CA GLN D 112 -64.55 -5.53 28.44
C GLN D 112 -63.48 -6.63 28.44
N GLN D 113 -62.53 -6.51 27.50
CA GLN D 113 -61.39 -7.45 27.45
C GLN D 113 -60.55 -7.46 28.73
N ILE D 114 -60.18 -6.28 29.20
CA ILE D 114 -59.35 -6.12 30.38
C ILE D 114 -60.04 -6.68 31.63
N GLU D 115 -61.34 -6.43 31.76
CA GLU D 115 -62.08 -6.99 32.90
C GLU D 115 -62.01 -8.47 32.87
N LYS D 116 -62.14 -9.01 31.68
CA LYS D 116 -62.04 -10.44 31.54
C LYS D 116 -60.62 -10.94 31.92
N TYR D 117 -59.55 -10.30 31.45
CA TYR D 117 -58.22 -10.72 31.87
C TYR D 117 -58.04 -10.66 33.40
N ILE D 118 -58.64 -9.65 34.05
CA ILE D 118 -58.59 -9.48 35.52
C ILE D 118 -59.28 -10.69 36.18
N GLU D 119 -60.51 -10.97 35.79
CA GLU D 119 -61.24 -12.15 36.23
C GLU D 119 -60.32 -13.37 36.14
N LEU D 120 -59.71 -13.61 34.96
CA LEU D 120 -58.91 -14.79 34.74
C LEU D 120 -57.72 -14.89 35.69
N ILE D 121 -57.05 -13.79 35.96
CA ILE D 121 -55.92 -13.86 36.84
C ILE D 121 -56.41 -14.26 38.25
N GLN D 122 -57.54 -13.70 38.65
CA GLN D 122 -58.16 -13.98 39.97
C GLN D 122 -58.55 -15.46 40.13
N VAL D 123 -59.17 -16.02 39.10
CA VAL D 123 -59.59 -17.38 39.14
C VAL D 123 -58.41 -18.35 39.01
N LEU D 124 -57.36 -17.93 38.32
CA LEU D 124 -56.13 -18.72 38.34
C LEU D 124 -55.60 -18.88 39.77
N LYS D 125 -55.35 -17.76 40.43
CA LYS D 125 -54.75 -17.77 41.77
C LYS D 125 -55.65 -18.45 42.78
N LYS D 126 -56.95 -18.19 42.69
CA LYS D 126 -57.91 -18.58 43.71
C LYS D 126 -58.36 -20.06 43.55
N GLN D 127 -58.61 -20.50 42.32
CA GLN D 127 -59.26 -21.77 42.04
C GLN D 127 -58.40 -22.81 41.40
N TYR D 128 -57.45 -22.41 40.56
CA TYR D 128 -56.63 -23.37 39.85
C TYR D 128 -55.16 -23.38 40.27
N ASP D 129 -54.88 -23.16 41.56
CA ASP D 129 -53.50 -23.28 42.08
C ASP D 129 -53.41 -24.21 43.29
N GLU D 130 -54.06 -25.38 43.20
CA GLU D 130 -54.15 -26.23 44.40
C GLU D 130 -52.74 -26.83 44.76
N GLN D 131 -51.96 -27.19 43.74
CA GLN D 131 -50.56 -27.55 43.94
C GLN D 131 -49.61 -26.35 44.34
N ASN D 132 -50.13 -25.14 44.57
CA ASN D 132 -49.27 -23.99 44.88
C ASN D 132 -48.12 -23.71 43.89
N ASP D 133 -48.33 -24.09 42.64
CA ASP D 133 -47.35 -23.89 41.57
C ASP D 133 -47.18 -22.37 41.26
N ILE D 134 -48.24 -21.60 41.50
CA ILE D 134 -48.14 -20.19 41.38
C ILE D 134 -47.73 -19.56 42.70
N ARG D 135 -48.35 -19.95 43.81
CA ARG D 135 -47.98 -19.41 45.14
C ARG D 135 -46.55 -19.68 45.56
N GLN D 136 -45.95 -20.77 45.08
CA GLN D 136 -44.51 -21.02 45.37
C GLN D 136 -43.62 -19.87 44.94
N LEU D 137 -44.07 -19.06 44.01
CA LEU D 137 -43.27 -17.91 43.61
C LEU D 137 -42.99 -16.99 44.81
N ARG D 138 -44.04 -16.70 45.60
CA ARG D 138 -43.85 -15.80 46.75
CA ARG D 138 -43.99 -15.84 46.79
C ARG D 138 -43.38 -16.48 48.03
N THR D 139 -43.54 -17.80 48.17
CA THR D 139 -43.22 -18.49 49.42
C THR D 139 -41.96 -19.30 49.36
N GLY D 140 -41.60 -19.69 48.15
CA GLY D 140 -40.54 -20.65 47.97
C GLY D 140 -39.21 -20.01 48.30
N GLY D 141 -38.35 -20.87 48.89
CA GLY D 141 -36.93 -20.61 49.03
C GLY D 141 -36.40 -20.06 47.72
N ILE D 142 -36.08 -20.96 46.80
CA ILE D 142 -35.68 -20.53 45.45
C ILE D 142 -36.78 -20.95 44.47
N PRO D 143 -37.63 -20.01 44.06
CA PRO D 143 -38.77 -20.42 43.30
C PRO D 143 -38.42 -20.98 41.95
N GLN D 144 -39.39 -21.68 41.41
CA GLN D 144 -39.29 -22.41 40.14
C GLN D 144 -40.25 -21.78 39.15
N LEU D 145 -40.00 -21.91 37.85
CA LEU D 145 -41.02 -21.54 36.87
C LEU D 145 -42.24 -22.45 37.08
N PRO D 146 -43.46 -21.92 37.00
CA PRO D 146 -44.67 -22.79 37.00
C PRO D 146 -44.64 -23.80 35.88
N SER D 147 -45.22 -24.96 36.07
CA SER D 147 -45.21 -26.02 35.03
C SER D 147 -45.71 -25.49 33.70
N GLY D 148 -46.81 -24.76 33.72
CA GLY D 148 -47.35 -24.21 32.50
C GLY D 148 -46.31 -23.45 31.71
N VAL D 149 -45.47 -22.65 32.38
CA VAL D 149 -44.47 -21.91 31.66
C VAL D 149 -43.46 -22.89 31.12
N LYS D 150 -43.21 -23.96 31.88
CA LYS D 150 -42.26 -24.96 31.44
C LYS D 150 -42.74 -25.71 30.18
N GLU D 151 -44.03 -26.05 30.09
CA GLU D 151 -44.61 -26.61 28.85
C GLU D 151 -44.44 -25.66 27.67
N ILE D 152 -44.65 -24.35 27.93
CA ILE D 152 -44.57 -23.36 26.85
C ILE D 152 -43.16 -23.34 26.31
N ILE D 153 -42.19 -23.30 27.20
CA ILE D 153 -40.79 -23.31 26.77
C ILE D 153 -40.39 -24.62 26.08
N LYS D 154 -40.94 -25.74 26.52
CA LYS D 154 -40.61 -27.04 25.98
C LYS D 154 -41.11 -27.11 24.51
N SER D 155 -42.32 -26.59 24.28
CA SER D 155 -42.96 -26.54 22.97
C SER D 155 -42.47 -25.40 22.07
N SER D 156 -41.72 -24.44 22.58
CA SER D 156 -41.37 -23.30 21.75
C SER D 156 -40.54 -23.71 20.53
N GLU D 157 -40.80 -23.04 19.42
CA GLU D 157 -40.02 -23.23 18.26
C GLU D 157 -39.15 -22.01 17.98
N ASN D 158 -39.24 -20.96 18.79
CA ASN D 158 -38.42 -19.76 18.56
C ASN D 158 -37.51 -19.29 19.71
N ALA D 159 -37.51 -20.07 20.79
CA ALA D 159 -36.74 -19.74 22.00
C ALA D 159 -36.26 -21.02 22.65
N PHE D 160 -35.00 -21.02 23.09
CA PHE D 160 -34.40 -22.18 23.74
C PHE D 160 -33.44 -21.82 24.88
N ALA D 161 -33.48 -22.61 25.94
CA ALA D 161 -32.46 -22.44 26.97
C ALA D 161 -31.20 -23.18 26.55
N VAL D 162 -30.12 -22.79 27.18
CA VAL D 162 -28.84 -23.23 26.83
C VAL D 162 -28.13 -23.39 28.18
N ARG D 163 -27.68 -24.60 28.52
CA ARG D 163 -26.98 -24.82 29.79
C ARG D 163 -25.49 -25.10 29.60
N LEU D 164 -24.65 -24.34 30.28
CA LEU D 164 -23.21 -24.41 30.10
C LEU D 164 -22.50 -24.97 31.35
N SER D 165 -21.18 -25.04 31.28
CA SER D 165 -20.33 -25.54 32.36
C SER D 165 -19.31 -24.52 32.81
N PRO D 166 -19.67 -23.66 33.77
CA PRO D 166 -18.65 -22.78 34.36
C PRO D 166 -17.91 -23.53 35.42
N TYR D 167 -16.66 -23.19 35.66
CA TYR D 167 -15.95 -23.86 36.72
C TYR D 167 -16.75 -23.95 38.01
N ASP D 168 -17.11 -22.79 38.56
CA ASP D 168 -17.88 -22.71 39.80
C ASP D 168 -19.36 -22.74 39.45
N ASN D 169 -19.87 -23.95 39.22
CA ASN D 169 -21.25 -24.05 38.75
C ASN D 169 -22.26 -23.97 39.87
N ASP D 170 -23.44 -23.47 39.50
CA ASP D 170 -24.51 -23.27 40.40
C ASP D 170 -25.64 -24.23 40.07
N LYS D 171 -25.99 -25.09 40.98
CA LYS D 171 -26.96 -26.15 40.76
C LYS D 171 -28.40 -25.68 40.63
N PHE D 172 -28.67 -24.44 41.04
CA PHE D 172 -30.02 -23.88 40.93
C PHE D 172 -30.28 -23.28 39.54
N THR D 173 -29.88 -24.04 38.51
CA THR D 173 -30.46 -23.92 37.15
C THR D 173 -31.97 -23.97 37.22
N ARG D 174 -32.61 -23.15 36.40
CA ARG D 174 -34.06 -23.09 36.40
C ARG D 174 -34.75 -23.34 35.03
N PHE D 175 -33.96 -23.60 34.01
CA PHE D 175 -34.50 -24.02 32.72
C PHE D 175 -34.21 -25.48 32.52
N ASP D 176 -35.24 -26.29 32.49
CA ASP D 176 -35.03 -27.70 32.52
C ASP D 176 -35.00 -28.45 31.21
N ASP D 177 -35.29 -27.79 30.12
CA ASP D 177 -35.22 -28.49 28.87
C ASP D 177 -34.35 -27.75 27.90
N PRO D 178 -33.07 -27.52 28.26
CA PRO D 178 -32.18 -26.81 27.36
C PRO D 178 -31.93 -27.55 26.05
N LEU D 179 -31.82 -26.78 24.98
CA LEU D 179 -31.42 -27.31 23.68
C LEU D 179 -29.93 -27.69 23.74
N PHE D 180 -29.06 -26.78 24.15
CA PHE D 180 -27.65 -27.09 24.24
C PHE D 180 -27.23 -27.35 25.68
N ASN D 181 -26.63 -28.50 25.93
CA ASN D 181 -26.44 -28.98 27.28
C ASN D 181 -25.17 -29.78 27.38
N VAL D 182 -24.34 -29.41 28.35
CA VAL D 182 -23.04 -30.05 28.59
C VAL D 182 -22.80 -30.39 30.08
N LYS D 183 -21.93 -31.38 30.24
CA LYS D 183 -21.58 -31.89 31.53
C LYS D 183 -20.92 -30.82 32.41
N ARG D 184 -21.19 -31.01 33.70
CA ARG D 184 -20.98 -29.99 34.71
C ARG D 184 -20.29 -30.60 35.91
N ASN D 185 -19.37 -29.85 36.49
CA ASN D 185 -18.84 -30.12 37.80
C ASN D 185 -19.97 -30.36 38.80
N ILE D 186 -19.64 -30.99 39.92
CA ILE D 186 -20.59 -31.04 41.06
C ILE D 186 -20.50 -29.66 41.71
N SER D 187 -21.62 -28.94 41.73
CA SER D 187 -21.72 -27.64 42.37
C SER D 187 -21.29 -27.64 43.82
N LYS D 188 -20.75 -26.53 44.28
CA LYS D 188 -20.31 -26.41 45.67
C LYS D 188 -21.46 -26.60 46.64
N TYR D 189 -22.66 -26.25 46.18
CA TYR D 189 -23.88 -26.41 46.97
C TYR D 189 -24.30 -27.86 47.11
N ASP D 190 -23.72 -28.76 46.34
CA ASP D 190 -23.86 -30.18 46.62
C ASP D 190 -22.63 -30.72 47.34
N THR D 191 -21.98 -29.91 48.16
CA THR D 191 -20.93 -30.39 49.06
C THR D 191 -21.31 -29.95 50.46
N PRO D 192 -20.75 -30.61 51.47
CA PRO D 192 -20.99 -30.30 52.87
C PRO D 192 -20.60 -28.87 53.30
N SER D 193 -19.43 -28.43 52.89
CA SER D 193 -18.91 -27.10 53.22
C SER D 193 -19.50 -26.04 52.36
N ARG D 194 -19.96 -26.44 51.20
CA ARG D 194 -20.55 -25.48 50.28
C ARG D 194 -19.55 -24.48 49.68
N GLN D 195 -18.26 -24.79 49.76
CA GLN D 195 -17.21 -23.84 49.45
C GLN D 195 -16.68 -23.93 48.02
N ALA D 196 -16.40 -25.14 47.58
CA ALA D 196 -15.77 -25.35 46.29
C ALA D 196 -16.45 -26.51 45.50
N PRO D 197 -16.60 -26.34 44.17
CA PRO D 197 -17.13 -27.45 43.37
C PRO D 197 -16.27 -28.71 43.42
N ILE D 198 -16.82 -29.86 43.08
CA ILE D 198 -15.99 -31.04 42.77
C ILE D 198 -15.77 -31.12 41.25
N PRO D 199 -14.53 -30.96 40.80
CA PRO D 199 -14.31 -31.01 39.35
C PRO D 199 -14.52 -32.42 38.79
N ILE D 200 -15.14 -32.53 37.63
CA ILE D 200 -15.13 -33.77 36.86
C ILE D 200 -13.93 -33.71 35.94
N TYR D 201 -13.40 -34.87 35.54
CA TYR D 201 -12.28 -34.90 34.59
C TYR D 201 -12.62 -35.60 33.22
N GLU D 202 -13.63 -35.02 32.57
CA GLU D 202 -14.25 -35.49 31.33
C GLU D 202 -15.20 -34.35 30.83
N GLY D 203 -15.13 -34.03 29.53
CA GLY D 203 -16.09 -33.15 28.89
C GLY D 203 -15.51 -31.84 28.43
N LEU D 204 -16.36 -31.10 27.73
CA LEU D 204 -15.94 -29.92 27.00
C LEU D 204 -15.32 -28.88 27.92
N GLY D 205 -15.92 -28.66 29.08
CA GLY D 205 -15.54 -27.55 29.97
C GLY D 205 -14.17 -27.76 30.58
N TYR D 206 -13.94 -28.99 31.04
CA TYR D 206 -12.66 -29.38 31.62
C TYR D 206 -11.63 -29.26 30.51
N ARG D 207 -11.92 -29.89 29.38
CA ARG D 207 -10.95 -29.85 28.28
C ARG D 207 -10.51 -28.42 28.03
N LEU D 208 -11.48 -27.52 27.89
CA LEU D 208 -11.15 -26.13 27.55
C LEU D 208 -10.31 -25.48 28.66
N ARG D 209 -10.69 -25.69 29.91
CA ARG D 209 -9.99 -25.08 31.05
C ARG D 209 -8.58 -25.62 31.18
N SER D 210 -8.53 -26.93 31.42
CA SER D 210 -7.30 -27.69 31.51
C SER D 210 -6.36 -27.47 30.33
N THR D 211 -6.91 -27.37 29.12
CA THR D 211 -6.08 -27.05 27.96
C THR D 211 -5.68 -25.59 27.91
N LEU D 212 -6.56 -24.68 28.31
CA LEU D 212 -6.25 -23.26 28.08
C LEU D 212 -5.25 -22.70 29.08
N PHE D 213 -5.45 -23.00 30.37
CA PHE D 213 -4.46 -22.74 31.42
C PHE D 213 -4.22 -24.01 32.25
N PRO D 214 -3.20 -24.81 31.88
CA PRO D 214 -3.08 -26.21 32.30
C PRO D 214 -2.47 -26.33 33.69
N GLU D 215 -2.70 -27.46 34.37
CA GLU D 215 -2.20 -27.68 35.77
C GLU D 215 -0.82 -27.06 36.00
N ASP D 216 0.12 -27.28 35.09
CA ASP D 216 1.48 -26.76 35.29
C ASP D 216 1.61 -25.23 35.21
N LYS D 217 0.50 -24.52 34.99
CA LYS D 217 0.46 -23.05 35.01
C LYS D 217 1.16 -22.37 33.85
N THR D 218 1.20 -23.05 32.70
CA THR D 218 1.82 -22.54 31.48
C THR D 218 0.88 -21.55 30.70
N PRO D 219 1.13 -20.23 30.78
CA PRO D 219 0.27 -19.30 30.03
C PRO D 219 0.14 -19.56 28.56
N THR D 220 -1.08 -19.55 28.04
CA THR D 220 -1.26 -19.49 26.61
C THR D 220 -1.26 -18.00 26.16
N PRO D 221 -0.24 -17.58 25.37
CA PRO D 221 -0.15 -16.17 24.98
C PRO D 221 -1.18 -15.81 23.89
N ILE D 222 -1.75 -14.60 23.99
CA ILE D 222 -2.76 -14.09 23.05
C ILE D 222 -2.05 -13.15 22.07
N ASN D 223 -1.60 -13.70 20.93
CA ASN D 223 -0.89 -12.86 19.92
C ASN D 223 -1.87 -12.36 18.88
N LYS D 224 -2.59 -11.28 19.22
CA LYS D 224 -3.61 -10.78 18.32
C LYS D 224 -3.05 -9.61 17.53
N LYS D 225 -3.11 -9.72 16.22
CA LYS D 225 -2.79 -8.58 15.33
C LYS D 225 -4.04 -8.06 14.63
N SER D 226 -4.09 -6.72 14.52
CA SER D 226 -5.05 -6.03 13.64
C SER D 226 -4.96 -6.58 12.23
N LEU D 227 -6.00 -6.34 11.45
CA LEU D 227 -5.96 -6.72 10.04
C LEU D 227 -4.71 -6.13 9.29
N ARG D 228 -4.29 -4.93 9.68
CA ARG D 228 -3.14 -4.32 9.03
C ARG D 228 -1.83 -5.01 9.43
N ASP D 229 -1.60 -5.17 10.73
CA ASP D 229 -0.41 -5.85 11.25
C ASP D 229 -0.29 -7.28 10.69
N LYS D 230 -1.39 -8.01 10.76
CA LYS D 230 -1.43 -9.38 10.29
C LYS D 230 -0.96 -9.49 8.83
N VAL D 231 -1.34 -8.52 8.00
CA VAL D 231 -0.90 -8.53 6.61
C VAL D 231 0.59 -8.20 6.49
N LYS D 232 1.00 -7.14 7.14
CA LYS D 232 2.38 -6.69 7.06
C LYS D 232 3.34 -7.80 7.55
N SER D 233 2.96 -8.43 8.66
CA SER D 233 3.82 -9.48 9.23
C SER D 233 3.86 -10.70 8.30
N THR D 234 2.70 -11.15 7.84
CA THR D 234 2.68 -12.27 6.91
C THR D 234 3.62 -11.98 5.76
N VAL D 235 3.57 -10.74 5.25
CA VAL D 235 4.41 -10.37 4.09
C VAL D 235 5.91 -10.32 4.47
N LEU D 236 6.24 -9.80 5.64
CA LEU D 236 7.63 -9.56 6.01
C LEU D 236 8.38 -10.85 6.29
N SER D 237 7.62 -11.89 6.60
CA SER D 237 8.16 -13.23 6.88
C SER D 237 8.50 -14.04 5.61
N HIS D 238 8.40 -13.42 4.43
CA HIS D 238 9.00 -13.99 3.24
C HIS D 238 10.20 -13.14 2.80
N TYR D 239 10.61 -12.20 3.66
CA TYR D 239 11.76 -11.32 3.46
C TYR D 239 12.79 -11.49 4.59
N LYS D 240 14.04 -11.19 4.28
CA LYS D 240 15.07 -11.11 5.33
C LYS D 240 15.03 -9.69 5.87
N ASP D 241 15.46 -9.48 7.11
CA ASP D 241 15.59 -8.13 7.66
C ASP D 241 16.59 -7.33 6.89
N GLU D 242 17.53 -8.01 6.22
CA GLU D 242 18.56 -7.32 5.47
C GLU D 242 17.99 -6.74 4.18
N ASP D 243 16.87 -7.26 3.67
CA ASP D 243 16.39 -6.84 2.33
C ASP D 243 16.08 -5.38 2.18
N ARG D 244 16.25 -4.86 0.98
CA ARG D 244 16.06 -3.44 0.71
C ARG D 244 15.41 -3.30 -0.66
N ILE D 245 14.71 -2.19 -0.89
CA ILE D 245 14.32 -1.82 -2.23
C ILE D 245 15.47 -1.01 -2.72
N ASP D 246 16.37 -1.69 -3.41
CA ASP D 246 17.78 -1.42 -3.27
C ASP D 246 18.50 -0.89 -4.48
N GLY D 247 18.94 -1.76 -5.36
CA GLY D 247 20.06 -1.38 -6.24
C GLY D 247 19.57 -1.16 -7.64
N GLU D 248 20.29 -1.73 -8.58
CA GLU D 248 19.69 -2.07 -9.83
C GLU D 248 18.59 -3.12 -9.45
N LYS D 249 17.64 -3.27 -10.35
CA LYS D 249 16.43 -3.99 -10.05
C LYS D 249 15.55 -3.43 -8.91
N LYS D 250 15.86 -2.25 -8.38
CA LYS D 250 14.99 -1.62 -7.38
C LYS D 250 13.50 -1.63 -7.77
N ASP D 251 13.21 -1.22 -9.00
CA ASP D 251 11.84 -1.16 -9.47
C ASP D 251 11.16 -2.55 -9.43
N GLU D 252 11.88 -3.56 -9.91
CA GLU D 252 11.42 -4.93 -9.88
C GLU D 252 11.21 -5.38 -8.47
N LYS D 253 12.12 -5.05 -7.57
CA LYS D 253 11.89 -5.39 -6.15
C LYS D 253 10.63 -4.72 -5.59
N LEU D 254 10.40 -3.46 -5.95
CA LEU D 254 9.21 -2.77 -5.50
C LEU D 254 7.96 -3.43 -6.06
N ASN D 255 7.98 -3.69 -7.37
CA ASN D 255 6.92 -4.46 -8.04
C ASN D 255 6.64 -5.81 -7.36
N GLU D 256 7.68 -6.55 -7.09
CA GLU D 256 7.52 -7.79 -6.37
C GLU D 256 6.81 -7.56 -5.05
N LEU D 257 7.25 -6.53 -4.30
CA LEU D 257 6.69 -6.24 -2.95
C LEU D 257 5.21 -5.82 -3.00
N ILE D 258 4.90 -4.98 -3.98
CA ILE D 258 3.52 -4.52 -4.17
C ILE D 258 2.60 -5.72 -4.45
N THR D 259 2.98 -6.59 -5.39
CA THR D 259 2.15 -7.72 -5.75
C THR D 259 1.98 -8.68 -4.59
N ASN D 260 3.05 -8.99 -3.86
CA ASN D 260 2.95 -9.82 -2.66
C ASN D 260 1.92 -9.25 -1.69
N LEU D 261 2.01 -7.92 -1.51
CA LEU D 261 1.30 -7.23 -0.44
C LEU D 261 -0.17 -7.18 -0.82
N GLN D 262 -0.43 -6.82 -2.06
CA GLN D 262 -1.76 -6.94 -2.64
C GLN D 262 -2.35 -8.32 -2.41
N ASN D 263 -1.65 -9.34 -2.91
CA ASN D 263 -2.15 -10.71 -2.87
C ASN D 263 -2.51 -11.06 -1.45
N GLU D 264 -1.67 -10.66 -0.49
CA GLU D 264 -1.94 -10.98 0.90
C GLU D 264 -3.11 -10.22 1.46
N LEU D 265 -3.28 -8.96 1.04
CA LEU D 265 -4.37 -8.14 1.59
C LEU D 265 -5.67 -8.60 0.96
N VAL D 266 -5.66 -8.76 -0.35
CA VAL D 266 -6.80 -9.32 -1.06
C VAL D 266 -7.23 -10.65 -0.43
N LYS D 267 -6.30 -11.56 -0.30
CA LYS D 267 -6.57 -12.85 0.39
C LYS D 267 -7.31 -12.70 1.72
N GLU D 268 -6.90 -11.77 2.57
CA GLU D 268 -7.53 -11.61 3.89
C GLU D 268 -8.88 -10.92 3.84
N LEU D 269 -9.14 -10.23 2.74
CA LEU D 269 -10.30 -9.34 2.67
C LEU D 269 -11.44 -9.97 1.88
N VAL D 270 -11.06 -10.67 0.81
CA VAL D 270 -11.95 -11.50 0.01
C VAL D 270 -12.73 -12.42 1.00
N LYS D 271 -12.01 -13.20 1.82
CA LYS D 271 -12.64 -14.05 2.84
C LYS D 271 -13.66 -13.29 3.72
N SER D 272 -13.91 -12.00 3.44
CA SER D 272 -14.76 -11.18 4.30
C SER D 272 -15.83 -10.45 3.48
N ASP D 273 -15.43 -9.59 2.53
CA ASP D 273 -16.33 -8.96 1.54
C ASP D 273 -15.72 -9.05 0.13
N PRO D 274 -16.22 -9.98 -0.69
CA PRO D 274 -15.52 -10.42 -1.91
C PRO D 274 -15.34 -9.37 -3.01
N GLN D 275 -16.00 -8.23 -2.88
CA GLN D 275 -15.73 -7.07 -3.74
C GLN D 275 -14.25 -6.59 -3.65
N TYR D 276 -13.57 -6.96 -2.55
CA TYR D 276 -12.16 -6.65 -2.41
C TYR D 276 -11.25 -7.47 -3.32
N SER D 277 -11.80 -8.35 -4.16
CA SER D 277 -10.96 -9.08 -5.11
C SER D 277 -10.32 -8.14 -6.11
N LYS D 278 -10.87 -6.92 -6.25
CA LYS D 278 -10.40 -5.96 -7.25
C LYS D 278 -9.43 -4.91 -6.68
N LEU D 279 -9.36 -4.80 -5.35
CA LEU D 279 -8.31 -4.02 -4.66
C LEU D 279 -7.01 -4.11 -5.46
N SER D 280 -6.52 -2.95 -5.89
CA SER D 280 -5.20 -2.86 -6.51
C SER D 280 -4.32 -1.94 -5.67
N LEU D 281 -3.02 -2.17 -5.76
CA LEU D 281 -2.05 -1.39 -4.99
C LEU D 281 -1.05 -0.72 -5.92
N SER D 282 -1.27 -0.87 -7.22
CA SER D 282 -0.40 -0.32 -8.24
C SER D 282 -0.47 1.19 -8.37
N LYS D 283 -1.58 1.79 -7.92
CA LYS D 283 -1.83 3.22 -8.13
C LYS D 283 -2.55 3.84 -6.94
N ASP D 284 -2.43 5.13 -6.79
CA ASP D 284 -3.11 5.80 -5.74
C ASP D 284 -4.54 6.04 -6.23
N PRO D 285 -5.39 6.66 -5.40
CA PRO D 285 -6.78 6.83 -5.87
C PRO D 285 -6.92 7.59 -7.19
N ARG D 286 -6.05 8.60 -7.35
CA ARG D 286 -5.99 9.42 -8.57
C ARG D 286 -5.50 8.70 -9.81
N GLY D 287 -5.00 7.48 -9.67
CA GLY D 287 -4.28 6.86 -10.81
C GLY D 287 -2.77 7.13 -10.92
N LYS D 288 -2.15 7.77 -9.91
CA LYS D 288 -0.67 7.94 -9.85
C LYS D 288 0.05 6.63 -9.56
N GLU D 289 1.05 6.31 -10.39
CA GLU D 289 1.73 5.01 -10.34
C GLU D 289 2.61 4.99 -9.13
N ILE D 290 2.51 3.92 -8.35
CA ILE D 290 3.32 3.79 -7.16
C ILE D 290 4.63 3.19 -7.65
N ASN D 291 5.64 4.04 -7.77
CA ASN D 291 6.96 3.59 -8.12
C ASN D 291 8.03 4.23 -7.24
N TYR D 292 9.28 3.86 -7.46
CA TYR D 292 10.34 4.28 -6.60
C TYR D 292 10.50 5.78 -6.61
N ASP D 293 10.41 6.38 -7.79
CA ASP D 293 10.63 7.80 -7.87
C ASP D 293 9.54 8.54 -7.11
N TYR D 294 8.30 8.11 -7.28
CA TYR D 294 7.22 8.77 -6.58
C TYR D 294 7.44 8.74 -5.06
N LEU D 295 7.77 7.59 -4.49
CA LEU D 295 7.77 7.46 -3.02
C LEU D 295 9.03 8.00 -2.31
N VAL D 296 10.14 8.00 -3.02
CA VAL D 296 11.39 8.45 -2.46
C VAL D 296 11.67 9.91 -2.85
N ASN D 297 11.65 10.19 -4.14
CA ASN D 297 12.11 11.49 -4.64
C ASN D 297 11.02 12.54 -4.63
N SER D 298 9.81 12.19 -5.04
CA SER D 298 8.68 13.12 -5.03
C SER D 298 8.01 13.29 -3.68
N LEU D 299 7.46 12.21 -3.10
CA LEU D 299 6.89 12.29 -1.73
C LEU D 299 7.89 12.24 -0.53
N MET D 300 9.11 11.79 -0.75
CA MET D 300 10.16 11.74 0.29
C MET D 300 9.81 10.96 1.56
N LEU D 301 9.19 9.80 1.40
CA LEU D 301 8.72 9.04 2.53
C LEU D 301 9.60 7.85 2.89
N VAL D 302 10.47 7.46 1.95
CA VAL D 302 11.36 6.29 2.16
C VAL D 302 12.55 6.41 1.28
N ASP D 303 13.59 5.61 1.49
CA ASP D 303 14.67 5.51 0.50
C ASP D 303 15.20 4.07 0.28
N ASN D 304 16.26 3.95 -0.51
CA ASN D 304 16.93 2.67 -0.73
C ASN D 304 17.34 1.97 0.54
N ASP D 305 17.52 2.73 1.62
CA ASP D 305 17.98 2.18 2.87
C ASP D 305 16.85 1.84 3.80
N SER D 306 15.60 2.14 3.44
CA SER D 306 14.47 1.88 4.37
C SER D 306 14.14 0.39 4.52
N GLU D 307 13.72 0.02 5.70
CA GLU D 307 13.25 -1.34 5.98
C GLU D 307 11.98 -1.66 5.20
N ILE D 308 11.87 -2.94 4.82
CA ILE D 308 10.76 -3.43 4.00
C ILE D 308 9.44 -3.05 4.68
N GLY D 309 9.42 -3.11 6.01
CA GLY D 309 8.25 -2.67 6.79
C GLY D 309 7.88 -1.22 6.50
N ASP D 310 8.84 -0.35 6.26
CA ASP D 310 8.48 1.05 6.03
C ASP D 310 7.98 1.23 4.59
N TRP D 311 8.44 0.39 3.68
CA TRP D 311 7.89 0.41 2.34
C TRP D 311 6.43 -0.03 2.37
N ILE D 312 6.14 -1.08 3.14
CA ILE D 312 4.79 -1.55 3.32
C ILE D 312 3.87 -0.45 3.90
N ASP D 313 4.28 0.20 4.99
CA ASP D 313 3.42 1.23 5.60
C ASP D 313 3.12 2.32 4.57
N THR D 314 4.13 2.65 3.75
CA THR D 314 3.99 3.73 2.81
C THR D 314 3.03 3.34 1.69
N ILE D 315 3.21 2.16 1.11
CA ILE D 315 2.32 1.69 0.03
C ILE D 315 0.90 1.64 0.54
N LEU D 316 0.71 1.07 1.72
CA LEU D 316 -0.60 1.06 2.33
C LEU D 316 -1.22 2.44 2.45
N ASP D 317 -0.57 3.39 3.10
CA ASP D 317 -1.15 4.73 3.30
C ASP D 317 -1.37 5.43 1.94
N ALA D 318 -0.60 5.06 0.92
CA ALA D 318 -0.73 5.74 -0.36
C ALA D 318 -1.77 5.08 -1.27
N THR D 319 -2.30 3.92 -0.89
CA THR D 319 -3.17 3.20 -1.81
C THR D 319 -4.45 2.63 -1.24
N VAL D 320 -4.51 2.36 0.06
CA VAL D 320 -5.69 1.75 0.65
C VAL D 320 -6.49 2.76 1.51
N ASP D 321 -7.79 2.82 1.28
CA ASP D 321 -8.70 3.66 2.06
C ASP D 321 -8.76 3.19 3.53
N SER D 322 -9.06 4.13 4.43
CA SER D 322 -9.12 3.88 5.88
C SER D 322 -10.34 3.06 6.28
N THR D 323 -11.49 3.26 5.60
CA THR D 323 -12.63 2.36 5.80
C THR D 323 -12.16 0.89 5.82
N VAL D 324 -11.12 0.52 5.09
CA VAL D 324 -10.73 -0.86 5.07
C VAL D 324 -10.25 -1.37 6.42
N TRP D 325 -9.53 -0.55 7.19
CA TRP D 325 -8.89 -1.05 8.42
C TRP D 325 -9.91 -1.13 9.53
N VAL D 326 -10.74 -0.09 9.66
CA VAL D 326 -11.90 -0.12 10.59
C VAL D 326 -13.02 -0.99 10.01
N ALA D 327 -12.73 -2.29 9.96
CA ALA D 327 -13.64 -3.34 9.48
C ALA D 327 -13.15 -4.60 10.20
N GLN D 328 -13.98 -5.65 10.17
CA GLN D 328 -13.77 -6.90 10.94
C GLN D 328 -14.30 -6.74 12.37
N ALA D 329 -14.58 -5.50 12.80
CA ALA D 329 -15.20 -5.28 14.14
C ALA D 329 -14.33 -5.99 15.22
N SER D 330 -14.89 -6.23 16.38
CA SER D 330 -14.13 -6.88 17.43
C SER D 330 -14.85 -8.19 17.72
N SER D 331 -14.15 -9.15 18.35
CA SER D 331 -14.78 -10.41 18.78
C SER D 331 -14.64 -10.47 20.29
N PRO D 332 -15.70 -10.88 21.02
CA PRO D 332 -15.56 -11.18 22.45
C PRO D 332 -14.29 -12.00 22.72
N PHE D 333 -13.97 -12.95 21.84
CA PHE D 333 -12.73 -13.75 22.04
C PHE D 333 -11.44 -12.95 22.16
N TYR D 334 -11.39 -11.77 21.56
CA TYR D 334 -10.20 -10.97 21.63
C TYR D 334 -10.43 -9.62 22.28
N ASP D 335 -10.58 -9.56 23.60
CA ASP D 335 -10.44 -8.27 24.21
C ASP D 335 -8.93 -8.01 24.23
N GLY D 336 -8.45 -7.10 25.07
CA GLY D 336 -7.02 -6.70 25.02
C GLY D 336 -6.03 -7.56 25.78
N ALA D 337 -6.48 -8.71 26.29
CA ALA D 337 -5.59 -9.50 27.15
C ALA D 337 -4.41 -10.06 26.33
N LYS D 338 -3.18 -9.91 26.85
CA LYS D 338 -1.98 -10.43 26.18
C LYS D 338 -1.82 -11.94 26.45
N GLU D 339 -2.45 -12.44 27.52
CA GLU D 339 -2.39 -13.88 27.79
C GLU D 339 -3.55 -14.42 28.62
N ILE D 340 -3.80 -15.71 28.39
CA ILE D 340 -4.49 -16.56 29.36
C ILE D 340 -3.53 -16.87 30.53
N SER D 341 -3.58 -16.06 31.58
CA SER D 341 -2.60 -16.20 32.66
C SER D 341 -3.18 -16.67 34.05
N SER D 342 -4.35 -17.30 34.09
CA SER D 342 -4.97 -17.74 35.38
C SER D 342 -6.15 -18.66 35.12
N ASP D 343 -6.52 -19.46 36.11
CA ASP D 343 -7.67 -20.35 35.95
C ASP D 343 -8.98 -19.63 35.67
N ARG D 344 -9.13 -18.43 36.24
CA ARG D 344 -10.27 -17.59 36.01
C ARG D 344 -10.28 -17.07 34.52
N ASP D 345 -9.10 -16.73 33.95
CA ASP D 345 -9.03 -16.38 32.55
C ASP D 345 -9.44 -17.56 31.70
N ALA D 346 -9.07 -18.76 32.08
CA ALA D 346 -9.33 -19.88 31.17
C ALA D 346 -10.80 -20.22 31.19
N ASP D 347 -11.40 -20.03 32.38
CA ASP D 347 -12.83 -20.27 32.61
C ASP D 347 -13.67 -19.27 31.80
N LYS D 348 -13.32 -18.00 31.94
CA LYS D 348 -13.89 -16.90 31.19
C LYS D 348 -13.90 -17.27 29.70
N ILE D 349 -12.73 -17.64 29.19
CA ILE D 349 -12.62 -18.04 27.78
C ILE D 349 -13.33 -19.36 27.53
N SER D 350 -13.29 -20.29 28.46
CA SER D 350 -14.04 -21.53 28.24
C SER D 350 -15.51 -21.28 27.96
N ILE D 351 -16.13 -20.41 28.76
CA ILE D 351 -17.54 -20.05 28.65
C ILE D 351 -17.86 -19.53 27.24
N ARG D 352 -17.00 -18.64 26.73
CA ARG D 352 -17.18 -18.06 25.39
C ARG D 352 -17.25 -19.10 24.30
N VAL D 353 -16.35 -20.08 24.38
CA VAL D 353 -16.39 -21.13 23.37
C VAL D 353 -17.66 -21.87 23.51
N GLN D 354 -18.05 -22.11 24.76
CA GLN D 354 -19.24 -22.88 25.02
C GLN D 354 -20.44 -22.12 24.53
N TYR D 355 -20.44 -20.84 24.79
CA TYR D 355 -21.60 -20.05 24.42
C TYR D 355 -21.75 -19.84 22.89
N LEU D 356 -20.64 -19.62 22.19
CA LEU D 356 -20.61 -19.56 20.72
C LEU D 356 -21.15 -20.86 20.13
N LEU D 357 -20.81 -21.98 20.75
CA LEU D 357 -21.31 -23.27 20.29
C LEU D 357 -22.78 -23.44 20.61
N ALA D 358 -23.25 -22.82 21.71
CA ALA D 358 -24.69 -22.88 22.02
C ALA D 358 -25.41 -21.99 21.02
N GLU D 359 -24.88 -20.79 20.78
CA GLU D 359 -25.41 -19.92 19.69
C GLU D 359 -25.48 -20.65 18.37
N ALA D 360 -24.44 -21.40 18.01
CA ALA D 360 -24.47 -22.14 16.75
C ALA D 360 -25.61 -23.15 16.82
N ASN D 361 -25.76 -23.80 17.96
CA ASN D 361 -26.81 -24.80 18.10
C ASN D 361 -28.19 -24.19 18.07
N ILE D 362 -28.34 -22.95 18.56
CA ILE D 362 -29.65 -22.31 18.55
C ILE D 362 -30.02 -22.00 17.13
N TYR D 363 -29.09 -21.36 16.41
CA TYR D 363 -29.28 -20.99 15.01
C TYR D 363 -29.74 -22.15 14.13
N CYS D 364 -29.19 -23.34 14.36
CA CYS D 364 -29.56 -24.51 13.55
C CYS D 364 -30.91 -25.10 13.92
N LYS D 365 -31.30 -25.04 15.19
CA LYS D 365 -32.58 -25.60 15.59
C LYS D 365 -33.65 -24.65 15.10
N THR D 366 -33.38 -23.37 15.32
CA THR D 366 -34.27 -22.24 14.95
C THR D 366 -34.55 -22.19 13.41
N ASN D 367 -33.53 -22.38 12.59
CA ASN D 367 -33.70 -22.51 11.14
C ASN D 367 -33.89 -23.93 10.60
N LYS D 368 -34.51 -24.81 11.40
CA LYS D 368 -34.82 -26.20 11.03
C LYS D 368 -33.73 -27.10 10.41
N LEU D 369 -32.47 -26.68 10.49
CA LEU D 369 -31.33 -27.50 10.07
C LEU D 369 -31.16 -28.79 10.92
N SER D 370 -31.11 -28.68 12.26
CA SER D 370 -31.04 -29.89 13.15
C SER D 370 -31.82 -29.86 14.45
N ASP D 371 -32.03 -31.04 15.03
CA ASP D 371 -32.64 -31.16 16.35
C ASP D 371 -31.66 -31.74 17.39
N ALA D 372 -30.37 -31.68 17.10
CA ALA D 372 -29.43 -32.35 17.96
C ALA D 372 -28.96 -31.40 19.08
N ASN D 373 -28.71 -31.98 20.25
CA ASN D 373 -27.96 -31.26 21.24
C ASN D 373 -26.49 -31.30 20.86
N PHE D 374 -25.97 -30.17 20.42
CA PHE D 374 -24.56 -30.09 20.02
C PHE D 374 -23.59 -30.32 21.16
N GLY D 375 -24.04 -30.13 22.39
CA GLY D 375 -23.22 -30.50 23.52
C GLY D 375 -22.93 -31.99 23.59
N GLU D 376 -23.93 -32.80 23.26
CA GLU D 376 -23.81 -34.24 23.46
C GLU D 376 -22.68 -34.73 22.60
N PHE D 377 -22.53 -34.14 21.42
CA PHE D 377 -21.41 -34.40 20.55
C PHE D 377 -20.10 -33.79 21.10
N PHE D 378 -20.09 -32.52 21.46
CA PHE D 378 -18.81 -31.88 21.82
C PHE D 378 -18.23 -32.31 23.17
N ASP D 379 -19.02 -33.01 24.00
CA ASP D 379 -18.52 -33.58 25.24
C ASP D 379 -17.64 -34.78 24.93
N LYS D 380 -18.05 -35.59 23.94
CA LYS D 380 -17.36 -36.88 23.66
C LYS D 380 -15.87 -36.64 23.50
N GLU D 381 -15.09 -37.53 24.10
CA GLU D 381 -13.71 -37.22 24.42
C GLU D 381 -12.82 -36.94 23.23
N PRO D 382 -13.00 -37.68 22.10
CA PRO D 382 -12.19 -37.24 20.96
C PRO D 382 -12.45 -35.76 20.63
N HIS D 383 -13.74 -35.41 20.45
CA HIS D 383 -14.15 -34.04 20.04
C HIS D 383 -13.81 -32.95 21.06
N ALA D 384 -13.98 -33.26 22.36
CA ALA D 384 -13.77 -32.30 23.44
C ALA D 384 -12.36 -31.77 23.41
N THR D 385 -11.40 -32.67 23.46
CA THR D 385 -10.00 -32.28 23.49
C THR D 385 -9.50 -31.67 22.14
N GLU D 386 -10.02 -32.19 21.03
CA GLU D 386 -9.62 -31.69 19.70
C GLU D 386 -9.99 -30.21 19.50
N ILE D 387 -11.27 -29.88 19.70
CA ILE D 387 -11.76 -28.50 19.64
C ILE D 387 -10.93 -27.61 20.54
N ALA D 388 -10.74 -28.07 21.76
CA ALA D 388 -9.99 -27.37 22.77
C ALA D 388 -8.57 -27.07 22.29
N LYS D 389 -7.93 -28.06 21.65
CA LYS D 389 -6.55 -27.86 21.13
C LYS D 389 -6.54 -26.74 20.08
N ARG D 390 -7.41 -26.87 19.10
CA ARG D 390 -7.46 -25.87 18.01
C ARG D 390 -7.66 -24.44 18.50
N VAL D 391 -8.62 -24.23 19.41
CA VAL D 391 -8.87 -22.90 19.95
C VAL D 391 -7.64 -22.37 20.67
N LYS D 392 -6.93 -23.25 21.36
CA LYS D 392 -5.62 -22.89 21.95
C LYS D 392 -4.64 -22.39 20.88
N GLU D 393 -4.47 -23.20 19.82
CA GLU D 393 -3.56 -22.84 18.68
C GLU D 393 -3.99 -21.49 18.10
N GLY D 394 -5.30 -21.33 17.88
CA GLY D 394 -5.84 -20.07 17.42
C GLY D 394 -5.27 -18.90 18.20
N PHE D 395 -5.32 -19.00 19.52
CA PHE D 395 -4.96 -17.83 20.36
C PHE D 395 -3.49 -17.47 20.25
N THR D 396 -2.69 -18.49 19.91
CA THR D 396 -1.26 -18.34 19.71
C THR D 396 -1.01 -17.77 18.28
N GLN D 397 -1.61 -18.42 17.28
CA GLN D 397 -1.58 -17.91 15.89
C GLN D 397 -2.12 -16.44 15.74
N GLY D 398 -3.14 -16.08 16.50
CA GLY D 398 -3.88 -14.84 16.27
C GLY D 398 -5.11 -15.09 15.42
N ALA D 399 -5.43 -16.38 15.20
CA ALA D 399 -6.48 -16.72 14.28
C ALA D 399 -7.85 -16.35 14.88
N ASP D 400 -8.80 -16.06 13.98
CA ASP D 400 -10.17 -15.83 14.40
C ASP D 400 -10.64 -17.12 15.00
N ILE D 401 -11.30 -17.03 16.16
CA ILE D 401 -11.76 -18.25 16.84
C ILE D 401 -13.01 -18.87 16.21
N GLU D 402 -14.00 -18.03 15.90
CA GLU D 402 -15.31 -18.50 15.45
C GLU D 402 -15.20 -19.49 14.30
N PRO D 403 -14.45 -19.13 13.23
CA PRO D 403 -14.30 -20.04 12.08
C PRO D 403 -13.68 -21.41 12.42
N ILE D 404 -12.76 -21.42 13.38
CA ILE D 404 -12.21 -22.69 13.87
C ILE D 404 -13.31 -23.63 14.29
N ILE D 405 -14.30 -23.07 15.00
CA ILE D 405 -15.44 -23.84 15.45
C ILE D 405 -16.36 -24.02 14.30
N TYR D 406 -16.52 -23.00 13.47
CA TYR D 406 -17.25 -23.29 12.22
C TYR D 406 -16.51 -24.36 11.40
N ASP D 407 -15.18 -24.30 11.33
CA ASP D 407 -14.47 -25.36 10.59
C ASP D 407 -14.69 -26.76 11.23
N TYR D 408 -14.76 -26.85 12.58
CA TYR D 408 -14.92 -28.14 13.22
C TYR D 408 -16.34 -28.65 13.09
N ILE D 409 -17.32 -27.75 13.15
CA ILE D 409 -18.73 -28.15 12.93
C ILE D 409 -18.95 -28.66 11.51
N ASN D 410 -18.45 -27.89 10.54
CA ASN D 410 -18.54 -28.29 9.14
C ASN D 410 -17.87 -29.64 8.87
N SER D 411 -16.55 -29.75 9.12
CA SER D 411 -15.83 -31.05 9.01
C SER D 411 -16.54 -32.21 9.72
N ASN D 412 -17.62 -31.92 10.43
CA ASN D 412 -18.33 -32.94 11.21
C ASN D 412 -19.84 -32.84 11.07
N HIS D 413 -20.30 -32.08 10.08
CA HIS D 413 -21.67 -31.66 10.01
C HIS D 413 -22.66 -32.84 10.12
N ALA D 414 -22.32 -33.95 9.48
CA ALA D 414 -23.28 -35.06 9.37
C ALA D 414 -23.72 -35.59 10.73
N GLU D 415 -22.78 -35.92 11.61
CA GLU D 415 -23.17 -36.50 12.93
C GLU D 415 -23.90 -35.47 13.82
N LEU D 416 -23.61 -34.20 13.62
CA LEU D 416 -24.37 -33.16 14.28
C LEU D 416 -25.79 -33.03 13.73
N GLY D 417 -26.22 -33.94 12.84
CA GLY D 417 -27.58 -33.90 12.31
C GLY D 417 -27.83 -32.84 11.24
N LEU D 418 -26.75 -32.23 10.74
CA LEU D 418 -26.83 -31.30 9.59
C LEU D 418 -26.72 -32.03 8.22
N LYS D 419 -27.73 -31.88 7.35
CA LYS D 419 -27.67 -32.34 5.94
C LYS D 419 -26.47 -31.77 5.22
N SER D 420 -26.08 -30.55 5.58
CA SER D 420 -25.03 -29.86 4.86
C SER D 420 -24.24 -28.83 5.68
N PRO D 421 -22.96 -28.61 5.31
CA PRO D 421 -22.14 -27.52 5.87
C PRO D 421 -22.88 -26.19 5.98
N LEU D 422 -22.50 -25.41 6.98
CA LEU D 422 -23.05 -24.08 7.17
C LEU D 422 -22.39 -23.18 6.17
N THR D 423 -23.19 -22.46 5.41
CA THR D 423 -22.67 -21.45 4.48
C THR D 423 -21.88 -20.36 5.22
N GLY D 424 -21.11 -19.59 4.47
CA GLY D 424 -20.33 -18.47 5.01
C GLY D 424 -21.19 -17.30 5.44
N LYS D 425 -22.46 -17.26 5.00
CA LYS D 425 -23.40 -16.22 5.41
C LYS D 425 -24.04 -16.62 6.72
N GLN D 426 -24.55 -17.85 6.78
CA GLN D 426 -25.08 -18.45 8.01
C GLN D 426 -24.10 -18.26 9.18
N GLN D 427 -22.85 -18.59 8.94
CA GLN D 427 -21.76 -18.36 9.87
C GLN D 427 -21.69 -16.93 10.42
N GLN D 428 -21.69 -15.94 9.52
CA GLN D 428 -21.62 -14.52 9.94
C GLN D 428 -22.82 -14.16 10.79
N GLU D 429 -23.94 -14.79 10.49
CA GLU D 429 -25.15 -14.53 11.25
C GLU D 429 -24.92 -15.03 12.69
N ILE D 430 -24.38 -16.23 12.82
CA ILE D 430 -24.20 -16.81 14.13
C ILE D 430 -23.21 -15.94 14.88
N THR D 431 -22.15 -15.54 14.22
CA THR D 431 -21.18 -14.67 14.85
C THR D 431 -21.81 -13.39 15.29
N ASP D 432 -22.74 -12.86 14.48
CA ASP D 432 -23.35 -11.54 14.79
C ASP D 432 -24.19 -11.67 16.04
N LYS D 433 -24.94 -12.76 16.09
CA LYS D 433 -25.84 -13.04 17.17
C LYS D 433 -25.06 -13.34 18.46
N PHE D 434 -24.07 -14.21 18.35
CA PHE D 434 -23.16 -14.46 19.46
C PHE D 434 -22.57 -13.16 20.01
N THR D 435 -22.08 -12.31 19.13
CA THR D 435 -21.40 -11.11 19.59
C THR D 435 -22.30 -10.22 20.40
N LYS D 436 -23.52 -10.07 19.90
CA LYS D 436 -24.58 -9.23 20.51
C LYS D 436 -24.99 -9.78 21.85
N HIS D 437 -25.40 -11.03 21.84
CA HIS D 437 -25.91 -11.67 23.04
C HIS D 437 -24.91 -11.75 24.17
N TYR D 438 -23.70 -12.24 23.85
CA TYR D 438 -22.65 -12.41 24.85
C TYR D 438 -22.28 -11.05 25.38
N ASN D 439 -22.15 -10.03 24.52
CA ASN D 439 -21.89 -8.68 25.06
C ASN D 439 -23.02 -8.24 26.01
N THR D 440 -24.24 -8.66 25.73
CA THR D 440 -25.35 -8.32 26.63
C THR D 440 -25.25 -9.02 28.00
N ILE D 441 -24.78 -10.26 28.04
CA ILE D 441 -24.68 -10.95 29.31
C ILE D 441 -23.29 -11.05 29.95
N LYS D 442 -22.29 -10.37 29.39
CA LYS D 442 -20.91 -10.63 29.86
C LYS D 442 -20.64 -10.23 31.30
N GLU D 443 -21.55 -9.54 31.94
CA GLU D 443 -21.29 -9.19 33.34
C GLU D 443 -22.27 -9.88 34.29
N SER D 444 -22.87 -10.97 33.84
CA SER D 444 -23.72 -11.76 34.71
C SER D 444 -22.98 -12.33 35.95
N PRO D 445 -23.63 -12.29 37.11
CA PRO D 445 -23.03 -13.08 38.18
C PRO D 445 -22.92 -14.60 37.89
N HIS D 446 -23.73 -15.16 37.00
CA HIS D 446 -23.65 -16.59 36.66
C HIS D 446 -23.85 -16.88 35.18
N PHE D 447 -23.15 -17.92 34.73
CA PHE D 447 -23.13 -18.33 33.34
C PHE D 447 -23.60 -19.76 33.09
N ASP D 448 -24.29 -20.33 34.07
CA ASP D 448 -24.80 -21.67 33.95
C ASP D 448 -25.76 -21.84 32.82
N GLU D 449 -26.50 -20.78 32.49
CA GLU D 449 -27.77 -20.93 31.87
C GLU D 449 -28.16 -19.62 31.19
N PHE D 450 -28.64 -19.69 29.94
CA PHE D 450 -29.37 -18.55 29.32
C PHE D 450 -30.53 -18.98 28.43
N PHE D 451 -31.62 -18.21 28.51
CA PHE D 451 -32.80 -18.45 27.66
C PHE D 451 -32.72 -17.40 26.53
N VAL D 452 -32.69 -17.89 25.29
CA VAL D 452 -32.44 -17.05 24.10
C VAL D 452 -33.65 -17.17 23.15
N ALA D 453 -34.11 -16.00 22.70
CA ALA D 453 -35.32 -15.88 21.88
C ALA D 453 -35.03 -15.13 20.57
N ASP D 454 -35.53 -15.68 19.47
CA ASP D 454 -35.65 -14.97 18.20
C ASP D 454 -37.11 -14.46 18.05
N PRO D 455 -37.35 -13.22 18.49
CA PRO D 455 -38.68 -12.66 18.31
C PRO D 455 -39.00 -12.35 16.84
N ASP D 456 -38.00 -12.31 15.95
CA ASP D 456 -38.29 -12.18 14.51
C ASP D 456 -38.87 -13.48 13.91
N LYS D 457 -38.79 -14.64 14.58
CA LYS D 457 -39.39 -15.88 14.05
C LYS D 457 -40.75 -16.09 14.63
N LYS D 458 -41.44 -17.15 14.16
CA LYS D 458 -42.81 -17.46 14.56
C LYS D 458 -42.83 -18.42 15.73
N GLY D 459 -43.61 -18.11 16.73
CA GLY D 459 -43.85 -19.09 17.78
C GLY D 459 -44.63 -18.57 18.96
N ASN D 460 -44.50 -19.28 20.08
CA ASN D 460 -45.18 -18.95 21.31
C ASN D 460 -44.38 -18.04 22.27
N ILE D 461 -43.29 -17.44 21.83
CA ILE D 461 -42.57 -16.58 22.72
C ILE D 461 -42.26 -15.26 22.10
N PHE D 462 -42.41 -14.20 22.87
CA PHE D 462 -42.39 -12.85 22.33
C PHE D 462 -41.41 -11.95 23.03
N SER D 463 -41.09 -10.84 22.38
CA SER D 463 -40.39 -9.76 23.04
C SER D 463 -41.37 -8.59 23.17
N HIS D 464 -41.44 -8.03 24.38
CA HIS D 464 -42.36 -6.96 24.75
C HIS D 464 -41.85 -6.28 26.02
N GLN D 465 -41.49 -5.02 25.85
CA GLN D 465 -41.18 -4.11 26.91
C GLN D 465 -40.00 -4.55 27.71
N GLY D 466 -38.97 -5.05 27.05
CA GLY D 466 -37.78 -5.49 27.75
C GLY D 466 -38.06 -6.78 28.52
N ARG D 467 -39.13 -7.49 28.18
CA ARG D 467 -39.34 -8.81 28.71
C ARG D 467 -39.48 -9.78 27.60
N ILE D 468 -39.00 -11.01 27.85
CA ILE D 468 -39.21 -12.16 27.00
C ILE D 468 -40.38 -12.91 27.59
N SER D 469 -41.41 -13.15 26.78
CA SER D 469 -42.70 -13.46 27.27
C SER D 469 -43.43 -14.51 26.48
N CYS D 470 -44.49 -15.01 27.08
CA CYS D 470 -45.48 -15.80 26.40
C CYS D 470 -46.85 -15.15 26.62
N HIS D 471 -47.83 -15.67 25.94
CA HIS D 471 -49.20 -15.20 26.06
C HIS D 471 -49.86 -15.68 27.31
N PHE D 472 -50.33 -14.73 28.10
CA PHE D 472 -51.01 -15.11 29.30
C PHE D 472 -52.04 -16.23 29.07
N LEU D 473 -52.69 -16.24 27.91
CA LEU D 473 -53.80 -17.15 27.67
C LEU D 473 -53.30 -18.58 27.31
N ASP D 474 -52.15 -18.67 26.66
CA ASP D 474 -51.42 -19.93 26.50
C ASP D 474 -51.22 -20.54 27.89
N PHE D 475 -50.47 -19.81 28.71
CA PHE D 475 -50.23 -20.20 30.10
C PHE D 475 -51.50 -20.53 30.83
N PHE D 476 -52.49 -19.63 30.78
CA PHE D 476 -53.73 -19.86 31.50
C PHE D 476 -54.39 -21.21 31.15
N THR D 477 -54.49 -21.51 29.85
CA THR D 477 -55.21 -22.70 29.38
C THR D 477 -54.51 -23.97 29.83
N ARG D 478 -53.18 -23.92 29.91
CA ARG D 478 -52.39 -25.09 30.26
C ARG D 478 -52.51 -25.33 31.76
N GLN D 479 -52.30 -24.30 32.56
CA GLN D 479 -52.37 -24.43 34.01
C GLN D 479 -53.78 -24.81 34.45
N THR D 480 -54.79 -24.35 33.72
CA THR D 480 -56.16 -24.71 33.99
C THR D 480 -56.56 -26.01 33.29
N LYS D 481 -55.68 -26.59 32.49
CA LYS D 481 -55.98 -27.86 31.82
C LYS D 481 -57.34 -27.80 31.13
N GLY D 482 -57.68 -26.68 30.51
CA GLY D 482 -58.92 -26.60 29.72
C GLY D 482 -60.23 -26.49 30.51
N LYS D 483 -60.17 -26.58 31.85
CA LYS D 483 -61.37 -26.51 32.68
C LYS D 483 -62.18 -25.23 32.51
N HIS D 484 -61.56 -24.16 32.03
CA HIS D 484 -62.19 -22.84 32.15
C HIS D 484 -62.46 -22.22 30.78
N PRO D 485 -63.75 -22.07 30.43
CA PRO D 485 -63.91 -21.51 29.09
C PRO D 485 -63.41 -20.05 29.00
N LEU D 486 -62.62 -19.75 27.96
CA LEU D 486 -62.19 -18.38 27.74
C LEU D 486 -63.35 -17.47 27.30
N GLY D 487 -64.42 -18.06 26.77
CA GLY D 487 -65.52 -17.26 26.22
C GLY D 487 -64.95 -16.43 25.09
N ASP D 488 -65.13 -15.12 25.22
CA ASP D 488 -64.73 -14.13 24.23
C ASP D 488 -63.23 -14.13 23.87
N LEU D 489 -62.38 -14.61 24.77
CA LEU D 489 -60.96 -14.53 24.53
C LEU D 489 -60.43 -15.79 23.82
N ALA D 490 -61.32 -16.69 23.43
CA ALA D 490 -60.93 -18.03 22.97
C ALA D 490 -60.07 -18.04 21.70
N SER D 491 -60.02 -16.91 20.99
CA SER D 491 -59.25 -16.75 19.78
C SER D 491 -58.12 -15.71 19.83
N HIS D 492 -57.95 -15.07 20.99
CA HIS D 492 -56.92 -14.05 21.09
C HIS D 492 -55.53 -14.66 20.94
N GLN D 493 -55.33 -15.88 21.46
CA GLN D 493 -54.01 -16.54 21.37
C GLN D 493 -53.63 -16.66 19.88
N GLU D 494 -54.46 -17.36 19.12
CA GLU D 494 -54.27 -17.42 17.67
C GLU D 494 -54.19 -16.02 17.01
N ALA D 495 -55.06 -15.09 17.43
CA ALA D 495 -55.00 -13.74 16.87
C ALA D 495 -53.58 -13.21 16.98
N LEU D 496 -52.95 -13.38 18.15
CA LEU D 496 -51.58 -12.88 18.30
C LEU D 496 -50.62 -13.54 17.29
N GLN D 497 -50.85 -14.82 16.95
CA GLN D 497 -50.00 -15.50 15.90
C GLN D 497 -50.13 -14.94 14.48
N GLU D 498 -51.27 -14.32 14.15
CA GLU D 498 -51.44 -13.73 12.81
C GLU D 498 -50.53 -12.51 12.59
N GLY D 499 -49.90 -12.04 13.65
CA GLY D 499 -48.99 -10.92 13.51
C GLY D 499 -47.93 -11.24 12.45
N THR D 500 -47.31 -10.18 11.92
CA THR D 500 -46.09 -10.33 11.12
C THR D 500 -44.91 -10.79 11.96
N SER D 501 -45.01 -10.74 13.29
CA SER D 501 -43.79 -10.71 14.16
C SER D 501 -44.11 -11.02 15.60
N ASN D 502 -43.11 -11.46 16.34
CA ASN D 502 -43.24 -11.65 17.77
C ASN D 502 -42.46 -10.61 18.52
N ARG D 503 -41.92 -9.66 17.77
CA ARG D 503 -41.24 -8.52 18.33
C ARG D 503 -42.26 -7.39 18.59
N LEU D 504 -43.00 -7.42 19.70
CA LEU D 504 -44.15 -6.52 19.90
C LEU D 504 -43.74 -5.12 20.33
N HIS D 505 -44.42 -4.12 19.77
CA HIS D 505 -44.09 -2.71 20.10
C HIS D 505 -44.42 -2.34 21.55
N HIS D 506 -43.65 -1.43 22.13
CA HIS D 506 -43.73 -1.16 23.55
C HIS D 506 -44.91 -0.29 24.02
N LYS D 507 -45.38 0.61 23.13
CA LYS D 507 -46.58 1.45 23.24
C LYS D 507 -47.70 0.83 22.39
N ASN D 508 -48.94 1.25 22.62
CA ASN D 508 -50.07 0.87 21.77
C ASN D 508 -50.54 2.01 20.84
N GLU D 509 -50.37 1.84 19.54
CA GLU D 509 -50.66 2.88 18.57
C GLU D 509 -52.14 2.99 18.31
N VAL D 510 -52.84 1.91 18.54
CA VAL D 510 -54.25 1.86 18.36
C VAL D 510 -54.87 2.77 19.37
N VAL D 511 -54.23 2.90 20.54
CA VAL D 511 -54.72 3.83 21.54
C VAL D 511 -54.19 5.22 21.26
N ALA D 512 -52.90 5.33 20.98
CA ALA D 512 -52.29 6.61 20.56
C ALA D 512 -53.10 7.32 19.47
N GLN D 513 -53.62 6.53 18.52
CA GLN D 513 -54.24 7.06 17.31
C GLN D 513 -55.64 7.61 17.55
N GLY D 514 -56.31 7.12 18.59
CA GLY D 514 -57.63 7.57 18.97
C GLY D 514 -57.60 9.06 19.28
N TYR D 515 -56.51 9.51 19.93
CA TYR D 515 -56.29 10.95 20.19
C TYR D 515 -55.82 11.66 18.92
N GLU D 516 -54.82 11.11 18.23
CA GLU D 516 -54.24 11.79 17.04
C GLU D 516 -55.31 12.12 16.00
N LYS D 517 -56.23 11.20 15.77
CA LYS D 517 -57.34 11.50 14.84
C LYS D 517 -58.07 12.81 15.19
N LEU D 518 -58.19 13.11 16.48
CA LEU D 518 -58.94 14.28 16.92
C LEU D 518 -58.11 15.51 16.59
N ASP D 519 -56.81 15.39 16.70
CA ASP D 519 -55.91 16.46 16.19
C ASP D 519 -56.03 16.62 14.69
N GLN D 520 -56.01 15.51 13.95
CA GLN D 520 -56.11 15.55 12.49
C GLN D 520 -57.40 16.21 12.09
N PHE D 521 -58.47 15.96 12.83
CA PHE D 521 -59.78 16.59 12.53
C PHE D 521 -59.73 18.13 12.73
N LYS D 522 -59.23 18.58 13.88
CA LYS D 522 -59.00 20.02 14.11
C LYS D 522 -58.20 20.63 12.93
N LYS D 523 -56.97 20.14 12.69
CA LYS D 523 -56.16 20.67 11.55
C LYS D 523 -56.92 20.80 10.23
N GLU D 524 -57.73 19.79 9.89
CA GLU D 524 -58.57 19.87 8.71
C GLU D 524 -59.63 20.93 8.79
N VAL D 525 -60.29 21.04 9.95
CA VAL D 525 -61.33 22.02 10.05
C VAL D 525 -60.70 23.39 9.89
N VAL D 526 -59.55 23.60 10.53
CA VAL D 526 -58.92 24.92 10.53
C VAL D 526 -58.44 25.26 9.09
N LYS D 527 -57.91 24.27 8.39
CA LYS D 527 -57.49 24.52 6.99
C LYS D 527 -58.68 24.91 6.13
N LEU D 528 -59.74 24.09 6.12
CA LEU D 528 -60.82 24.30 5.18
C LEU D 528 -61.47 25.64 5.45
N LEU D 529 -61.49 26.05 6.71
CA LEU D 529 -62.01 27.34 7.08
C LEU D 529 -61.11 28.51 6.59
N ALA D 530 -59.79 28.30 6.65
CA ALA D 530 -58.83 29.32 6.20
C ALA D 530 -59.01 29.57 4.69
N GLU D 531 -59.16 28.49 3.94
CA GLU D 531 -59.40 28.58 2.51
C GLU D 531 -60.84 28.96 2.11
N ASN D 532 -61.63 29.47 3.05
CA ASN D 532 -63.02 29.82 2.74
C ASN D 532 -63.62 28.76 1.76
N LYS D 533 -63.57 27.49 2.12
CA LYS D 533 -64.22 26.45 1.34
C LYS D 533 -65.43 25.94 2.16
N PRO D 534 -66.53 26.67 2.15
CA PRO D 534 -67.67 26.24 2.94
C PRO D 534 -68.20 24.84 2.59
N LYS D 535 -68.37 24.57 1.32
CA LYS D 535 -68.93 23.30 0.86
C LYS D 535 -68.05 22.11 1.28
N GLU D 536 -66.75 22.26 1.06
CA GLU D 536 -65.86 21.19 1.27
C GLU D 536 -65.75 20.95 2.77
N LEU D 537 -66.12 21.97 3.57
CA LEU D 537 -66.08 21.84 5.02
C LEU D 537 -67.19 20.92 5.44
N LEU D 538 -68.40 21.17 4.95
CA LEU D 538 -69.52 20.25 5.13
C LEU D 538 -69.24 18.83 4.67
N ASP D 539 -68.61 18.68 3.50
CA ASP D 539 -68.29 17.36 2.97
C ASP D 539 -67.42 16.64 3.98
N TYR D 540 -66.47 17.37 4.51
CA TYR D 540 -65.60 16.79 5.49
C TYR D 540 -66.30 16.41 6.80
N LEU D 541 -67.15 17.29 7.32
CA LEU D 541 -67.96 17.01 8.52
C LEU D 541 -68.90 15.80 8.40
N VAL D 542 -69.39 15.56 7.21
CA VAL D 542 -70.38 14.56 6.98
C VAL D 542 -69.72 13.28 6.41
N ALA D 543 -68.46 13.38 6.03
CA ALA D 543 -67.70 12.25 5.55
C ALA D 543 -67.51 11.29 6.71
N THR D 544 -67.45 10.01 6.39
CA THR D 544 -67.54 8.93 7.35
C THR D 544 -66.24 8.14 7.43
N SER D 545 -65.99 7.56 8.62
CA SER D 545 -64.94 6.58 8.83
C SER D 545 -65.33 5.23 8.23
N PRO D 546 -64.41 4.27 8.21
CA PRO D 546 -64.77 2.92 7.73
C PRO D 546 -65.97 2.31 8.47
N THR D 547 -66.26 2.74 9.71
CA THR D 547 -67.38 2.18 10.45
C THR D 547 -68.70 2.88 10.14
N GLY D 548 -68.63 3.93 9.32
CA GLY D 548 -69.80 4.73 8.94
C GLY D 548 -70.14 5.82 9.94
N VAL D 549 -69.16 6.24 10.74
CA VAL D 549 -69.40 7.30 11.74
C VAL D 549 -68.93 8.63 11.11
N PRO D 550 -69.77 9.65 11.18
CA PRO D 550 -69.44 10.88 10.51
C PRO D 550 -68.36 11.60 11.26
N ASN D 551 -67.49 12.31 10.54
CA ASN D 551 -66.33 13.01 11.12
C ASN D 551 -66.72 14.04 12.20
N TYR D 552 -67.87 14.68 12.06
CA TYR D 552 -68.35 15.61 13.08
C TYR D 552 -68.63 14.99 14.46
N SER D 553 -68.64 13.67 14.55
CA SER D 553 -68.54 13.02 15.81
C SER D 553 -67.35 13.53 16.63
N MET D 554 -66.30 14.05 15.99
CA MET D 554 -65.07 14.48 16.67
C MET D 554 -65.08 15.97 17.10
N LEU D 555 -66.18 16.66 16.86
CA LEU D 555 -66.30 18.03 17.30
C LEU D 555 -66.13 18.16 18.81
N SER D 556 -65.48 19.23 19.24
CA SER D 556 -65.31 19.56 20.64
C SER D 556 -65.42 21.06 20.77
N LYS D 557 -65.39 21.56 22.02
CA LYS D 557 -65.64 22.97 22.23
C LYS D 557 -64.88 23.82 21.20
N GLU D 558 -63.59 23.51 21.05
CA GLU D 558 -62.72 24.32 20.27
C GLU D 558 -63.12 24.33 18.79
N THR D 559 -63.26 23.14 18.21
CA THR D 559 -63.65 23.05 16.82
C THR D 559 -65.07 23.51 16.56
N GLN D 560 -65.98 23.25 17.50
CA GLN D 560 -67.36 23.74 17.38
C GLN D 560 -67.42 25.26 17.28
N ASN D 561 -66.65 25.94 18.13
CA ASN D 561 -66.56 27.40 18.10
C ASN D 561 -65.89 27.92 16.84
N TYR D 562 -64.78 27.30 16.42
CA TYR D 562 -64.10 27.77 15.22
C TYR D 562 -65.09 27.90 14.08
N ILE D 563 -65.96 26.90 13.92
CA ILE D 563 -66.95 26.92 12.88
C ILE D 563 -68.10 27.87 13.19
N ALA D 564 -68.72 27.67 14.35
CA ALA D 564 -69.88 28.43 14.81
C ALA D 564 -69.70 29.95 14.80
N TYR D 565 -68.50 30.42 15.12
CA TYR D 565 -68.21 31.86 15.12
C TYR D 565 -67.24 32.27 14.04
N ASN D 566 -66.97 31.41 13.07
CA ASN D 566 -66.09 31.76 11.95
C ASN D 566 -66.70 32.91 11.21
N ARG D 567 -65.81 33.73 10.62
CA ARG D 567 -66.14 34.85 9.74
C ARG D 567 -67.23 34.49 8.75
N ASN D 568 -67.14 33.29 8.17
CA ASN D 568 -68.07 32.85 7.08
C ASN D 568 -69.08 31.71 7.45
N TRP D 569 -69.45 31.64 8.74
CA TRP D 569 -70.55 30.77 9.16
C TRP D 569 -71.82 30.89 8.28
N PRO D 570 -72.31 32.12 8.02
CA PRO D 570 -73.54 32.26 7.20
C PRO D 570 -73.52 31.50 5.89
N ALA D 571 -72.36 31.45 5.26
CA ALA D 571 -72.18 30.76 3.99
C ALA D 571 -72.36 29.25 4.19
N ILE D 572 -71.61 28.73 5.16
CA ILE D 572 -71.78 27.35 5.63
C ILE D 572 -73.24 27.06 5.98
N GLN D 573 -73.87 27.93 6.78
CA GLN D 573 -75.28 27.80 7.15
C GLN D 573 -76.14 27.64 5.90
N LYS D 574 -75.86 28.47 4.90
CA LYS D 574 -76.60 28.38 3.64
C LYS D 574 -76.29 27.07 2.92
N GLU D 575 -75.00 26.70 2.81
CA GLU D 575 -74.68 25.43 2.13
C GLU D 575 -75.37 24.28 2.86
N LEU D 576 -75.53 24.40 4.18
CA LEU D 576 -76.25 23.36 4.92
C LEU D 576 -77.75 23.28 4.57
N GLU D 577 -78.43 24.41 4.41
CA GLU D 577 -79.89 24.39 4.15
C GLU D 577 -80.24 23.74 2.80
N LYS D 578 -79.38 23.98 1.83
CA LYS D 578 -79.56 23.51 0.45
C LYS D 578 -78.82 22.21 0.12
N ALA D 579 -78.06 21.62 1.05
CA ALA D 579 -77.45 20.31 0.77
C ALA D 579 -78.56 19.28 0.63
N THR D 580 -78.50 18.48 -0.43
CA THR D 580 -79.54 17.45 -0.63
C THR D 580 -79.02 16.03 -0.46
N SER D 581 -77.70 15.89 -0.23
CA SER D 581 -77.04 14.60 -0.04
C SER D 581 -76.84 14.26 1.44
N ILE D 582 -77.25 15.19 2.31
CA ILE D 582 -77.13 15.06 3.78
C ILE D 582 -78.55 14.78 4.30
N PRO D 583 -78.74 13.66 4.98
CA PRO D 583 -80.09 13.31 5.42
C PRO D 583 -80.63 14.33 6.42
N GLU D 584 -81.91 14.65 6.33
CA GLU D 584 -82.52 15.61 7.25
C GLU D 584 -82.07 15.43 8.70
N SER D 585 -82.01 14.19 9.20
CA SER D 585 -81.52 13.93 10.57
C SER D 585 -80.12 14.51 10.93
N GLN D 586 -79.25 14.61 9.93
CA GLN D 586 -77.88 15.09 10.14
C GLN D 586 -77.83 16.61 10.07
N LYS D 587 -78.64 17.18 9.19
CA LYS D 587 -78.80 18.62 9.14
C LYS D 587 -79.18 19.15 10.51
N GLN D 588 -80.14 18.51 11.14
CA GLN D 588 -80.70 19.02 12.38
C GLN D 588 -79.62 19.11 13.39
N ASP D 589 -78.90 18.03 13.42
CA ASP D 589 -77.88 17.73 14.37
C ASP D 589 -76.73 18.72 14.21
N LEU D 590 -76.29 18.96 12.98
CA LEU D 590 -75.24 19.93 12.69
C LEU D 590 -75.72 21.35 13.01
N SER D 591 -77.01 21.55 12.80
CA SER D 591 -77.62 22.82 13.09
C SER D 591 -77.62 23.05 14.62
N ARG D 592 -78.02 22.07 15.42
CA ARG D 592 -77.88 22.18 16.87
C ARG D 592 -76.45 22.56 17.21
N LEU D 593 -75.50 21.84 16.63
CA LEU D 593 -74.15 21.99 17.08
C LEU D 593 -73.49 23.28 16.58
N LEU D 594 -73.84 23.75 15.41
CA LEU D 594 -73.07 24.82 14.82
C LEU D 594 -73.76 26.17 14.78
N SER D 595 -75.09 26.19 14.87
CA SER D 595 -75.87 27.44 14.75
C SER D 595 -76.21 28.04 16.11
N ARG D 596 -75.56 29.17 16.42
CA ARG D 596 -75.67 29.91 17.69
C ARG D 596 -77.06 30.02 18.21
N ASP D 597 -78.03 30.13 17.32
CA ASP D 597 -79.38 30.30 17.77
C ASP D 597 -80.36 29.19 17.34
N ASN D 598 -79.87 27.95 17.22
CA ASN D 598 -80.78 26.81 17.27
C ASN D 598 -81.34 26.74 18.71
N LEU D 599 -82.66 26.57 18.81
CA LEU D 599 -83.37 26.13 20.04
C LEU D 599 -82.52 25.26 21.00
N GLN D 600 -81.97 24.17 20.46
CA GLN D 600 -81.22 23.23 21.26
C GLN D 600 -79.71 23.34 21.06
N HIS D 601 -79.22 24.53 20.76
CA HIS D 601 -77.76 24.72 20.79
C HIS D 601 -77.17 24.61 22.20
N ASP D 602 -76.10 23.84 22.32
CA ASP D 602 -75.38 23.64 23.58
C ASP D 602 -73.90 23.42 23.28
N ASN D 603 -73.06 23.77 24.27
CA ASN D 603 -71.61 23.81 24.12
C ASN D 603 -70.99 22.47 24.48
N LEU D 604 -70.28 21.85 23.54
CA LEU D 604 -69.47 20.68 23.87
C LEU D 604 -68.30 21.08 24.78
N SER D 605 -67.88 20.17 25.62
CA SER D 605 -66.69 20.37 26.44
C SER D 605 -65.40 20.40 25.61
N ALA D 606 -64.38 21.04 26.17
CA ALA D 606 -63.02 20.98 25.60
C ALA D 606 -62.50 19.58 25.83
N ILE D 607 -61.48 19.19 25.08
CA ILE D 607 -60.84 17.89 25.32
C ILE D 607 -59.35 18.09 25.43
N THR D 608 -58.74 17.35 26.34
CA THR D 608 -57.31 17.32 26.41
C THR D 608 -56.81 15.93 26.79
N TRP D 609 -55.52 15.75 26.69
CA TRP D 609 -54.86 14.50 26.98
C TRP D 609 -53.36 14.80 27.07
N SER D 610 -52.62 13.92 27.72
CA SER D 610 -51.19 14.11 27.84
C SER D 610 -50.44 13.64 26.58
N LYS D 611 -49.50 14.47 26.12
CA LYS D 611 -48.76 14.16 24.89
C LYS D 611 -47.70 13.04 25.10
MG MG E . 28.27 -34.01 -30.56
C1 PEG F . 43.35 -24.37 -2.70
O1 PEG F . 43.42 -25.17 -3.87
C2 PEG F . 44.47 -23.33 -2.69
O2 PEG F . 43.82 -22.07 -2.51
C3 PEG F . 43.15 -21.57 -3.70
C4 PEG F . 43.25 -20.05 -3.90
O4 PEG F . 44.61 -19.51 -3.97
C1 PEG G . 17.37 -35.72 -28.15
O1 PEG G . 17.66 -37.15 -27.96
C2 PEG G . 16.18 -35.56 -29.05
O2 PEG G . 16.48 -35.50 -30.46
C3 PEG G . 15.53 -34.72 -31.15
C4 PEG G . 14.50 -35.66 -31.84
O4 PEG G . 14.92 -36.20 -33.11
C1 PEG H . 53.48 -6.91 11.47
O1 PEG H . 54.55 -7.58 12.16
C2 PEG H . 53.57 -6.40 10.00
O2 PEG H . 52.19 -6.22 9.49
C3 PEG H . 51.32 -5.23 10.15
C4 PEG H . 49.87 -5.68 10.43
O4 PEG H . 49.48 -5.52 11.82
C1 PEG I . 28.30 -16.97 -18.96
O1 PEG I . 28.91 -15.69 -18.73
C2 PEG I . 26.79 -17.06 -18.68
O2 PEG I . 26.11 -15.80 -18.86
C3 PEG I . 25.21 -15.38 -17.82
C4 PEG I . 24.02 -14.61 -18.27
O4 PEG I . 24.36 -13.65 -19.30
C1 PEG J . 53.11 -23.83 22.52
O1 PEG J . 53.36 -24.36 23.82
C2 PEG J . 52.82 -22.34 22.68
O2 PEG J . 53.11 -21.58 21.50
C3 PEG J . 54.49 -21.50 21.33
C4 PEG J . 54.95 -22.32 20.14
O4 PEG J . 56.00 -23.29 20.45
C1 PEG K . 57.97 -25.23 19.42
O1 PEG K . 58.96 -24.24 19.78
C2 PEG K . 57.23 -24.78 18.14
O2 PEG K . 55.79 -24.90 18.34
C3 PEG K . 55.00 -24.67 17.18
C4 PEG K . 53.52 -24.80 17.54
O4 PEG K . 52.68 -24.21 16.53
MG MG L . 23.17 22.42 -41.00
C1 PEG M . 33.80 22.82 -46.45
O1 PEG M . 34.00 21.56 -47.02
C2 PEG M . 34.40 22.69 -45.08
O2 PEG M . 33.75 23.51 -44.16
C3 PEG M . 34.47 24.75 -44.27
C4 PEG M . 33.51 25.86 -44.03
O4 PEG M . 32.40 25.54 -44.83
C1 PEG N . 45.54 34.47 -26.54
O1 PEG N . 45.83 34.32 -27.95
C2 PEG N . 44.24 33.72 -26.15
O2 PEG N . 43.19 34.67 -25.92
C3 PEG N . 41.86 34.49 -26.48
C4 PEG N . 41.75 34.40 -28.01
O4 PEG N . 40.57 34.96 -28.62
C1 PEG O . 24.37 38.01 -34.09
O1 PEG O . 25.04 38.23 -35.32
C2 PEG O . 24.94 38.94 -33.01
O2 PEG O . 24.10 39.25 -31.90
C3 PEG O . 24.65 40.44 -31.31
C4 PEG O . 23.91 41.73 -31.67
O4 PEG O . 23.13 42.19 -30.56
C1 PEG P . 25.01 17.00 -21.63
O1 PEG P . 24.20 16.71 -22.77
C2 PEG P . 24.17 17.67 -20.55
O2 PEG P . 24.10 19.07 -20.87
C3 PEG P . 23.12 19.87 -20.16
C4 PEG P . 22.04 20.57 -21.00
O4 PEG P . 22.57 21.35 -22.08
MG MG Q . 2.36 9.50 5.29
C1 PEG R . 5.38 18.09 14.49
O1 PEG R . 6.79 18.45 14.73
C2 PEG R . 4.60 18.95 13.50
O2 PEG R . 3.64 18.08 12.87
C3 PEG R . 2.65 18.59 11.92
C4 PEG R . 3.05 19.90 11.21
O4 PEG R . 4.03 19.69 10.16
C1 PEG S . -49.41 -1.22 -8.75
O1 PEG S . -47.99 -1.29 -8.87
C2 PEG S . -50.05 -1.41 -10.12
O2 PEG S . -50.22 -0.10 -10.68
C3 PEG S . -49.87 0.18 -12.05
C4 PEG S . -49.69 1.69 -12.30
O4 PEG S . -50.92 2.35 -11.98
MG MG T . -27.41 -19.04 44.38
C1 PEG U . -73.45 5.55 23.68
O1 PEG U . -73.11 6.36 24.82
C2 PEG U . -73.70 6.24 22.30
O2 PEG U . -72.55 6.29 21.38
C3 PEG U . -72.24 5.08 20.66
C4 PEG U . -70.84 5.20 20.00
O4 PEG U . -70.06 4.00 19.77
C1 PEG V . -74.64 13.60 30.82
O1 PEG V . -75.75 14.46 30.56
C2 PEG V . -75.06 12.22 31.37
O2 PEG V . -73.99 11.66 32.13
C3 PEG V . -73.85 12.18 33.48
C4 PEG V . -72.58 13.06 33.64
O4 PEG V . -72.91 14.48 33.73
C1 PEG W . -31.53 -33.44 34.73
O1 PEG W . -30.15 -33.06 34.65
C2 PEG W . -31.84 -34.52 33.68
O2 PEG W . -31.72 -35.85 34.24
C3 PEG W . -32.59 -36.83 33.65
C4 PEG W . -34.08 -36.65 34.02
O4 PEG W . -34.24 -36.17 35.37
C1 PEG X . -0.14 9.56 -1.05
O1 PEG X . 0.72 9.52 0.11
C2 PEG X . -1.20 10.65 -0.86
O2 PEG X . -2.54 10.11 -0.90
C3 PEG X . -3.53 11.13 -1.11
C4 PEG X . -4.81 10.49 -1.59
O4 PEG X . -4.84 10.42 -3.04
C1 PEG Y . 16.95 -1.44 -12.10
O1 PEG Y . 18.17 -1.39 -11.39
C2 PEG Y . 15.86 -0.86 -11.19
O2 PEG Y . 14.68 -1.64 -11.37
C3 PEG Y . 14.22 -1.54 -12.74
C4 PEG Y . 13.27 -2.68 -13.04
O4 PEG Y . 13.40 -3.06 -14.41
#